data_5LIT
# 
_entry.id   5LIT 
# 
_audit_conform.dict_name       mmcif_pdbx.dic 
_audit_conform.dict_version    5.391 
_audit_conform.dict_location   http://mmcif.pdb.org/dictionaries/ascii/mmcif_pdbx.dic 
# 
loop_
_database_2.database_id 
_database_2.database_code 
_database_2.pdbx_database_accession 
_database_2.pdbx_DOI 
PDB   5LIT         pdb_00005lit 10.2210/pdb5lit/pdb 
WWPDB D_1200000803 ?            ?                   
# 
loop_
_pdbx_audit_revision_history.ordinal 
_pdbx_audit_revision_history.data_content_type 
_pdbx_audit_revision_history.major_revision 
_pdbx_audit_revision_history.minor_revision 
_pdbx_audit_revision_history.revision_date 
1 'Structure model' 1 0 2017-06-14 
2 'Structure model' 1 1 2017-06-21 
3 'Structure model' 1 2 2017-06-28 
4 'Structure model' 1 3 2017-07-05 
5 'Structure model' 1 4 2017-09-06 
6 'Structure model' 1 5 2024-05-08 
# 
_pdbx_audit_revision_details.ordinal             1 
_pdbx_audit_revision_details.revision_ordinal    1 
_pdbx_audit_revision_details.data_content_type   'Structure model' 
_pdbx_audit_revision_details.provider            repository 
_pdbx_audit_revision_details.type                'Initial release' 
_pdbx_audit_revision_details.description         ? 
_pdbx_audit_revision_details.details             ? 
# 
loop_
_pdbx_audit_revision_group.ordinal 
_pdbx_audit_revision_group.revision_ordinal 
_pdbx_audit_revision_group.data_content_type 
_pdbx_audit_revision_group.group 
1 2 'Structure model' 'Database references'  
2 2 'Structure model' 'Structure summary'    
3 3 'Structure model' 'Database references'  
4 3 'Structure model' 'Structure summary'    
5 4 'Structure model' 'Database references'  
6 5 'Structure model' 'Database references'  
7 6 'Structure model' 'Data collection'      
8 6 'Structure model' 'Database references'  
9 6 'Structure model' 'Derived calculations' 
# 
loop_
_pdbx_audit_revision_category.ordinal 
_pdbx_audit_revision_category.revision_ordinal 
_pdbx_audit_revision_category.data_content_type 
_pdbx_audit_revision_category.category 
1  2 'Structure model' audit_author           
2  2 'Structure model' citation               
3  2 'Structure model' citation_author        
4  3 'Structure model' audit_author           
5  3 'Structure model' citation_author        
6  3 'Structure model' struct                 
7  4 'Structure model' citation               
8  4 'Structure model' citation_author        
9  5 'Structure model' citation               
10 6 'Structure model' chem_comp_atom         
11 6 'Structure model' chem_comp_bond         
12 6 'Structure model' database_2             
13 6 'Structure model' pdbx_struct_conn_angle 
14 6 'Structure model' struct_conn            
# 
loop_
_pdbx_audit_revision_item.ordinal 
_pdbx_audit_revision_item.revision_ordinal 
_pdbx_audit_revision_item.data_content_type 
_pdbx_audit_revision_item.item 
1  2 'Structure model' '_citation.title'                             
2  3 'Structure model' '_audit_author.name'                          
3  3 'Structure model' '_audit_author.pdbx_ordinal'                  
4  3 'Structure model' '_citation_author.name'                       
5  3 'Structure model' '_struct.title'                               
6  4 'Structure model' '_citation.country'                           
7  4 'Structure model' '_citation.journal_id_ASTM'                   
8  4 'Structure model' '_citation.journal_id_CSD'                    
9  4 'Structure model' '_citation.pdbx_database_id_DOI'              
10 4 'Structure model' '_citation.pdbx_database_id_PubMed'           
11 4 'Structure model' '_citation.title'                             
12 4 'Structure model' '_citation_author.name'                       
13 5 'Structure model' '_citation.journal_volume'                    
14 5 'Structure model' '_citation.page_first'                        
15 5 'Structure model' '_citation.page_last'                         
16 6 'Structure model' '_database_2.pdbx_DOI'                        
17 6 'Structure model' '_database_2.pdbx_database_accession'         
18 6 'Structure model' '_pdbx_struct_conn_angle.ptnr1_auth_asym_id'  
19 6 'Structure model' '_pdbx_struct_conn_angle.ptnr1_auth_comp_id'  
20 6 'Structure model' '_pdbx_struct_conn_angle.ptnr1_auth_seq_id'   
21 6 'Structure model' '_pdbx_struct_conn_angle.ptnr1_label_asym_id' 
22 6 'Structure model' '_pdbx_struct_conn_angle.ptnr1_label_atom_id' 
23 6 'Structure model' '_pdbx_struct_conn_angle.ptnr1_label_comp_id' 
24 6 'Structure model' '_pdbx_struct_conn_angle.ptnr1_label_seq_id'  
25 6 'Structure model' '_pdbx_struct_conn_angle.ptnr1_symmetry'      
26 6 'Structure model' '_pdbx_struct_conn_angle.ptnr3_auth_asym_id'  
27 6 'Structure model' '_pdbx_struct_conn_angle.ptnr3_auth_comp_id'  
28 6 'Structure model' '_pdbx_struct_conn_angle.ptnr3_auth_seq_id'   
29 6 'Structure model' '_pdbx_struct_conn_angle.ptnr3_label_asym_id' 
30 6 'Structure model' '_pdbx_struct_conn_angle.ptnr3_label_atom_id' 
31 6 'Structure model' '_pdbx_struct_conn_angle.ptnr3_label_comp_id' 
32 6 'Structure model' '_pdbx_struct_conn_angle.ptnr3_label_seq_id'  
33 6 'Structure model' '_pdbx_struct_conn_angle.ptnr3_symmetry'      
34 6 'Structure model' '_pdbx_struct_conn_angle.value'               
35 6 'Structure model' '_struct_conn.pdbx_dist_value'                
36 6 'Structure model' '_struct_conn.ptnr1_auth_asym_id'             
37 6 'Structure model' '_struct_conn.ptnr1_auth_comp_id'             
38 6 'Structure model' '_struct_conn.ptnr1_auth_seq_id'              
39 6 'Structure model' '_struct_conn.ptnr1_label_asym_id'            
40 6 'Structure model' '_struct_conn.ptnr1_label_atom_id'            
41 6 'Structure model' '_struct_conn.ptnr1_label_comp_id'            
42 6 'Structure model' '_struct_conn.ptnr1_label_seq_id'             
43 6 'Structure model' '_struct_conn.ptnr1_symmetry'                 
44 6 'Structure model' '_struct_conn.ptnr2_auth_asym_id'             
45 6 'Structure model' '_struct_conn.ptnr2_auth_comp_id'             
46 6 'Structure model' '_struct_conn.ptnr2_auth_seq_id'              
47 6 'Structure model' '_struct_conn.ptnr2_label_asym_id'            
48 6 'Structure model' '_struct_conn.ptnr2_label_atom_id'            
49 6 'Structure model' '_struct_conn.ptnr2_label_comp_id'            
50 6 'Structure model' '_struct_conn.ptnr2_symmetry'                 
# 
_pdbx_database_status.status_code                     REL 
_pdbx_database_status.status_code_sf                  REL 
_pdbx_database_status.status_code_mr                  ? 
_pdbx_database_status.entry_id                        5LIT 
_pdbx_database_status.recvd_initial_deposition_date   2016-07-15 
_pdbx_database_status.SG_entry                        N 
_pdbx_database_status.deposit_site                    PDBE 
_pdbx_database_status.process_site                    PDBE 
_pdbx_database_status.status_code_cs                  ? 
_pdbx_database_status.methods_development_category    ? 
_pdbx_database_status.pdb_format_compatible           Y 
_pdbx_database_status.status_code_nmr_data            ? 
# 
loop_
_audit_author.name 
_audit_author.pdbx_ordinal 
_audit_author.identifier_ORCID 
'Millan, C.R.'       1 ? 
'Dardonville, C.'    2 ? 
'de Koning, H.P.'    3 ? 
'Saperas, N.'        4 ? 
'Lourdes Campos, J.' 5 ? 
# 
_citation.abstract                  ? 
_citation.abstract_id_CAS           ? 
_citation.book_id_ISBN              ? 
_citation.book_publisher            ? 
_citation.book_publisher_city       ? 
_citation.book_title                ? 
_citation.coordinate_linkage        ? 
_citation.country                   UK 
_citation.database_id_Medline       ? 
_citation.details                   ? 
_citation.id                        primary 
_citation.journal_abbrev            'Nucleic Acids Res.' 
_citation.journal_id_ASTM           NARHAD 
_citation.journal_id_CSD            0389 
_citation.journal_id_ISSN           1362-4962 
_citation.journal_full              ? 
_citation.journal_issue             ? 
_citation.journal_volume            45 
_citation.language                  ? 
_citation.page_first                8378 
_citation.page_last                 8391 
_citation.title                     
;Functional and structural analysis of AT-specific minor groove binders that disrupt DNA-protein interactions and cause disintegration of the Trypanosoma brucei kinetoplast.
;
_citation.year                      2017 
_citation.database_id_CSD           ? 
_citation.pdbx_database_id_DOI      10.1093/nar/gkx521 
_citation.pdbx_database_id_PubMed   28637278 
_citation.unpublished_flag          ? 
# 
loop_
_citation_author.citation_id 
_citation_author.name 
_citation_author.ordinal 
_citation_author.identifier_ORCID 
primary 'Millan, C.R.'       1  ? 
primary 'Acosta-Reyes, F.J.' 2  ? 
primary 'Lagartera, L.'      3  ? 
primary 'Ebiloma, G.U.'      4  ? 
primary 'Lemgruber, L.'      5  ? 
primary 'Nue Martinez, J.J.' 6  ? 
primary 'Saperas, N.'        7  ? 
primary 'Dardonville, C.'    8  ? 
primary 'de Koning, H.P.'    9  ? 
primary 'Campos, J.L.'       10 ? 
# 
loop_
_entity.id 
_entity.type 
_entity.src_method 
_entity.pdbx_description 
_entity.formula_weight 
_entity.pdbx_number_of_molecules 
_entity.pdbx_ec 
_entity.pdbx_mutation 
_entity.pdbx_fragment 
_entity.details 
1 polymer     syn 
;DNA (5'-D(*AP*AP*AP*TP*TP*T)-3')
;
1807.241 4   ? ? ? ? 
2 non-polymer syn 
'4-((4,5-dihydro-1H-imidazol-2-yl)amino)-N-(4-((4,5-dihydro-1H-imidazol-2-yl)amino)phenyl)benzamide dihydrochloride' 363.416  3   
? ? ? ? 
3 non-polymer syn 'MAGNESIUM ION' 24.305   4   ? ? ? ? 
4 water       nat water 18.015   165 ? ? ? ? 
# 
_entity_poly.entity_id                      1 
_entity_poly.type                           polydeoxyribonucleotide 
_entity_poly.nstd_linkage                   no 
_entity_poly.nstd_monomer                   no 
_entity_poly.pdbx_seq_one_letter_code       '(DA)(DA)(DA)(DT)(DT)(DT)' 
_entity_poly.pdbx_seq_one_letter_code_can   AAATTT 
_entity_poly.pdbx_strand_id                 D,C,A,B 
_entity_poly.pdbx_target_identifier         ? 
# 
loop_
_pdbx_entity_nonpoly.entity_id 
_pdbx_entity_nonpoly.name 
_pdbx_entity_nonpoly.comp_id 
2 '4-((4,5-dihydro-1H-imidazol-2-yl)amino)-N-(4-((4,5-dihydro-1H-imidazol-2-yl)amino)phenyl)benzamide dihydrochloride' 6XV 
3 'MAGNESIUM ION'                                                                                                      MG  
4 water                                                                                                                HOH 
# 
loop_
_entity_poly_seq.entity_id 
_entity_poly_seq.num 
_entity_poly_seq.mon_id 
_entity_poly_seq.hetero 
1 1 DA n 
1 2 DA n 
1 3 DA n 
1 4 DT n 
1 5 DT n 
1 6 DT n 
# 
_pdbx_entity_src_syn.entity_id              1 
_pdbx_entity_src_syn.pdbx_src_id            1 
_pdbx_entity_src_syn.pdbx_alt_source_flag   sample 
_pdbx_entity_src_syn.pdbx_beg_seq_num       1 
_pdbx_entity_src_syn.pdbx_end_seq_num       6 
_pdbx_entity_src_syn.organism_scientific    'synthetic construct' 
_pdbx_entity_src_syn.organism_common_name   ? 
_pdbx_entity_src_syn.ncbi_taxonomy_id       32630 
_pdbx_entity_src_syn.details                ? 
# 
loop_
_chem_comp.id 
_chem_comp.type 
_chem_comp.mon_nstd_flag 
_chem_comp.name 
_chem_comp.pdbx_synonyms 
_chem_comp.formula 
_chem_comp.formula_weight 
6XV non-polymer   . 
'4-((4,5-dihydro-1H-imidazol-2-yl)amino)-N-(4-((4,5-dihydro-1H-imidazol-2-yl)amino)phenyl)benzamide dihydrochloride' ? 
'C19 H21 N7 O'    363.416 
DA  'DNA linking' y "2'-DEOXYADENOSINE-5'-MONOPHOSPHATE" ? 'C10 H14 N5 O6 P' 331.222 
DT  'DNA linking' y "THYMIDINE-5'-MONOPHOSPHATE" ? 'C10 H15 N2 O8 P' 322.208 
HOH non-polymer   . WATER ? 'H2 O'            18.015  
MG  non-polymer   . 'MAGNESIUM ION' ? 'Mg 2'            24.305  
# 
loop_
_pdbx_poly_seq_scheme.asym_id 
_pdbx_poly_seq_scheme.entity_id 
_pdbx_poly_seq_scheme.seq_id 
_pdbx_poly_seq_scheme.mon_id 
_pdbx_poly_seq_scheme.ndb_seq_num 
_pdbx_poly_seq_scheme.pdb_seq_num 
_pdbx_poly_seq_scheme.auth_seq_num 
_pdbx_poly_seq_scheme.pdb_mon_id 
_pdbx_poly_seq_scheme.auth_mon_id 
_pdbx_poly_seq_scheme.pdb_strand_id 
_pdbx_poly_seq_scheme.pdb_ins_code 
_pdbx_poly_seq_scheme.hetero 
A 1 1 DA 1 1 1 DA DA D . n 
A 1 2 DA 2 2 2 DA DA D . n 
A 1 3 DA 3 3 3 DA DA D . n 
A 1 4 DT 4 4 4 DT DT D . n 
A 1 5 DT 5 5 5 DT DT D . n 
A 1 6 DT 6 6 6 DT DT D . n 
B 1 1 DA 1 1 1 DA DA C . n 
B 1 2 DA 2 2 2 DA DA C . n 
B 1 3 DA 3 3 3 DA DA C . n 
B 1 4 DT 4 4 4 DT DT C . n 
B 1 5 DT 5 5 5 DT DT C . n 
B 1 6 DT 6 6 6 DT DT C . n 
C 1 1 DA 1 1 1 DA DA A . n 
C 1 2 DA 2 2 2 DA DA A . n 
C 1 3 DA 3 3 3 DA DA A . n 
C 1 4 DT 4 4 4 DT DT A . n 
C 1 5 DT 5 5 5 DT DT A . n 
C 1 6 DT 6 6 6 DT DT A . n 
D 1 1 DA 1 1 1 DA DA B . n 
D 1 2 DA 2 2 2 DA DA B . n 
D 1 3 DA 3 3 3 DA DA B . n 
D 1 4 DT 4 4 4 DT DT B . n 
D 1 5 DT 5 5 5 DT DT B . n 
D 1 6 DT 6 6 6 DT DT B . n 
# 
loop_
_pdbx_nonpoly_scheme.asym_id 
_pdbx_nonpoly_scheme.entity_id 
_pdbx_nonpoly_scheme.mon_id 
_pdbx_nonpoly_scheme.ndb_seq_num 
_pdbx_nonpoly_scheme.pdb_seq_num 
_pdbx_nonpoly_scheme.auth_seq_num 
_pdbx_nonpoly_scheme.pdb_mon_id 
_pdbx_nonpoly_scheme.auth_mon_id 
_pdbx_nonpoly_scheme.pdb_strand_id 
_pdbx_nonpoly_scheme.pdb_ins_code 
E 2 6XV 1  101 1   6XV FR6 D . 
F 3 MG  1  102 4   MG  MG  D . 
G 2 6XV 1  101 1   6XV FR6 C . 
H 3 MG  1  102 3   MG  MG  C . 
I 3 MG  1  101 2   MG  MG  B . 
J 2 6XV 1  102 1   6XV FR6 B . 
K 3 MG  1  103 1   MG  MG  B . 
L 4 HOH 1  201 98  HOH HOH D . 
L 4 HOH 2  202 196 HOH HOH D . 
L 4 HOH 3  203 138 HOH HOH D . 
L 4 HOH 4  204 141 HOH HOH D . 
L 4 HOH 5  205 53  HOH HOH D . 
L 4 HOH 6  206 41  HOH HOH D . 
L 4 HOH 7  207 62  HOH HOH D . 
L 4 HOH 8  208 26  HOH HOH D . 
L 4 HOH 9  209 55  HOH HOH D . 
L 4 HOH 10 210 144 HOH HOH D . 
L 4 HOH 11 211 221 HOH HOH D . 
L 4 HOH 12 212 56  HOH HOH D . 
L 4 HOH 13 213 27  HOH HOH D . 
L 4 HOH 14 214 80  HOH HOH D . 
L 4 HOH 15 215 99  HOH HOH D . 
L 4 HOH 16 216 43  HOH HOH D . 
L 4 HOH 17 217 143 HOH HOH D . 
L 4 HOH 18 218 34  HOH HOH D . 
L 4 HOH 19 219 142 HOH HOH D . 
L 4 HOH 20 220 36  HOH HOH D . 
L 4 HOH 21 221 197 HOH HOH D . 
L 4 HOH 22 222 83  HOH HOH D . 
L 4 HOH 23 223 29  HOH HOH D . 
L 4 HOH 24 224 181 HOH HOH D . 
L 4 HOH 25 225 220 HOH HOH D . 
L 4 HOH 26 226 6   HOH HOH D . 
L 4 HOH 27 227 1   HOH HOH D . 
L 4 HOH 28 228 84  HOH HOH D . 
L 4 HOH 29 229 136 HOH HOH D . 
L 4 HOH 30 230 100 HOH HOH D . 
L 4 HOH 31 231 94  HOH HOH D . 
L 4 HOH 32 232 97  HOH HOH D . 
L 4 HOH 33 233 77  HOH HOH D . 
L 4 HOH 34 234 195 HOH HOH D . 
L 4 HOH 35 235 69  HOH HOH D . 
L 4 HOH 36 236 17  HOH HOH D . 
L 4 HOH 37 237 58  HOH HOH D . 
L 4 HOH 38 238 139 HOH HOH D . 
L 4 HOH 39 239 133 HOH HOH D . 
L 4 HOH 40 240 135 HOH HOH D . 
L 4 HOH 41 241 95  HOH HOH D . 
L 4 HOH 42 242 140 HOH HOH D . 
L 4 HOH 43 243 61  HOH HOH D . 
L 4 HOH 44 244 137 HOH HOH D . 
L 4 HOH 45 245 194 HOH HOH D . 
L 4 HOH 46 246 159 HOH HOH D . 
L 4 HOH 47 247 51  HOH HOH D . 
L 4 HOH 48 248 101 HOH HOH D . 
M 4 HOH 1  201 256 HOH HOH C . 
M 4 HOH 2  202 304 HOH HOH C . 
M 4 HOH 3  203 253 HOH HOH C . 
M 4 HOH 4  204 307 HOH HOH C . 
M 4 HOH 5  205 266 HOH HOH C . 
M 4 HOH 6  206 291 HOH HOH C . 
M 4 HOH 7  207 257 HOH HOH C . 
M 4 HOH 8  208 300 HOH HOH C . 
M 4 HOH 9  209 297 HOH HOH C . 
M 4 HOH 10 210 287 HOH HOH C . 
M 4 HOH 11 211 251 HOH HOH C . 
M 4 HOH 12 212 302 HOH HOH C . 
M 4 HOH 13 213 303 HOH HOH C . 
M 4 HOH 14 214 294 HOH HOH C . 
M 4 HOH 15 215 296 HOH HOH C . 
M 4 HOH 16 216 305 HOH HOH C . 
M 4 HOH 17 217 252 HOH HOH C . 
M 4 HOH 18 218 301 HOH HOH C . 
M 4 HOH 19 219 250 HOH HOH C . 
M 4 HOH 20 220 299 HOH HOH C . 
M 4 HOH 21 221 275 HOH HOH C . 
M 4 HOH 22 222 255 HOH HOH C . 
M 4 HOH 23 223 254 HOH HOH C . 
M 4 HOH 24 224 306 HOH HOH C . 
M 4 HOH 25 225 258 HOH HOH C . 
N 4 HOH 1  201 146 HOH HOH A . 
N 4 HOH 2  202 132 HOH HOH A . 
N 4 HOH 3  203 129 HOH HOH A . 
N 4 HOH 4  204 116 HOH HOH A . 
N 4 HOH 5  205 57  HOH HOH A . 
N 4 HOH 6  206 19  HOH HOH A . 
N 4 HOH 7  207 33  HOH HOH A . 
N 4 HOH 8  208 44  HOH HOH A . 
N 4 HOH 9  209 54  HOH HOH A . 
N 4 HOH 10 210 247 HOH HOH A . 
N 4 HOH 11 211 9   HOH HOH A . 
N 4 HOH 12 212 212 HOH HOH A . 
N 4 HOH 13 213 92  HOH HOH A . 
N 4 HOH 14 214 10  HOH HOH A . 
N 4 HOH 15 215 30  HOH HOH A . 
N 4 HOH 16 216 171 HOH HOH A . 
N 4 HOH 17 217 75  HOH HOH A . 
N 4 HOH 18 218 32  HOH HOH A . 
N 4 HOH 19 219 23  HOH HOH A . 
N 4 HOH 20 220 281 HOH HOH A . 
N 4 HOH 21 221 170 HOH HOH A . 
N 4 HOH 22 222 4   HOH HOH A . 
N 4 HOH 23 223 39  HOH HOH A . 
N 4 HOH 24 224 2   HOH HOH A . 
N 4 HOH 25 225 130 HOH HOH A . 
N 4 HOH 26 226 38  HOH HOH A . 
N 4 HOH 27 227 176 HOH HOH A . 
N 4 HOH 28 228 175 HOH HOH A . 
N 4 HOH 29 229 192 HOH HOH A . 
N 4 HOH 30 230 93  HOH HOH A . 
N 4 HOH 31 231 25  HOH HOH A . 
N 4 HOH 32 232 115 HOH HOH A . 
N 4 HOH 33 233 127 HOH HOH A . 
N 4 HOH 34 234 66  HOH HOH A . 
N 4 HOH 35 235 117 HOH HOH A . 
N 4 HOH 36 236 166 HOH HOH A . 
N 4 HOH 37 237 63  HOH HOH A . 
N 4 HOH 38 238 96  HOH HOH A . 
N 4 HOH 39 239 172 HOH HOH A . 
N 4 HOH 40 240 125 HOH HOH A . 
N 4 HOH 41 241 91  HOH HOH A . 
N 4 HOH 42 242 232 HOH HOH A . 
O 4 HOH 1  201 112 HOH HOH B . 
O 4 HOH 2  202 123 HOH HOH B . 
O 4 HOH 3  203 82  HOH HOH B . 
O 4 HOH 4  204 151 HOH HOH B . 
O 4 HOH 5  205 277 HOH HOH B . 
O 4 HOH 6  206 18  HOH HOH B . 
O 4 HOH 7  207 46  HOH HOH B . 
O 4 HOH 8  208 14  HOH HOH B . 
O 4 HOH 9  209 31  HOH HOH B . 
O 4 HOH 10 210 35  HOH HOH B . 
O 4 HOH 11 211 52  HOH HOH B . 
O 4 HOH 12 212 65  HOH HOH B . 
O 4 HOH 13 213 216 HOH HOH B . 
O 4 HOH 14 214 85  HOH HOH B . 
O 4 HOH 15 215 158 HOH HOH B . 
O 4 HOH 16 216 47  HOH HOH B . 
O 4 HOH 17 217 186 HOH HOH B . 
O 4 HOH 18 218 120 HOH HOH B . 
O 4 HOH 19 219 121 HOH HOH B . 
O 4 HOH 20 220 15  HOH HOH B . 
O 4 HOH 21 221 89  HOH HOH B . 
O 4 HOH 22 222 88  HOH HOH B . 
O 4 HOH 23 223 3   HOH HOH B . 
O 4 HOH 24 224 76  HOH HOH B . 
O 4 HOH 25 225 90  HOH HOH B . 
O 4 HOH 26 226 45  HOH HOH B . 
O 4 HOH 27 227 184 HOH HOH B . 
O 4 HOH 28 228 150 HOH HOH B . 
O 4 HOH 29 229 187 HOH HOH B . 
O 4 HOH 30 230 149 HOH HOH B . 
O 4 HOH 31 231 20  HOH HOH B . 
O 4 HOH 32 232 214 HOH HOH B . 
O 4 HOH 33 233 22  HOH HOH B . 
O 4 HOH 34 234 49  HOH HOH B . 
O 4 HOH 35 235 64  HOH HOH B . 
O 4 HOH 36 236 119 HOH HOH B . 
O 4 HOH 37 237 279 HOH HOH B . 
O 4 HOH 38 238 68  HOH HOH B . 
O 4 HOH 39 239 118 HOH HOH B . 
O 4 HOH 40 240 280 HOH HOH B . 
O 4 HOH 41 241 131 HOH HOH B . 
O 4 HOH 42 242 122 HOH HOH B . 
O 4 HOH 43 243 217 HOH HOH B . 
O 4 HOH 44 244 183 HOH HOH B . 
O 4 HOH 45 245 148 HOH HOH B . 
O 4 HOH 46 246 11  HOH HOH B . 
O 4 HOH 47 247 7   HOH HOH B . 
O 4 HOH 48 248 218 HOH HOH B . 
O 4 HOH 49 249 8   HOH HOH B . 
O 4 HOH 50 250 219 HOH HOH B . 
# 
loop_
_software.citation_id 
_software.classification 
_software.compiler_name 
_software.compiler_version 
_software.contact_author 
_software.contact_author_email 
_software.date 
_software.description 
_software.dependencies 
_software.hardware 
_software.language 
_software.location 
_software.mods 
_software.name 
_software.os 
_software.os_version 
_software.type 
_software.version 
_software.pdbx_ordinal 
? refinement       ? ? ? ? ? ? ? ? ? ? ? REFMAC  ? ? ? 5.8.0135 1 
? 'data reduction' ? ? ? ? ? ? ? ? ? ? ? iMOSFLM ? ? ? 7.2.1    2 
? 'data scaling'   ? ? ? ? ? ? ? ? ? ? ? Aimless ? ? ? 0.5.25   3 
# 
_cell.angle_alpha                  90.00 
_cell.angle_alpha_esd              ? 
_cell.angle_beta                   93.67 
_cell.angle_beta_esd               ? 
_cell.angle_gamma                  90.00 
_cell.angle_gamma_esd              ? 
_cell.entry_id                     5LIT 
_cell.details                      ? 
_cell.formula_units_Z              ? 
_cell.length_a                     22.330 
_cell.length_a_esd                 ? 
_cell.length_b                     40.250 
_cell.length_b_esd                 ? 
_cell.length_c                     72.423 
_cell.length_c_esd                 ? 
_cell.volume                       ? 
_cell.volume_esd                   ? 
_cell.Z_PDB                        16 
_cell.reciprocal_angle_alpha       ? 
_cell.reciprocal_angle_beta        ? 
_cell.reciprocal_angle_gamma       ? 
_cell.reciprocal_angle_alpha_esd   ? 
_cell.reciprocal_angle_beta_esd    ? 
_cell.reciprocal_angle_gamma_esd   ? 
_cell.reciprocal_length_a          ? 
_cell.reciprocal_length_b          ? 
_cell.reciprocal_length_c          ? 
_cell.reciprocal_length_a_esd      ? 
_cell.reciprocal_length_b_esd      ? 
_cell.reciprocal_length_c_esd      ? 
_cell.pdbx_unique_axis             ? 
# 
_symmetry.entry_id                         5LIT 
_symmetry.cell_setting                     ? 
_symmetry.Int_Tables_number                5 
_symmetry.space_group_name_Hall            ? 
_symmetry.space_group_name_H-M             'I 1 2 1' 
_symmetry.pdbx_full_space_group_name_H-M   ? 
# 
_exptl.absorpt_coefficient_mu     ? 
_exptl.absorpt_correction_T_max   ? 
_exptl.absorpt_correction_T_min   ? 
_exptl.absorpt_correction_type    ? 
_exptl.absorpt_process_details    ? 
_exptl.entry_id                   5LIT 
_exptl.crystals_number            1 
_exptl.details                    ? 
_exptl.method                     'X-RAY DIFFRACTION' 
_exptl.method_details             ? 
# 
_exptl_crystal.colour                      ? 
_exptl_crystal.density_diffrn              ? 
_exptl_crystal.density_Matthews            2.22 
_exptl_crystal.density_method              ? 
_exptl_crystal.density_percent_sol         44.52 
_exptl_crystal.description                 ? 
_exptl_crystal.F_000                       ? 
_exptl_crystal.id                          1 
_exptl_crystal.preparation                 ? 
_exptl_crystal.size_max                    ? 
_exptl_crystal.size_mid                    ? 
_exptl_crystal.size_min                    ? 
_exptl_crystal.size_rad                    ? 
_exptl_crystal.colour_lustre               ? 
_exptl_crystal.colour_modifier             ? 
_exptl_crystal.colour_primary              ? 
_exptl_crystal.density_meas                ? 
_exptl_crystal.density_meas_esd            ? 
_exptl_crystal.density_meas_gt             ? 
_exptl_crystal.density_meas_lt             ? 
_exptl_crystal.density_meas_temp           ? 
_exptl_crystal.density_meas_temp_esd       ? 
_exptl_crystal.density_meas_temp_gt        ? 
_exptl_crystal.density_meas_temp_lt        ? 
_exptl_crystal.pdbx_crystal_image_url      ? 
_exptl_crystal.pdbx_crystal_image_format   ? 
_exptl_crystal.pdbx_mosaicity              ? 
_exptl_crystal.pdbx_mosaicity_esd          ? 
# 
_exptl_crystal_grow.apparatus       ? 
_exptl_crystal_grow.atmosphere      ? 
_exptl_crystal_grow.crystal_id      1 
_exptl_crystal_grow.details         ? 
_exptl_crystal_grow.method          'VAPOR DIFFUSION, HANGING DROP' 
_exptl_crystal_grow.method_ref      ? 
_exptl_crystal_grow.pH              6.0 
_exptl_crystal_grow.pressure        ? 
_exptl_crystal_grow.pressure_esd    ? 
_exptl_crystal_grow.seeding         ? 
_exptl_crystal_grow.seeding_ref     ? 
_exptl_crystal_grow.temp            277.1 
_exptl_crystal_grow.temp_details    ? 
_exptl_crystal_grow.temp_esd        ? 
_exptl_crystal_grow.time            ? 
_exptl_crystal_grow.pdbx_details    '10 mM Magnesium Acetate' 
_exptl_crystal_grow.pdbx_pH_range   6.0 
# 
_diffrn.ambient_environment    ? 
_diffrn.ambient_temp           100 
_diffrn.ambient_temp_details   ? 
_diffrn.ambient_temp_esd       ? 
_diffrn.crystal_id             1 
_diffrn.crystal_support        ? 
_diffrn.crystal_treatment      ? 
_diffrn.details                ? 
_diffrn.id                     1 
_diffrn.ambient_pressure       ? 
_diffrn.ambient_pressure_esd   ? 
_diffrn.ambient_pressure_gt    ? 
_diffrn.ambient_pressure_lt    ? 
_diffrn.ambient_temp_gt        ? 
_diffrn.ambient_temp_lt        ? 
# 
_diffrn_detector.details                      ? 
_diffrn_detector.detector                     PIXEL 
_diffrn_detector.diffrn_id                    1 
_diffrn_detector.type                         'DECTRIS PILATUS 6M' 
_diffrn_detector.area_resol_mean              ? 
_diffrn_detector.dtime                        ? 
_diffrn_detector.pdbx_frames_total            ? 
_diffrn_detector.pdbx_collection_time_total   ? 
_diffrn_detector.pdbx_collection_date         2016-06-09 
# 
_diffrn_radiation.collimation                      ? 
_diffrn_radiation.diffrn_id                        1 
_diffrn_radiation.filter_edge                      ? 
_diffrn_radiation.inhomogeneity                    ? 
_diffrn_radiation.monochromator                    ? 
_diffrn_radiation.polarisn_norm                    ? 
_diffrn_radiation.polarisn_ratio                   ? 
_diffrn_radiation.probe                            ? 
_diffrn_radiation.type                             ? 
_diffrn_radiation.xray_symbol                      ? 
_diffrn_radiation.wavelength_id                    1 
_diffrn_radiation.pdbx_monochromatic_or_laue_m_l   M 
_diffrn_radiation.pdbx_wavelength_list             ? 
_diffrn_radiation.pdbx_wavelength                  ? 
_diffrn_radiation.pdbx_diffrn_protocol             'SINGLE WAVELENGTH' 
_diffrn_radiation.pdbx_analyzer                    ? 
_diffrn_radiation.pdbx_scattering_type             x-ray 
# 
_diffrn_radiation_wavelength.id           1 
_diffrn_radiation_wavelength.wavelength   0.9787 
_diffrn_radiation_wavelength.wt           1.0 
# 
_diffrn_source.current                     ? 
_diffrn_source.details                     ? 
_diffrn_source.diffrn_id                   1 
_diffrn_source.power                       ? 
_diffrn_source.size                        ? 
_diffrn_source.source                      SYNCHROTRON 
_diffrn_source.target                      ? 
_diffrn_source.type                        'ALBA BEAMLINE XALOC' 
_diffrn_source.voltage                     ? 
_diffrn_source.take-off_angle              ? 
_diffrn_source.pdbx_wavelength_list        0.9787 
_diffrn_source.pdbx_wavelength             ? 
_diffrn_source.pdbx_synchrotron_beamline   XALOC 
_diffrn_source.pdbx_synchrotron_site       ALBA 
# 
_reflns.B_iso_Wilson_estimate            5.519 
_reflns.entry_id                         5LIT 
_reflns.data_reduction_details           ? 
_reflns.data_reduction_method            ? 
_reflns.d_resolution_high                1.247 
_reflns.d_resolution_low                 36.14 
_reflns.details                          ? 
_reflns.limit_h_max                      ? 
_reflns.limit_h_min                      ? 
_reflns.limit_k_max                      ? 
_reflns.limit_k_min                      ? 
_reflns.limit_l_max                      ? 
_reflns.limit_l_min                      ? 
_reflns.number_all                       ? 
_reflns.number_obs                       16801 
_reflns.observed_criterion               ? 
_reflns.observed_criterion_F_max         ? 
_reflns.observed_criterion_F_min         ? 
_reflns.observed_criterion_I_max         ? 
_reflns.observed_criterion_I_min         ? 
_reflns.observed_criterion_sigma_F       ? 
_reflns.observed_criterion_sigma_I       ? 
_reflns.percent_possible_obs             92.9 
_reflns.R_free_details                   ? 
_reflns.Rmerge_F_all                     ? 
_reflns.Rmerge_F_obs                     ? 
_reflns.Friedel_coverage                 ? 
_reflns.number_gt                        ? 
_reflns.threshold_expression             ? 
_reflns.pdbx_redundancy                  6.1 
_reflns.pdbx_Rmerge_I_obs                0.069 
_reflns.pdbx_Rmerge_I_all                ? 
_reflns.pdbx_Rsym_value                  ? 
_reflns.pdbx_netI_over_av_sigmaI         ? 
_reflns.pdbx_netI_over_sigmaI            14.1 
_reflns.pdbx_res_netI_over_av_sigmaI_2   ? 
_reflns.pdbx_res_netI_over_sigmaI_2      ? 
_reflns.pdbx_chi_squared                 ? 
_reflns.pdbx_scaling_rejects             ? 
_reflns.pdbx_d_res_high_opt              ? 
_reflns.pdbx_d_res_low_opt               ? 
_reflns.pdbx_d_res_opt_method            ? 
_reflns.phase_calculation_details        ? 
_reflns.pdbx_Rrim_I_all                  ? 
_reflns.pdbx_Rpim_I_all                  ? 
_reflns.pdbx_d_opt                       ? 
_reflns.pdbx_number_measured_all         ? 
_reflns.pdbx_diffrn_id                   1 
_reflns.pdbx_ordinal                     1 
_reflns.pdbx_CC_half                     0.991 
_reflns.pdbx_R_split                     ? 
# 
_reflns_shell.d_res_high                  1.25 
_reflns_shell.d_res_low                   1.27 
_reflns_shell.meanI_over_sigI_all         ? 
_reflns_shell.meanI_over_sigI_obs         5.5 
_reflns_shell.number_measured_all         ? 
_reflns_shell.number_measured_obs         ? 
_reflns_shell.number_possible             ? 
_reflns_shell.number_unique_all           ? 
_reflns_shell.number_unique_obs           ? 
_reflns_shell.percent_possible_all        89.8 
_reflns_shell.percent_possible_obs        ? 
_reflns_shell.Rmerge_F_all                ? 
_reflns_shell.Rmerge_F_obs                ? 
_reflns_shell.Rmerge_I_all                ? 
_reflns_shell.Rmerge_I_obs                0.227 
_reflns_shell.meanI_over_sigI_gt          ? 
_reflns_shell.meanI_over_uI_all           ? 
_reflns_shell.meanI_over_uI_gt            ? 
_reflns_shell.number_measured_gt          ? 
_reflns_shell.number_unique_gt            ? 
_reflns_shell.percent_possible_gt         ? 
_reflns_shell.Rmerge_F_gt                 ? 
_reflns_shell.Rmerge_I_gt                 ? 
_reflns_shell.pdbx_redundancy             5.5 
_reflns_shell.pdbx_Rsym_value             ? 
_reflns_shell.pdbx_chi_squared            ? 
_reflns_shell.pdbx_netI_over_sigmaI_all   ? 
_reflns_shell.pdbx_netI_over_sigmaI_obs   ? 
_reflns_shell.pdbx_Rrim_I_all             ? 
_reflns_shell.pdbx_Rpim_I_all             ? 
_reflns_shell.pdbx_rejects                ? 
_reflns_shell.pdbx_ordinal                1 
_reflns_shell.pdbx_diffrn_id              1 
_reflns_shell.pdbx_CC_half                0.965 
_reflns_shell.pdbx_R_split                ? 
# 
_refine.aniso_B[1][1]                            0.28 
_refine.aniso_B[1][2]                            0.00 
_refine.aniso_B[1][3]                            0.45 
_refine.aniso_B[2][2]                            -0.04 
_refine.aniso_B[2][3]                            -0.00 
_refine.aniso_B[3][3]                            -0.29 
_refine.B_iso_max                                ? 
_refine.B_iso_mean                               11.883 
_refine.B_iso_min                                ? 
_refine.correlation_coeff_Fo_to_Fc               0.979 
_refine.correlation_coeff_Fo_to_Fc_free          0.964 
_refine.details                                  'HYDROGENS HAVE BEEN ADDED IN THE RIDING POSITIONS' 
_refine.diff_density_max                         ? 
_refine.diff_density_max_esd                     ? 
_refine.diff_density_min                         ? 
_refine.diff_density_min_esd                     ? 
_refine.diff_density_rms                         ? 
_refine.diff_density_rms_esd                     ? 
_refine.entry_id                                 5LIT 
_refine.pdbx_refine_id                           'X-RAY DIFFRACTION' 
_refine.ls_abs_structure_details                 ? 
_refine.ls_abs_structure_Flack                   ? 
_refine.ls_abs_structure_Flack_esd               ? 
_refine.ls_abs_structure_Rogers                  ? 
_refine.ls_abs_structure_Rogers_esd              ? 
_refine.ls_d_res_high                            1.25 
_refine.ls_d_res_low                             36.14 
_refine.ls_extinction_coef                       ? 
_refine.ls_extinction_coef_esd                   ? 
_refine.ls_extinction_expression                 ? 
_refine.ls_extinction_method                     ? 
_refine.ls_goodness_of_fit_all                   ? 
_refine.ls_goodness_of_fit_all_esd               ? 
_refine.ls_goodness_of_fit_obs                   ? 
_refine.ls_goodness_of_fit_obs_esd               ? 
_refine.ls_hydrogen_treatment                    ? 
_refine.ls_matrix_type                           ? 
_refine.ls_number_constraints                    ? 
_refine.ls_number_parameters                     ? 
_refine.ls_number_reflns_all                     ? 
_refine.ls_number_reflns_obs                     15741 
_refine.ls_number_reflns_R_free                  853 
_refine.ls_number_reflns_R_work                  ? 
_refine.ls_number_restraints                     ? 
_refine.ls_percent_reflns_obs                    92.51 
_refine.ls_percent_reflns_R_free                 5.1 
_refine.ls_R_factor_all                          ? 
_refine.ls_R_factor_obs                          0.12284 
_refine.ls_R_factor_R_free                       0.16688 
_refine.ls_R_factor_R_free_error                 ? 
_refine.ls_R_factor_R_free_error_details         ? 
_refine.ls_R_factor_R_work                       0.12053 
_refine.ls_R_Fsqd_factor_obs                     ? 
_refine.ls_R_I_factor_obs                        ? 
_refine.ls_redundancy_reflns_all                 ? 
_refine.ls_redundancy_reflns_obs                 ? 
_refine.ls_restrained_S_all                      ? 
_refine.ls_restrained_S_obs                      ? 
_refine.ls_shift_over_esd_max                    ? 
_refine.ls_shift_over_esd_mean                   ? 
_refine.ls_structure_factor_coef                 ? 
_refine.ls_weighting_details                     ? 
_refine.ls_weighting_scheme                      ? 
_refine.ls_wR_factor_all                         ? 
_refine.ls_wR_factor_obs                         ? 
_refine.ls_wR_factor_R_free                      ? 
_refine.ls_wR_factor_R_work                      ? 
_refine.occupancy_max                            ? 
_refine.occupancy_min                            ? 
_refine.solvent_model_details                    MASK 
_refine.solvent_model_param_bsol                 ? 
_refine.solvent_model_param_ksol                 ? 
_refine.ls_R_factor_gt                           ? 
_refine.ls_goodness_of_fit_gt                    ? 
_refine.ls_goodness_of_fit_ref                   ? 
_refine.ls_shift_over_su_max                     ? 
_refine.ls_shift_over_su_max_lt                  ? 
_refine.ls_shift_over_su_mean                    ? 
_refine.ls_shift_over_su_mean_lt                 ? 
_refine.pdbx_ls_sigma_I                          ? 
_refine.pdbx_ls_sigma_F                          ? 
_refine.pdbx_ls_sigma_Fsqd                       ? 
_refine.pdbx_data_cutoff_high_absF               ? 
_refine.pdbx_data_cutoff_high_rms_absF           ? 
_refine.pdbx_data_cutoff_low_absF                ? 
_refine.pdbx_isotropic_thermal_model             ? 
_refine.pdbx_ls_cross_valid_method               THROUGHOUT 
_refine.pdbx_method_to_determine_struct          'MOLECULAR REPLACEMENT' 
_refine.pdbx_starting_model                      AAATTT 
_refine.pdbx_stereochemistry_target_values       'MAXIMUM LIKELIHOOD' 
_refine.pdbx_R_Free_selection_details            RANDOM 
_refine.pdbx_stereochem_target_val_spec_case     ? 
_refine.pdbx_overall_ESU_R                       0.044 
_refine.pdbx_overall_ESU_R_Free                  0.047 
_refine.pdbx_solvent_vdw_probe_radii             1.20 
_refine.pdbx_solvent_ion_probe_radii             0.80 
_refine.pdbx_solvent_shrinkage_radii             0.80 
_refine.pdbx_real_space_R                        ? 
_refine.pdbx_density_correlation                 ? 
_refine.pdbx_pd_number_of_powder_patterns        ? 
_refine.pdbx_pd_number_of_points                 ? 
_refine.pdbx_pd_meas_number_of_points            ? 
_refine.pdbx_pd_proc_ls_prof_R_factor            ? 
_refine.pdbx_pd_proc_ls_prof_wR_factor           ? 
_refine.pdbx_pd_Marquardt_correlation_coeff      ? 
_refine.pdbx_pd_Fsqrd_R_factor                   ? 
_refine.pdbx_pd_ls_matrix_band_width             ? 
_refine.pdbx_overall_phase_error                 ? 
_refine.pdbx_overall_SU_R_free_Cruickshank_DPI   ? 
_refine.pdbx_overall_SU_R_free_Blow_DPI          ? 
_refine.pdbx_overall_SU_R_Blow_DPI               ? 
_refine.pdbx_TLS_residual_ADP_flag               ? 
_refine.pdbx_diffrn_id                           1 
_refine.overall_SU_B                             1.280 
_refine.overall_SU_ML                            0.026 
_refine.overall_SU_R_Cruickshank_DPI             ? 
_refine.overall_SU_R_free                        ? 
_refine.overall_FOM_free_R_set                   ? 
_refine.overall_FOM_work_R_set                   ? 
_refine.pdbx_average_fsc_overall                 ? 
_refine.pdbx_average_fsc_work                    ? 
_refine.pdbx_average_fsc_free                    ? 
# 
_refine_hist.pdbx_refine_id                   'X-RAY DIFFRACTION' 
_refine_hist.cycle_id                         LAST 
_refine_hist.pdbx_number_atoms_protein        0 
_refine_hist.pdbx_number_atoms_nucleic_acid   480 
_refine_hist.pdbx_number_atoms_ligand         85 
_refine_hist.number_atoms_solvent             165 
_refine_hist.number_atoms_total               730 
_refine_hist.d_res_high                       1.25 
_refine_hist.d_res_low                        36.14 
# 
loop_
_refine_ls_restr.pdbx_refine_id 
_refine_ls_restr.criterion 
_refine_ls_restr.dev_ideal 
_refine_ls_restr.dev_ideal_target 
_refine_ls_restr.number 
_refine_ls_restr.rejects 
_refine_ls_restr.type 
_refine_ls_restr.weight 
_refine_ls_restr.pdbx_restraint_function 
'X-RAY DIFFRACTION' ? 0.022  0.013  626  ? r_bond_refined_d             ? ? 
'X-RAY DIFFRACTION' ? 0.006  0.020  337  ? r_bond_other_d               ? ? 
'X-RAY DIFFRACTION' ? 2.518  1.524  940  ? r_angle_refined_deg          ? ? 
'X-RAY DIFFRACTION' ? 1.894  3.000  784  ? r_angle_other_deg            ? ? 
'X-RAY DIFFRACTION' ? ?      ?      ?    ? r_dihedral_angle_1_deg       ? ? 
'X-RAY DIFFRACTION' ? ?      ?      ?    ? r_dihedral_angle_2_deg       ? ? 
'X-RAY DIFFRACTION' ? ?      ?      ?    ? r_dihedral_angle_3_deg       ? ? 
'X-RAY DIFFRACTION' ? ?      ?      ?    ? r_dihedral_angle_4_deg       ? ? 
'X-RAY DIFFRACTION' ? 0.122  0.200  72   ? r_chiral_restr               ? ? 
'X-RAY DIFFRACTION' ? 0.038  0.020  373  ? r_gen_planes_refined         ? ? 
'X-RAY DIFFRACTION' ? 0.003  0.020  127  ? r_gen_planes_other           ? ? 
'X-RAY DIFFRACTION' ? ?      ?      ?    ? r_nbd_refined                ? ? 
'X-RAY DIFFRACTION' ? ?      ?      ?    ? r_nbd_other                  ? ? 
'X-RAY DIFFRACTION' ? ?      ?      ?    ? r_nbtor_refined              ? ? 
'X-RAY DIFFRACTION' ? ?      ?      ?    ? r_nbtor_other                ? ? 
'X-RAY DIFFRACTION' ? ?      ?      ?    ? r_xyhbond_nbd_refined        ? ? 
'X-RAY DIFFRACTION' ? ?      ?      ?    ? r_xyhbond_nbd_other          ? ? 
'X-RAY DIFFRACTION' ? ?      ?      ?    ? r_metal_ion_refined          ? ? 
'X-RAY DIFFRACTION' ? ?      ?      ?    ? r_metal_ion_other            ? ? 
'X-RAY DIFFRACTION' ? ?      ?      ?    ? r_symmetry_vdw_refined       ? ? 
'X-RAY DIFFRACTION' ? ?      ?      ?    ? r_symmetry_vdw_other         ? ? 
'X-RAY DIFFRACTION' ? ?      ?      ?    ? r_symmetry_hbond_refined     ? ? 
'X-RAY DIFFRACTION' ? ?      ?      ?    ? r_symmetry_hbond_other       ? ? 
'X-RAY DIFFRACTION' ? ?      ?      ?    ? r_symmetry_metal_ion_refined ? ? 
'X-RAY DIFFRACTION' ? ?      ?      ?    ? r_symmetry_metal_ion_other   ? ? 
'X-RAY DIFFRACTION' ? ?      ?      ?    ? r_mcbond_it                  ? ? 
'X-RAY DIFFRACTION' ? ?      ?      ?    ? r_mcbond_other               ? ? 
'X-RAY DIFFRACTION' ? ?      ?      ?    ? r_mcangle_it                 ? ? 
'X-RAY DIFFRACTION' ? ?      ?      ?    ? r_mcangle_other              ? ? 
'X-RAY DIFFRACTION' ? 1.457  1.019  626  ? r_scbond_it                  ? ? 
'X-RAY DIFFRACTION' ? 1.456  1.019  627  ? r_scbond_other               ? ? 
'X-RAY DIFFRACTION' ? ?      ?      ?    ? r_scangle_it                 ? ? 
'X-RAY DIFFRACTION' ? 1.704  1.540  941  ? r_scangle_other              ? ? 
'X-RAY DIFFRACTION' ? 2.382  11.559 1032 ? r_long_range_B_refined       ? ? 
'X-RAY DIFFRACTION' ? 1.824  10.395 911  ? r_long_range_B_other         ? ? 
'X-RAY DIFFRACTION' ? 13.640 3.000  962  ? r_rigid_bond_restr           ? ? 
'X-RAY DIFFRACTION' ? 20.239 5.000  21   ? r_sphericity_free            ? ? 
'X-RAY DIFFRACTION' ? 6.768  5.000  1046 ? r_sphericity_bonded          ? ? 
# 
_refine_ls_shell.pdbx_refine_id                   'X-RAY DIFFRACTION' 
_refine_ls_shell.d_res_high                       1.247 
_refine_ls_shell.d_res_low                        1.279 
_refine_ls_shell.number_reflns_all                ? 
_refine_ls_shell.number_reflns_obs                ? 
_refine_ls_shell.number_reflns_R_free             63 
_refine_ls_shell.number_reflns_R_work             1122 
_refine_ls_shell.percent_reflns_obs               90.67 
_refine_ls_shell.percent_reflns_R_free            ? 
_refine_ls_shell.R_factor_all                     ? 
_refine_ls_shell.R_factor_obs                     ? 
_refine_ls_shell.R_factor_R_free                  0.200 
_refine_ls_shell.R_factor_R_free_error            ? 
_refine_ls_shell.R_factor_R_work                  0.141 
_refine_ls_shell.redundancy_reflns_all            ? 
_refine_ls_shell.redundancy_reflns_obs            ? 
_refine_ls_shell.wR_factor_all                    ? 
_refine_ls_shell.wR_factor_obs                    ? 
_refine_ls_shell.wR_factor_R_free                 ? 
_refine_ls_shell.wR_factor_R_work                 ? 
_refine_ls_shell.pdbx_total_number_of_bins_used   20 
_refine_ls_shell.pdbx_phase_error                 ? 
_refine_ls_shell.pdbx_fsc_work                    ? 
_refine_ls_shell.pdbx_fsc_free                    ? 
# 
_struct.entry_id                     5LIT 
_struct.title                        
'Structure of the DNA duplex d(AAATTT)2 with the potential antiparasitic drug 6XV at 1.25 A resolution' 
_struct.pdbx_model_details           ? 
_struct.pdbx_formula_weight          ? 
_struct.pdbx_formula_weight_method   ? 
_struct.pdbx_model_type_details      ? 
_struct.pdbx_CASP_flag               N 
# 
_struct_keywords.entry_id        5LIT 
_struct_keywords.text            'All AT DNA, Antiparasitic Drug, Minor Groove Binding Drug, DNA' 
_struct_keywords.pdbx_keywords   DNA 
# 
loop_
_struct_asym.id 
_struct_asym.pdbx_blank_PDB_chainid_flag 
_struct_asym.pdbx_modified 
_struct_asym.entity_id 
_struct_asym.details 
A N N 1 ? 
B N N 1 ? 
C N N 1 ? 
D N N 1 ? 
E N N 2 ? 
F N N 3 ? 
G N N 2 ? 
H N N 3 ? 
I N N 3 ? 
J N N 2 ? 
K N N 3 ? 
L N N 4 ? 
M N N 4 ? 
N N N 4 ? 
O N N 4 ? 
# 
_struct_ref.id                         1 
_struct_ref.db_name                    PDB 
_struct_ref.db_code                    5LIT 
_struct_ref.pdbx_db_accession          5LIT 
_struct_ref.pdbx_db_isoform            ? 
_struct_ref.entity_id                  1 
_struct_ref.pdbx_seq_one_letter_code   ? 
_struct_ref.pdbx_align_begin           1 
# 
loop_
_struct_ref_seq.align_id 
_struct_ref_seq.ref_id 
_struct_ref_seq.pdbx_PDB_id_code 
_struct_ref_seq.pdbx_strand_id 
_struct_ref_seq.seq_align_beg 
_struct_ref_seq.pdbx_seq_align_beg_ins_code 
_struct_ref_seq.seq_align_end 
_struct_ref_seq.pdbx_seq_align_end_ins_code 
_struct_ref_seq.pdbx_db_accession 
_struct_ref_seq.db_align_beg 
_struct_ref_seq.pdbx_db_align_beg_ins_code 
_struct_ref_seq.db_align_end 
_struct_ref_seq.pdbx_db_align_end_ins_code 
_struct_ref_seq.pdbx_auth_seq_align_beg 
_struct_ref_seq.pdbx_auth_seq_align_end 
1 1 5LIT D 1 ? 6 ? 5LIT 1 ? 6 ? 1 6 
2 1 5LIT C 1 ? 6 ? 5LIT 1 ? 6 ? 1 6 
3 1 5LIT A 1 ? 6 ? 5LIT 1 ? 6 ? 1 6 
4 1 5LIT B 1 ? 6 ? 5LIT 1 ? 6 ? 1 6 
# 
loop_
_pdbx_struct_assembly.id 
_pdbx_struct_assembly.details 
_pdbx_struct_assembly.method_details 
_pdbx_struct_assembly.oligomeric_details 
_pdbx_struct_assembly.oligomeric_count 
1 author_defined_assembly ? dimeric 2 
2 author_defined_assembly ? dimeric 2 
3 author_defined_assembly ? dimeric 2 
# 
loop_
_pdbx_struct_assembly_gen.assembly_id 
_pdbx_struct_assembly_gen.oper_expression 
_pdbx_struct_assembly_gen.asym_id_list 
1 1 A,E,F,L       
1 2 A,E,F,L       
2 1 B,G,H,M       
2 3 B,G,H,M       
3 1 C,D,I,J,K,N,O 
# 
loop_
_pdbx_struct_oper_list.id 
_pdbx_struct_oper_list.type 
_pdbx_struct_oper_list.name 
_pdbx_struct_oper_list.symmetry_operation 
_pdbx_struct_oper_list.matrix[1][1] 
_pdbx_struct_oper_list.matrix[1][2] 
_pdbx_struct_oper_list.matrix[1][3] 
_pdbx_struct_oper_list.vector[1] 
_pdbx_struct_oper_list.matrix[2][1] 
_pdbx_struct_oper_list.matrix[2][2] 
_pdbx_struct_oper_list.matrix[2][3] 
_pdbx_struct_oper_list.vector[2] 
_pdbx_struct_oper_list.matrix[3][1] 
_pdbx_struct_oper_list.matrix[3][2] 
_pdbx_struct_oper_list.matrix[3][3] 
_pdbx_struct_oper_list.vector[3] 
1 'identity operation'         1_555 x,y,z       1.0000000000 0.0000000000  0.0000000000 0.0000000000   0.0000000000  1.0000000000  0.0000000000  0.0000000000   0.0000000000 0.0000000000  1.0000000000  0.0000000000   
2 'crystal symmetry operation' 2_555 -x,y,-z     0.4586459097 -0.3278582387 0.8259254839 -18.3140071692 -0.3278582387 -0.9263076639 -0.1856423637 -24.2232966282 0.8259254839 -0.1856423637 -0.5323382458 22.7282541184  
3 'crystal symmetry operation' 2_654 -x+1,y,-z-1 0.4586459097 -0.3278582387 0.8259254839 18.1014653581  -0.3278582387 -0.9263076639 -0.1856423637 27.9714698331  0.8259254839 -0.1856423637 -0.5323382458 -20.8650197970 
# 
loop_
_struct_conn.id 
_struct_conn.conn_type_id 
_struct_conn.pdbx_leaving_atom_flag 
_struct_conn.pdbx_PDB_id 
_struct_conn.ptnr1_label_asym_id 
_struct_conn.ptnr1_label_comp_id 
_struct_conn.ptnr1_label_seq_id 
_struct_conn.ptnr1_label_atom_id 
_struct_conn.pdbx_ptnr1_label_alt_id 
_struct_conn.pdbx_ptnr1_PDB_ins_code 
_struct_conn.pdbx_ptnr1_standard_comp_id 
_struct_conn.ptnr1_symmetry 
_struct_conn.ptnr2_label_asym_id 
_struct_conn.ptnr2_label_comp_id 
_struct_conn.ptnr2_label_seq_id 
_struct_conn.ptnr2_label_atom_id 
_struct_conn.pdbx_ptnr2_label_alt_id 
_struct_conn.pdbx_ptnr2_PDB_ins_code 
_struct_conn.ptnr1_auth_asym_id 
_struct_conn.ptnr1_auth_comp_id 
_struct_conn.ptnr1_auth_seq_id 
_struct_conn.ptnr2_auth_asym_id 
_struct_conn.ptnr2_auth_comp_id 
_struct_conn.ptnr2_auth_seq_id 
_struct_conn.ptnr2_symmetry 
_struct_conn.pdbx_ptnr3_label_atom_id 
_struct_conn.pdbx_ptnr3_label_seq_id 
_struct_conn.pdbx_ptnr3_label_comp_id 
_struct_conn.pdbx_ptnr3_label_asym_id 
_struct_conn.pdbx_ptnr3_label_alt_id 
_struct_conn.pdbx_ptnr3_PDB_ins_code 
_struct_conn.details 
_struct_conn.pdbx_dist_value 
_struct_conn.pdbx_value_order 
_struct_conn.pdbx_role 
metalc1  metalc ? ? F MG  . MG  ? ? ? 1_555 L HOH . O  ? ? D MG  102 D HOH 207 1_555 ? ? ? ? ? ? ?            2.055 ? ? 
metalc2  metalc ? ? F MG  . MG  ? ? ? 1_555 L HOH . O  ? ? D MG  102 D HOH 222 1_555 ? ? ? ? ? ? ?            2.170 ? ? 
metalc3  metalc ? ? F MG  . MG  ? ? ? 1_555 L HOH . O  ? ? D MG  102 D HOH 228 1_555 ? ? ? ? ? ? ?            2.151 ? ? 
metalc4  metalc ? ? F MG  . MG  ? ? ? 1_555 L HOH . O  ? ? D MG  102 D HOH 231 1_555 ? ? ? ? ? ? ?            1.840 ? ? 
metalc5  metalc ? ? F MG  . MG  ? ? ? 1_555 L HOH . O  ? ? D MG  102 D HOH 246 1_555 ? ? ? ? ? ? ?            1.980 ? ? 
metalc6  metalc ? ? H MG  . MG  ? ? ? 1_555 M HOH . O  ? ? C MG  102 C HOH 206 1_555 ? ? ? ? ? ? ?            2.042 ? ? 
metalc7  metalc ? ? H MG  . MG  ? ? ? 1_555 M HOH . O  ? ? C MG  102 C HOH 206 2_754 ? ? ? ? ? ? ?            2.043 ? ? 
metalc8  metalc ? ? H MG  . MG  ? ? ? 1_555 M HOH . O  ? ? C MG  102 C HOH 212 1_555 ? ? ? ? ? ? ?            2.090 ? ? 
metalc9  metalc ? ? H MG  . MG  ? ? ? 1_555 M HOH . O  ? ? C MG  102 C HOH 212 2_754 ? ? ? ? ? ? ?            2.090 ? ? 
metalc10 metalc ? ? H MG  . MG  ? ? ? 1_555 M HOH . O  ? ? C MG  102 C HOH 220 1_555 ? ? ? ? ? ? ?            2.035 ? ? 
metalc11 metalc ? ? H MG  . MG  ? ? ? 1_555 M HOH . O  ? ? C MG  102 C HOH 220 2_754 ? ? ? ? ? ? ?            2.039 ? ? 
metalc12 metalc ? ? M HOH . O   ? ? ? 1_555 I MG  . MG ? ? C HOH 215 B MG  101 1_555 ? ? ? ? ? ? ?            2.018 ? ? 
metalc13 metalc ? ? C DT  4 OP1 ? ? ? 1_555 I MG  . MG ? ? A DT  4   B MG  101 1_455 ? ? ? ? ? ? ?            2.057 ? ? 
metalc14 metalc ? ? N HOH . O   ? ? ? 1_655 I MG  . MG ? ? A HOH 219 B MG  101 1_555 ? ? ? ? ? ? ?            1.967 ? ? 
metalc15 metalc ? ? N HOH . O   ? ? ? 1_655 I MG  . MG ? ? A HOH 223 B MG  101 1_555 ? ? ? ? ? ? ?            2.104 ? ? 
metalc16 metalc ? ? I MG  . MG  ? ? ? 1_555 O HOH . O  ? ? B MG  101 B HOH 210 1_555 ? ? ? ? ? ? ?            2.075 ? ? 
metalc17 metalc ? ? I MG  . MG  ? ? ? 1_555 O HOH . O  ? ? B MG  101 B HOH 233 1_555 ? ? ? ? ? ? ?            2.081 ? ? 
metalc18 metalc ? ? K MG  . MG  ? ? ? 1_555 O HOH . O  ? ? B MG  103 B HOH 208 1_555 ? ? ? ? ? ? ?            2.054 ? ? 
metalc19 metalc ? ? K MG  . MG  ? ? ? 1_555 O HOH . O  ? ? B MG  103 B HOH 209 1_555 ? ? ? ? ? ? ?            2.078 ? ? 
metalc20 metalc ? ? K MG  . MG  ? ? ? 1_555 O HOH . O  ? ? B MG  103 B HOH 235 1_555 ? ? ? ? ? ? ?            2.100 ? ? 
metalc21 metalc ? ? K MG  . MG  ? ? ? 1_555 O HOH . O  ? ? B MG  103 B HOH 246 1_555 ? ? ? ? ? ? ?            2.120 ? ? 
metalc22 metalc ? ? K MG  . MG  ? ? ? 1_555 O HOH . O  ? ? B MG  103 B HOH 247 1_555 ? ? ? ? ? ? ?            2.025 ? ? 
metalc23 metalc ? ? K MG  . MG  ? ? ? 1_555 O HOH . O  ? ? B MG  103 B HOH 249 1_555 ? ? ? ? ? ? ?            2.088 ? ? 
hydrog1  hydrog ? ? C DA  1 N1  ? ? ? 1_555 D DT  6 N3 ? ? A DA  1   B DT  6   1_555 ? ? ? ? ? ? WATSON-CRICK ?     ? ? 
hydrog2  hydrog ? ? C DA  1 N6  ? ? ? 1_555 D DT  6 O4 ? ? A DA  1   B DT  6   1_555 ? ? ? ? ? ? WATSON-CRICK ?     ? ? 
hydrog3  hydrog ? ? C DA  2 N1  ? ? ? 1_555 D DT  5 N3 ? ? A DA  2   B DT  5   1_555 ? ? ? ? ? ? WATSON-CRICK ?     ? ? 
hydrog4  hydrog ? ? C DA  2 N6  ? ? ? 1_555 D DT  5 O4 ? ? A DA  2   B DT  5   1_555 ? ? ? ? ? ? WATSON-CRICK ?     ? ? 
hydrog5  hydrog ? ? C DA  3 N1  ? ? ? 1_555 D DT  4 N3 ? ? A DA  3   B DT  4   1_555 ? ? ? ? ? ? WATSON-CRICK ?     ? ? 
hydrog6  hydrog ? ? C DA  3 N6  ? ? ? 1_555 D DT  4 O4 ? ? A DA  3   B DT  4   1_555 ? ? ? ? ? ? WATSON-CRICK ?     ? ? 
hydrog7  hydrog ? ? C DT  4 N3  ? ? ? 1_555 D DA  3 N1 ? ? A DT  4   B DA  3   1_555 ? ? ? ? ? ? WATSON-CRICK ?     ? ? 
hydrog8  hydrog ? ? C DT  4 O4  ? ? ? 1_555 D DA  3 N6 ? ? A DT  4   B DA  3   1_555 ? ? ? ? ? ? WATSON-CRICK ?     ? ? 
hydrog9  hydrog ? ? C DT  5 N3  ? ? ? 1_555 D DA  2 N1 ? ? A DT  5   B DA  2   1_555 ? ? ? ? ? ? WATSON-CRICK ?     ? ? 
hydrog10 hydrog ? ? C DT  5 O4  ? ? ? 1_555 D DA  2 N6 ? ? A DT  5   B DA  2   1_555 ? ? ? ? ? ? WATSON-CRICK ?     ? ? 
hydrog11 hydrog ? ? C DT  6 N3  ? ? ? 1_555 D DA  1 N1 ? ? A DT  6   B DA  1   1_555 ? ? ? ? ? ? WATSON-CRICK ?     ? ? 
hydrog12 hydrog ? ? C DT  6 O4  ? ? ? 1_555 D DA  1 N6 ? ? A DT  6   B DA  1   1_555 ? ? ? ? ? ? WATSON-CRICK ?     ? ? 
# 
loop_
_struct_conn_type.id 
_struct_conn_type.criteria 
_struct_conn_type.reference 
metalc ? ? 
hydrog ? ? 
# 
loop_
_pdbx_struct_conn_angle.id 
_pdbx_struct_conn_angle.ptnr1_label_atom_id 
_pdbx_struct_conn_angle.ptnr1_label_alt_id 
_pdbx_struct_conn_angle.ptnr1_label_asym_id 
_pdbx_struct_conn_angle.ptnr1_label_comp_id 
_pdbx_struct_conn_angle.ptnr1_label_seq_id 
_pdbx_struct_conn_angle.ptnr1_auth_atom_id 
_pdbx_struct_conn_angle.ptnr1_auth_asym_id 
_pdbx_struct_conn_angle.ptnr1_auth_comp_id 
_pdbx_struct_conn_angle.ptnr1_auth_seq_id 
_pdbx_struct_conn_angle.ptnr1_PDB_ins_code 
_pdbx_struct_conn_angle.ptnr1_symmetry 
_pdbx_struct_conn_angle.ptnr2_label_atom_id 
_pdbx_struct_conn_angle.ptnr2_label_alt_id 
_pdbx_struct_conn_angle.ptnr2_label_asym_id 
_pdbx_struct_conn_angle.ptnr2_label_comp_id 
_pdbx_struct_conn_angle.ptnr2_label_seq_id 
_pdbx_struct_conn_angle.ptnr2_auth_atom_id 
_pdbx_struct_conn_angle.ptnr2_auth_asym_id 
_pdbx_struct_conn_angle.ptnr2_auth_comp_id 
_pdbx_struct_conn_angle.ptnr2_auth_seq_id 
_pdbx_struct_conn_angle.ptnr2_PDB_ins_code 
_pdbx_struct_conn_angle.ptnr2_symmetry 
_pdbx_struct_conn_angle.ptnr3_label_atom_id 
_pdbx_struct_conn_angle.ptnr3_label_alt_id 
_pdbx_struct_conn_angle.ptnr3_label_asym_id 
_pdbx_struct_conn_angle.ptnr3_label_comp_id 
_pdbx_struct_conn_angle.ptnr3_label_seq_id 
_pdbx_struct_conn_angle.ptnr3_auth_atom_id 
_pdbx_struct_conn_angle.ptnr3_auth_asym_id 
_pdbx_struct_conn_angle.ptnr3_auth_comp_id 
_pdbx_struct_conn_angle.ptnr3_auth_seq_id 
_pdbx_struct_conn_angle.ptnr3_PDB_ins_code 
_pdbx_struct_conn_angle.ptnr3_symmetry 
_pdbx_struct_conn_angle.value 
_pdbx_struct_conn_angle.value_esd 
1  O   ? L HOH . ? D HOH 207 ? 1_555 MG ? F MG . ? D MG 102 ? 1_555 O   ? L HOH . ? D HOH 222 ? 1_555 98.4  ? 
2  O   ? L HOH . ? D HOH 207 ? 1_555 MG ? F MG . ? D MG 102 ? 1_555 O   ? L HOH . ? D HOH 228 ? 1_555 85.9  ? 
3  O   ? L HOH . ? D HOH 222 ? 1_555 MG ? F MG . ? D MG 102 ? 1_555 O   ? L HOH . ? D HOH 228 ? 1_555 82.5  ? 
4  O   ? L HOH . ? D HOH 207 ? 1_555 MG ? F MG . ? D MG 102 ? 1_555 O   ? L HOH . ? D HOH 231 ? 1_555 83.7  ? 
5  O   ? L HOH . ? D HOH 222 ? 1_555 MG ? F MG . ? D MG 102 ? 1_555 O   ? L HOH . ? D HOH 231 ? 1_555 89.6  ? 
6  O   ? L HOH . ? D HOH 228 ? 1_555 MG ? F MG . ? D MG 102 ? 1_555 O   ? L HOH . ? D HOH 231 ? 1_555 165.9 ? 
7  O   ? L HOH . ? D HOH 207 ? 1_555 MG ? F MG . ? D MG 102 ? 1_555 O   ? L HOH . ? D HOH 246 ? 1_555 100.4 ? 
8  O   ? L HOH . ? D HOH 222 ? 1_555 MG ? F MG . ? D MG 102 ? 1_555 O   ? L HOH . ? D HOH 246 ? 1_555 159.2 ? 
9  O   ? L HOH . ? D HOH 228 ? 1_555 MG ? F MG . ? D MG 102 ? 1_555 O   ? L HOH . ? D HOH 246 ? 1_555 107.4 ? 
10 O   ? L HOH . ? D HOH 231 ? 1_555 MG ? F MG . ? D MG 102 ? 1_555 O   ? L HOH . ? D HOH 246 ? 1_555 84.0  ? 
11 O   ? M HOH . ? C HOH 206 ? 1_555 MG ? H MG . ? C MG 102 ? 1_555 O   ? M HOH . ? C HOH 206 ? 2_754 89.2  ? 
12 O   ? M HOH . ? C HOH 206 ? 1_555 MG ? H MG . ? C MG 102 ? 1_555 O   ? M HOH . ? C HOH 212 ? 1_555 91.3  ? 
13 O   ? M HOH . ? C HOH 206 ? 2_754 MG ? H MG . ? C MG 102 ? 1_555 O   ? M HOH . ? C HOH 212 ? 1_555 179.4 ? 
14 O   ? M HOH . ? C HOH 206 ? 1_555 MG ? H MG . ? C MG 102 ? 1_555 O   ? M HOH . ? C HOH 212 ? 2_754 179.5 ? 
15 O   ? M HOH . ? C HOH 206 ? 2_754 MG ? H MG . ? C MG 102 ? 1_555 O   ? M HOH . ? C HOH 212 ? 2_754 91.3  ? 
16 O   ? M HOH . ? C HOH 212 ? 1_555 MG ? H MG . ? C MG 102 ? 1_555 O   ? M HOH . ? C HOH 212 ? 2_754 88.3  ? 
17 O   ? M HOH . ? C HOH 206 ? 1_555 MG ? H MG . ? C MG 102 ? 1_555 O   ? M HOH . ? C HOH 220 ? 1_555 91.4  ? 
18 O   ? M HOH . ? C HOH 206 ? 2_754 MG ? H MG . ? C MG 102 ? 1_555 O   ? M HOH . ? C HOH 220 ? 1_555 90.5  ? 
19 O   ? M HOH . ? C HOH 212 ? 1_555 MG ? H MG . ? C MG 102 ? 1_555 O   ? M HOH . ? C HOH 220 ? 1_555 89.9  ? 
20 O   ? M HOH . ? C HOH 212 ? 2_754 MG ? H MG . ? C MG 102 ? 1_555 O   ? M HOH . ? C HOH 220 ? 1_555 88.4  ? 
21 O   ? M HOH . ? C HOH 206 ? 1_555 MG ? H MG . ? C MG 102 ? 1_555 O   ? M HOH . ? C HOH 220 ? 2_754 90.4  ? 
22 O   ? M HOH . ? C HOH 206 ? 2_754 MG ? H MG . ? C MG 102 ? 1_555 O   ? M HOH . ? C HOH 220 ? 2_754 91.3  ? 
23 O   ? M HOH . ? C HOH 212 ? 1_555 MG ? H MG . ? C MG 102 ? 1_555 O   ? M HOH . ? C HOH 220 ? 2_754 88.3  ? 
24 O   ? M HOH . ? C HOH 212 ? 2_754 MG ? H MG . ? C MG 102 ? 1_555 O   ? M HOH . ? C HOH 220 ? 2_754 89.8  ? 
25 O   ? M HOH . ? C HOH 220 ? 1_555 MG ? H MG . ? C MG 102 ? 1_555 O   ? M HOH . ? C HOH 220 ? 2_754 177.5 ? 
26 O   ? M HOH . ? C HOH 215 ? 1_555 MG ? I MG . ? B MG 101 ? 1_555 OP1 ? C DT  4 ? A DT  4   ? 1_555 56.6  ? 
27 O   ? M HOH . ? C HOH 215 ? 1_555 MG ? I MG . ? B MG 101 ? 1_555 O   ? N HOH . ? A HOH 219 ? 1_655 91.7  ? 
28 OP1 ? C DT  4 ? A DT  4   ? 1_555 MG ? I MG . ? B MG 101 ? 1_555 O   ? N HOH . ? A HOH 219 ? 1_655 110.3 ? 
29 O   ? M HOH . ? C HOH 215 ? 1_555 MG ? I MG . ? B MG 101 ? 1_555 O   ? N HOH . ? A HOH 223 ? 1_655 90.5  ? 
30 OP1 ? C DT  4 ? A DT  4   ? 1_555 MG ? I MG . ? B MG 101 ? 1_555 O   ? N HOH . ? A HOH 223 ? 1_655 141.5 ? 
31 O   ? N HOH . ? A HOH 219 ? 1_655 MG ? I MG . ? B MG 101 ? 1_555 O   ? N HOH . ? A HOH 223 ? 1_655 87.8  ? 
32 O   ? M HOH . ? C HOH 215 ? 1_555 MG ? I MG . ? B MG 101 ? 1_555 O   ? O HOH . ? B HOH 210 ? 1_555 87.6  ? 
33 OP1 ? C DT  4 ? A DT  4   ? 1_555 MG ? I MG . ? B MG 101 ? 1_555 O   ? O HOH . ? B HOH 210 ? 1_555 34.2  ? 
34 O   ? N HOH . ? A HOH 219 ? 1_655 MG ? I MG . ? B MG 101 ? 1_555 O   ? O HOH . ? B HOH 210 ? 1_555 98.1  ? 
35 O   ? N HOH . ? A HOH 223 ? 1_655 MG ? I MG . ? B MG 101 ? 1_555 O   ? O HOH . ? B HOH 210 ? 1_555 173.8 ? 
36 O   ? M HOH . ? C HOH 215 ? 1_555 MG ? I MG . ? B MG 101 ? 1_555 O   ? O HOH . ? B HOH 233 ? 1_555 89.3  ? 
37 OP1 ? C DT  4 ? A DT  4   ? 1_555 MG ? I MG . ? B MG 101 ? 1_555 O   ? O HOH . ? B HOH 233 ? 1_555 72.4  ? 
38 O   ? N HOH . ? A HOH 219 ? 1_655 MG ? I MG . ? B MG 101 ? 1_555 O   ? O HOH . ? B HOH 233 ? 1_555 177.2 ? 
39 O   ? N HOH . ? A HOH 223 ? 1_655 MG ? I MG . ? B MG 101 ? 1_555 O   ? O HOH . ? B HOH 233 ? 1_555 89.5  ? 
40 O   ? O HOH . ? B HOH 210 ? 1_555 MG ? I MG . ? B MG 101 ? 1_555 O   ? O HOH . ? B HOH 233 ? 1_555 84.6  ? 
41 O   ? O HOH . ? B HOH 208 ? 1_555 MG ? K MG . ? B MG 103 ? 1_555 O   ? O HOH . ? B HOH 209 ? 1_555 90.6  ? 
42 O   ? O HOH . ? B HOH 208 ? 1_555 MG ? K MG . ? B MG 103 ? 1_555 O   ? O HOH . ? B HOH 235 ? 1_555 87.0  ? 
43 O   ? O HOH . ? B HOH 209 ? 1_555 MG ? K MG . ? B MG 103 ? 1_555 O   ? O HOH . ? B HOH 235 ? 1_555 90.8  ? 
44 O   ? O HOH . ? B HOH 208 ? 1_555 MG ? K MG . ? B MG 103 ? 1_555 O   ? O HOH . ? B HOH 246 ? 1_555 90.0  ? 
45 O   ? O HOH . ? B HOH 209 ? 1_555 MG ? K MG . ? B MG 103 ? 1_555 O   ? O HOH . ? B HOH 246 ? 1_555 87.5  ? 
46 O   ? O HOH . ? B HOH 235 ? 1_555 MG ? K MG . ? B MG 103 ? 1_555 O   ? O HOH . ? B HOH 246 ? 1_555 176.5 ? 
47 O   ? O HOH . ? B HOH 208 ? 1_555 MG ? K MG . ? B MG 103 ? 1_555 O   ? O HOH . ? B HOH 247 ? 1_555 88.4  ? 
48 O   ? O HOH . ? B HOH 209 ? 1_555 MG ? K MG . ? B MG 103 ? 1_555 O   ? O HOH . ? B HOH 247 ? 1_555 176.4 ? 
49 O   ? O HOH . ? B HOH 235 ? 1_555 MG ? K MG . ? B MG 103 ? 1_555 O   ? O HOH . ? B HOH 247 ? 1_555 92.6  ? 
50 O   ? O HOH . ? B HOH 246 ? 1_555 MG ? K MG . ? B MG 103 ? 1_555 O   ? O HOH . ? B HOH 247 ? 1_555 89.1  ? 
51 O   ? O HOH . ? B HOH 208 ? 1_555 MG ? K MG . ? B MG 103 ? 1_555 O   ? O HOH . ? B HOH 249 ? 1_555 179.2 ? 
52 O   ? O HOH . ? B HOH 209 ? 1_555 MG ? K MG . ? B MG 103 ? 1_555 O   ? O HOH . ? B HOH 249 ? 1_555 90.1  ? 
53 O   ? O HOH . ? B HOH 235 ? 1_555 MG ? K MG . ? B MG 103 ? 1_555 O   ? O HOH . ? B HOH 249 ? 1_555 92.8  ? 
54 O   ? O HOH . ? B HOH 246 ? 1_555 MG ? K MG . ? B MG 103 ? 1_555 O   ? O HOH . ? B HOH 249 ? 1_555 90.2  ? 
55 O   ? O HOH . ? B HOH 247 ? 1_555 MG ? K MG . ? B MG 103 ? 1_555 O   ? O HOH . ? B HOH 249 ? 1_555 90.9  ? 
# 
loop_
_struct_site.id 
_struct_site.pdbx_evidence_code 
_struct_site.pdbx_auth_asym_id 
_struct_site.pdbx_auth_comp_id 
_struct_site.pdbx_auth_seq_id 
_struct_site.pdbx_auth_ins_code 
_struct_site.pdbx_num_residues 
_struct_site.details 
AC1 Software D 6XV 101 ? 13 'binding site for residue 6XV D 101' 
AC2 Software D MG  102 ? 5  'binding site for residue MG D 102'  
AC3 Software C 6XV 101 ? 14 'binding site for residue 6XV C 101' 
AC4 Software C MG  102 ? 6  'binding site for residue MG C 102'  
AC5 Software B MG  101 ? 6  'binding site for residue MG B 101'  
AC6 Software B 6XV 102 ? 14 'binding site for residue 6XV B 102' 
AC7 Software B MG  103 ? 6  'binding site for residue MG B 103'  
# 
loop_
_struct_site_gen.id 
_struct_site_gen.site_id 
_struct_site_gen.pdbx_num_res 
_struct_site_gen.label_comp_id 
_struct_site_gen.label_asym_id 
_struct_site_gen.label_seq_id 
_struct_site_gen.pdbx_auth_ins_code 
_struct_site_gen.auth_comp_id 
_struct_site_gen.auth_asym_id 
_struct_site_gen.auth_seq_id 
_struct_site_gen.label_atom_id 
_struct_site_gen.label_alt_id 
_struct_site_gen.symmetry 
_struct_site_gen.details 
1  AC1 13 DA  A 2 ? DA  D 2   . ? 2_555 ? 
2  AC1 13 DA  A 3 ? DA  D 3   . ? 1_555 ? 
3  AC1 13 DA  A 3 ? DA  D 3   . ? 2_555 ? 
4  AC1 13 DT  A 4 ? DT  D 4   . ? 1_555 ? 
5  AC1 13 DT  A 4 ? DT  D 4   . ? 2_555 ? 
6  AC1 13 DT  A 5 ? DT  D 5   . ? 2_555 ? 
7  AC1 13 DT  A 5 ? DT  D 5   . ? 1_555 ? 
8  AC1 13 DT  A 6 ? DT  D 6   . ? 1_555 ? 
9  AC1 13 DT  A 6 ? DT  D 6   . ? 2_555 ? 
10 AC1 13 HOH L . ? HOH D 206 . ? 2_555 ? 
11 AC1 13 HOH L . ? HOH D 206 . ? 1_555 ? 
12 AC1 13 HOH L . ? HOH D 225 . ? 2_555 ? 
13 AC1 13 HOH L . ? HOH D 225 . ? 1_555 ? 
14 AC2 5  HOH L . ? HOH D 207 . ? 1_555 ? 
15 AC2 5  HOH L . ? HOH D 222 . ? 1_555 ? 
16 AC2 5  HOH L . ? HOH D 228 . ? 1_555 ? 
17 AC2 5  HOH L . ? HOH D 231 . ? 1_555 ? 
18 AC2 5  HOH L . ? HOH D 246 . ? 1_555 ? 
19 AC3 14 DA  B 2 ? DA  C 2   . ? 1_555 ? 
20 AC3 14 DA  B 2 ? DA  C 2   . ? 2_654 ? 
21 AC3 14 DA  B 3 ? DA  C 3   . ? 2_654 ? 
22 AC3 14 DA  B 3 ? DA  C 3   . ? 1_555 ? 
23 AC3 14 DT  B 4 ? DT  C 4   . ? 1_555 ? 
24 AC3 14 DT  B 4 ? DT  C 4   . ? 2_654 ? 
25 AC3 14 DT  B 5 ? DT  C 5   . ? 1_555 ? 
26 AC3 14 DT  B 5 ? DT  C 5   . ? 2_654 ? 
27 AC3 14 DT  B 6 ? DT  C 6   . ? 2_654 ? 
28 AC3 14 DT  B 6 ? DT  C 6   . ? 1_555 ? 
29 AC3 14 HOH M . ? HOH C 209 . ? 2_654 ? 
30 AC3 14 HOH M . ? HOH C 209 . ? 1_555 ? 
31 AC3 14 HOH L . ? HOH D 238 . ? 4_544 ? 
32 AC3 14 HOH L . ? HOH D 238 . ? 3_544 ? 
33 AC4 6  HOH M . ? HOH C 206 . ? 1_555 ? 
34 AC4 6  HOH M . ? HOH C 206 . ? 2_754 ? 
35 AC4 6  HOH M . ? HOH C 212 . ? 1_555 ? 
36 AC4 6  HOH M . ? HOH C 212 . ? 2_754 ? 
37 AC4 6  HOH M . ? HOH C 220 . ? 2_754 ? 
38 AC4 6  HOH M . ? HOH C 220 . ? 1_555 ? 
39 AC5 6  DT  C 4 ? DT  A 4   . ? 1_655 ? 
40 AC5 6  HOH N . ? HOH A 219 . ? 1_655 ? 
41 AC5 6  HOH N . ? HOH A 223 . ? 1_655 ? 
42 AC5 6  HOH O . ? HOH B 210 . ? 1_555 ? 
43 AC5 6  HOH O . ? HOH B 233 . ? 1_555 ? 
44 AC5 6  HOH M . ? HOH C 215 . ? 1_555 ? 
45 AC6 14 DA  C 2 ? DA  A 2   . ? 4_554 ? 
46 AC6 14 DA  C 3 ? DA  A 3   . ? 1_555 ? 
47 AC6 14 DT  C 4 ? DT  A 4   . ? 1_555 ? 
48 AC6 14 DT  C 5 ? DT  A 5   . ? 1_555 ? 
49 AC6 14 DT  C 6 ? DT  A 6   . ? 1_555 ? 
50 AC6 14 DA  D 2 ? DA  B 2   . ? 1_555 ? 
51 AC6 14 DA  D 3 ? DA  B 3   . ? 1_455 ? 
52 AC6 14 DA  D 3 ? DA  B 3   . ? 1_555 ? 
53 AC6 14 DT  D 4 ? DT  B 4   . ? 1_555 ? 
54 AC6 14 DT  D 5 ? DT  B 5   . ? 1_555 ? 
55 AC6 14 DT  D 6 ? DT  B 6   . ? 1_555 ? 
56 AC6 14 HOH O . ? HOH B 204 . ? 1_555 ? 
57 AC6 14 HOH O . ? HOH B 217 . ? 1_555 ? 
58 AC6 14 HOH O . ? HOH B 225 . ? 1_555 ? 
59 AC7 6  HOH O . ? HOH B 208 . ? 1_555 ? 
60 AC7 6  HOH O . ? HOH B 209 . ? 1_555 ? 
61 AC7 6  HOH O . ? HOH B 235 . ? 1_555 ? 
62 AC7 6  HOH O . ? HOH B 246 . ? 1_555 ? 
63 AC7 6  HOH O . ? HOH B 247 . ? 1_555 ? 
64 AC7 6  HOH O . ? HOH B 249 . ? 1_555 ? 
# 
loop_
_pdbx_validate_rmsd_bond.id 
_pdbx_validate_rmsd_bond.PDB_model_num 
_pdbx_validate_rmsd_bond.auth_atom_id_1 
_pdbx_validate_rmsd_bond.auth_asym_id_1 
_pdbx_validate_rmsd_bond.auth_comp_id_1 
_pdbx_validate_rmsd_bond.auth_seq_id_1 
_pdbx_validate_rmsd_bond.PDB_ins_code_1 
_pdbx_validate_rmsd_bond.label_alt_id_1 
_pdbx_validate_rmsd_bond.auth_atom_id_2 
_pdbx_validate_rmsd_bond.auth_asym_id_2 
_pdbx_validate_rmsd_bond.auth_comp_id_2 
_pdbx_validate_rmsd_bond.auth_seq_id_2 
_pdbx_validate_rmsd_bond.PDB_ins_code_2 
_pdbx_validate_rmsd_bond.label_alt_id_2 
_pdbx_validate_rmsd_bond.bond_value 
_pdbx_validate_rmsd_bond.bond_target_value 
_pdbx_validate_rmsd_bond.bond_deviation 
_pdbx_validate_rmsd_bond.bond_standard_deviation 
_pdbx_validate_rmsd_bond.linker_flag 
1 1 C4    D DT 6 ? ? C5    D DT 6 ? ? 1.502 1.445 0.057  0.009 N 
2 1 "C3'" B DT 6 ? ? "C2'" B DT 6 ? ? 1.467 1.516 -0.049 0.008 N 
3 1 N3    B DT 6 ? ? C4    B DT 6 ? ? 1.330 1.382 -0.052 0.008 N 
# 
loop_
_pdbx_validate_rmsd_angle.id 
_pdbx_validate_rmsd_angle.PDB_model_num 
_pdbx_validate_rmsd_angle.auth_atom_id_1 
_pdbx_validate_rmsd_angle.auth_asym_id_1 
_pdbx_validate_rmsd_angle.auth_comp_id_1 
_pdbx_validate_rmsd_angle.auth_seq_id_1 
_pdbx_validate_rmsd_angle.PDB_ins_code_1 
_pdbx_validate_rmsd_angle.label_alt_id_1 
_pdbx_validate_rmsd_angle.auth_atom_id_2 
_pdbx_validate_rmsd_angle.auth_asym_id_2 
_pdbx_validate_rmsd_angle.auth_comp_id_2 
_pdbx_validate_rmsd_angle.auth_seq_id_2 
_pdbx_validate_rmsd_angle.PDB_ins_code_2 
_pdbx_validate_rmsd_angle.label_alt_id_2 
_pdbx_validate_rmsd_angle.auth_atom_id_3 
_pdbx_validate_rmsd_angle.auth_asym_id_3 
_pdbx_validate_rmsd_angle.auth_comp_id_3 
_pdbx_validate_rmsd_angle.auth_seq_id_3 
_pdbx_validate_rmsd_angle.PDB_ins_code_3 
_pdbx_validate_rmsd_angle.label_alt_id_3 
_pdbx_validate_rmsd_angle.angle_value 
_pdbx_validate_rmsd_angle.angle_target_value 
_pdbx_validate_rmsd_angle.angle_deviation 
_pdbx_validate_rmsd_angle.angle_standard_deviation 
_pdbx_validate_rmsd_angle.linker_flag 
1 1 "O5'" C DA 2 ? ? P     C DA 2 ? ? OP2   C DA 2 ? ? 91.06  105.70 -14.64 0.90 N 
2 1 "O5'" C DA 2 ? ? "C5'" C DA 2 ? ? "C4'" C DA 2 ? ? 103.94 109.40 -5.46  0.80 N 
3 1 "C3'" A DA 2 ? ? "C2'" A DA 2 ? ? "C1'" A DA 2 ? ? 97.17  102.40 -5.23  0.80 N 
4 1 "O4'" B DT 4 ? ? "C4'" B DT 4 ? ? "C3'" B DT 4 ? ? 109.90 106.00 3.90   0.60 N 
5 1 "O4'" B DT 6 ? ? "C4'" B DT 6 ? ? "C3'" B DT 6 ? ? 102.09 104.50 -2.41  0.40 N 
6 1 N3    B DT 6 ? ? C4    B DT 6 ? ? C5    B DT 6 ? ? 119.76 115.20 4.56   0.60 N 
7 1 C5    B DT 6 ? ? C4    B DT 6 ? ? O4    B DT 6 ? ? 119.73 124.90 -5.17  0.70 N 
# 
_pdbx_validate_planes.id              1 
_pdbx_validate_planes.PDB_model_num   1 
_pdbx_validate_planes.auth_comp_id    DT 
_pdbx_validate_planes.auth_asym_id    C 
_pdbx_validate_planes.auth_seq_id     5 
_pdbx_validate_planes.PDB_ins_code    ? 
_pdbx_validate_planes.label_alt_id    ? 
_pdbx_validate_planes.rmsd            0.068 
_pdbx_validate_planes.type            'SIDE CHAIN' 
# 
_pdbx_struct_special_symmetry.id              1 
_pdbx_struct_special_symmetry.PDB_model_num   1 
_pdbx_struct_special_symmetry.auth_asym_id    C 
_pdbx_struct_special_symmetry.auth_comp_id    MG 
_pdbx_struct_special_symmetry.auth_seq_id     102 
_pdbx_struct_special_symmetry.PDB_ins_code    ? 
_pdbx_struct_special_symmetry.label_asym_id   H 
_pdbx_struct_special_symmetry.label_comp_id   MG 
_pdbx_struct_special_symmetry.label_seq_id    . 
# 
loop_
_pdbx_distant_solvent_atoms.id 
_pdbx_distant_solvent_atoms.PDB_model_num 
_pdbx_distant_solvent_atoms.auth_atom_id 
_pdbx_distant_solvent_atoms.label_alt_id 
_pdbx_distant_solvent_atoms.auth_asym_id 
_pdbx_distant_solvent_atoms.auth_comp_id 
_pdbx_distant_solvent_atoms.auth_seq_id 
_pdbx_distant_solvent_atoms.PDB_ins_code 
_pdbx_distant_solvent_atoms.neighbor_macromolecule_distance 
_pdbx_distant_solvent_atoms.neighbor_ligand_distance 
1 1 O ? D HOH 247 ? 6.28 . 
2 1 O ? D HOH 248 ? 6.33 . 
3 1 O ? C HOH 225 ? 6.92 . 
4 1 O ? A HOH 240 ? 6.40 . 
5 1 O ? A HOH 241 ? 6.60 . 
6 1 O ? A HOH 242 ? 6.74 . 
# 
loop_
_chem_comp_atom.comp_id 
_chem_comp_atom.atom_id 
_chem_comp_atom.type_symbol 
_chem_comp_atom.pdbx_aromatic_flag 
_chem_comp_atom.pdbx_stereo_config 
_chem_comp_atom.pdbx_ordinal 
6XV N10    N  N N 1   
6XV C14    C  Y N 2   
6XV C18    C  Y N 3   
6XV C19    C  Y N 4   
6XV C26    C  Y N 5   
6XV C27    C  Y N 6   
6XV O01    O  N N 7   
6XV C02    C  N N 8   
6XV N03    N  N N 9   
6XV C04    C  Y N 10  
6XV C05    C  Y N 11  
6XV C06    C  Y N 12  
6XV C07    C  Y N 13  
6XV N08    N  N N 14  
6XV C09    C  N N 15  
6XV C11    C  N N 16  
6XV C12    C  N N 17  
6XV N13    N  N N 18  
6XV C15    C  Y N 19  
6XV C16    C  Y N 20  
6XV C17    C  Y N 21  
6XV N20    N  N N 22  
6XV C21    C  N N 23  
6XV N22    N  N N 24  
6XV C23    C  N N 25  
6XV C24    C  N N 26  
6XV N25    N  N N 27  
6XV H1     H  N N 28  
6XV H2     H  N N 29  
6XV H3     H  N N 30  
6XV H4     H  N N 31  
6XV H5     H  N N 32  
6XV H6     H  N N 33  
6XV H7     H  N N 34  
6XV H8     H  N N 35  
6XV H9     H  N N 36  
6XV H10    H  N N 37  
6XV H11    H  N N 38  
6XV H12    H  N N 39  
6XV H13    H  N N 40  
6XV H14    H  N N 41  
6XV H15    H  N N 42  
6XV H16    H  N N 43  
6XV H17    H  N N 44  
6XV H18    H  N N 45  
6XV H19    H  N N 46  
6XV H20    H  N N 47  
6XV H21    H  N N 48  
DA  OP3    O  N N 49  
DA  P      P  N N 50  
DA  OP1    O  N N 51  
DA  OP2    O  N N 52  
DA  "O5'"  O  N N 53  
DA  "C5'"  C  N N 54  
DA  "C4'"  C  N R 55  
DA  "O4'"  O  N N 56  
DA  "C3'"  C  N S 57  
DA  "O3'"  O  N N 58  
DA  "C2'"  C  N N 59  
DA  "C1'"  C  N R 60  
DA  N9     N  Y N 61  
DA  C8     C  Y N 62  
DA  N7     N  Y N 63  
DA  C5     C  Y N 64  
DA  C6     C  Y N 65  
DA  N6     N  N N 66  
DA  N1     N  Y N 67  
DA  C2     C  Y N 68  
DA  N3     N  Y N 69  
DA  C4     C  Y N 70  
DA  HOP3   H  N N 71  
DA  HOP2   H  N N 72  
DA  "H5'"  H  N N 73  
DA  "H5''" H  N N 74  
DA  "H4'"  H  N N 75  
DA  "H3'"  H  N N 76  
DA  "HO3'" H  N N 77  
DA  "H2'"  H  N N 78  
DA  "H2''" H  N N 79  
DA  "H1'"  H  N N 80  
DA  H8     H  N N 81  
DA  H61    H  N N 82  
DA  H62    H  N N 83  
DA  H2     H  N N 84  
DT  OP3    O  N N 85  
DT  P      P  N N 86  
DT  OP1    O  N N 87  
DT  OP2    O  N N 88  
DT  "O5'"  O  N N 89  
DT  "C5'"  C  N N 90  
DT  "C4'"  C  N R 91  
DT  "O4'"  O  N N 92  
DT  "C3'"  C  N S 93  
DT  "O3'"  O  N N 94  
DT  "C2'"  C  N N 95  
DT  "C1'"  C  N R 96  
DT  N1     N  N N 97  
DT  C2     C  N N 98  
DT  O2     O  N N 99  
DT  N3     N  N N 100 
DT  C4     C  N N 101 
DT  O4     O  N N 102 
DT  C5     C  N N 103 
DT  C7     C  N N 104 
DT  C6     C  N N 105 
DT  HOP3   H  N N 106 
DT  HOP2   H  N N 107 
DT  "H5'"  H  N N 108 
DT  "H5''" H  N N 109 
DT  "H4'"  H  N N 110 
DT  "H3'"  H  N N 111 
DT  "HO3'" H  N N 112 
DT  "H2'"  H  N N 113 
DT  "H2''" H  N N 114 
DT  "H1'"  H  N N 115 
DT  H3     H  N N 116 
DT  H71    H  N N 117 
DT  H72    H  N N 118 
DT  H73    H  N N 119 
DT  H6     H  N N 120 
HOH O      O  N N 121 
HOH H1     H  N N 122 
HOH H2     H  N N 123 
MG  MG     MG N N 124 
# 
loop_
_chem_comp_bond.comp_id 
_chem_comp_bond.atom_id_1 
_chem_comp_bond.atom_id_2 
_chem_comp_bond.value_order 
_chem_comp_bond.pdbx_aromatic_flag 
_chem_comp_bond.pdbx_stereo_config 
_chem_comp_bond.pdbx_ordinal 
6XV C24   C23    sing N N 1   
6XV C24   N25    sing N N 2   
6XV C23   N22    sing N N 3   
6XV N22   C21    sing N N 4   
6XV N25   C21    sing N N 5   
6XV C21   N20    doub N N 6   
6XV N20   C19    sing N N 7   
6XV C18   C19    doub Y N 8   
6XV C18   C17    sing Y N 9   
6XV C19   C26    sing Y N 10  
6XV C17   C16    doub Y N 11  
6XV C26   C27    doub Y N 12  
6XV O01   C02    doub N N 13  
6XV C16   C27    sing Y N 14  
6XV C16   C02    sing N N 15  
6XV C02   N03    sing N N 16  
6XV C05   C06    doub Y N 17  
6XV C05   C04    sing Y N 18  
6XV N03   C04    sing N N 19  
6XV C06   C07    sing Y N 20  
6XV C04   C15    doub Y N 21  
6XV C07   N08    sing N N 22  
6XV C07   C14    doub Y N 23  
6XV C15   C14    sing Y N 24  
6XV N08   C09    doub N N 25  
6XV C09   N13    sing N N 26  
6XV C09   N10    sing N N 27  
6XV N13   C12    sing N N 28  
6XV N10   C11    sing N N 29  
6XV C12   C11    sing N N 30  
6XV N10   H1     sing N N 31  
6XV C14   H2     sing N N 32  
6XV C18   H3     sing N N 33  
6XV C26   H4     sing N N 34  
6XV C27   H5     sing N N 35  
6XV N03   H6     sing N N 36  
6XV C05   H7     sing N N 37  
6XV C06   H8     sing N N 38  
6XV C11   H9     sing N N 39  
6XV C11   H10    sing N N 40  
6XV C12   H11    sing N N 41  
6XV C12   H12    sing N N 42  
6XV N13   H13    sing N N 43  
6XV C15   H14    sing N N 44  
6XV C17   H15    sing N N 45  
6XV N22   H16    sing N N 46  
6XV C23   H17    sing N N 47  
6XV C23   H18    sing N N 48  
6XV C24   H19    sing N N 49  
6XV C24   H20    sing N N 50  
6XV N25   H21    sing N N 51  
DA  OP3   P      sing N N 52  
DA  OP3   HOP3   sing N N 53  
DA  P     OP1    doub N N 54  
DA  P     OP2    sing N N 55  
DA  P     "O5'"  sing N N 56  
DA  OP2   HOP2   sing N N 57  
DA  "O5'" "C5'"  sing N N 58  
DA  "C5'" "C4'"  sing N N 59  
DA  "C5'" "H5'"  sing N N 60  
DA  "C5'" "H5''" sing N N 61  
DA  "C4'" "O4'"  sing N N 62  
DA  "C4'" "C3'"  sing N N 63  
DA  "C4'" "H4'"  sing N N 64  
DA  "O4'" "C1'"  sing N N 65  
DA  "C3'" "O3'"  sing N N 66  
DA  "C3'" "C2'"  sing N N 67  
DA  "C3'" "H3'"  sing N N 68  
DA  "O3'" "HO3'" sing N N 69  
DA  "C2'" "C1'"  sing N N 70  
DA  "C2'" "H2'"  sing N N 71  
DA  "C2'" "H2''" sing N N 72  
DA  "C1'" N9     sing N N 73  
DA  "C1'" "H1'"  sing N N 74  
DA  N9    C8     sing Y N 75  
DA  N9    C4     sing Y N 76  
DA  C8    N7     doub Y N 77  
DA  C8    H8     sing N N 78  
DA  N7    C5     sing Y N 79  
DA  C5    C6     sing Y N 80  
DA  C5    C4     doub Y N 81  
DA  C6    N6     sing N N 82  
DA  C6    N1     doub Y N 83  
DA  N6    H61    sing N N 84  
DA  N6    H62    sing N N 85  
DA  N1    C2     sing Y N 86  
DA  C2    N3     doub Y N 87  
DA  C2    H2     sing N N 88  
DA  N3    C4     sing Y N 89  
DT  OP3   P      sing N N 90  
DT  OP3   HOP3   sing N N 91  
DT  P     OP1    doub N N 92  
DT  P     OP2    sing N N 93  
DT  P     "O5'"  sing N N 94  
DT  OP2   HOP2   sing N N 95  
DT  "O5'" "C5'"  sing N N 96  
DT  "C5'" "C4'"  sing N N 97  
DT  "C5'" "H5'"  sing N N 98  
DT  "C5'" "H5''" sing N N 99  
DT  "C4'" "O4'"  sing N N 100 
DT  "C4'" "C3'"  sing N N 101 
DT  "C4'" "H4'"  sing N N 102 
DT  "O4'" "C1'"  sing N N 103 
DT  "C3'" "O3'"  sing N N 104 
DT  "C3'" "C2'"  sing N N 105 
DT  "C3'" "H3'"  sing N N 106 
DT  "O3'" "HO3'" sing N N 107 
DT  "C2'" "C1'"  sing N N 108 
DT  "C2'" "H2'"  sing N N 109 
DT  "C2'" "H2''" sing N N 110 
DT  "C1'" N1     sing N N 111 
DT  "C1'" "H1'"  sing N N 112 
DT  N1    C2     sing N N 113 
DT  N1    C6     sing N N 114 
DT  C2    O2     doub N N 115 
DT  C2    N3     sing N N 116 
DT  N3    C4     sing N N 117 
DT  N3    H3     sing N N 118 
DT  C4    O4     doub N N 119 
DT  C4    C5     sing N N 120 
DT  C5    C7     sing N N 121 
DT  C5    C6     doub N N 122 
DT  C7    H71    sing N N 123 
DT  C7    H72    sing N N 124 
DT  C7    H73    sing N N 125 
DT  C6    H6     sing N N 126 
HOH O     H1     sing N N 127 
HOH O     H2     sing N N 128 
# 
_ndb_struct_conf_na.entry_id   5LIT 
_ndb_struct_conf_na.feature    'b-form double helix' 
# 
loop_
_ndb_struct_na_base_pair.model_number 
_ndb_struct_na_base_pair.i_label_asym_id 
_ndb_struct_na_base_pair.i_label_comp_id 
_ndb_struct_na_base_pair.i_label_seq_id 
_ndb_struct_na_base_pair.i_symmetry 
_ndb_struct_na_base_pair.j_label_asym_id 
_ndb_struct_na_base_pair.j_label_comp_id 
_ndb_struct_na_base_pair.j_label_seq_id 
_ndb_struct_na_base_pair.j_symmetry 
_ndb_struct_na_base_pair.shear 
_ndb_struct_na_base_pair.stretch 
_ndb_struct_na_base_pair.stagger 
_ndb_struct_na_base_pair.buckle 
_ndb_struct_na_base_pair.propeller 
_ndb_struct_na_base_pair.opening 
_ndb_struct_na_base_pair.pair_number 
_ndb_struct_na_base_pair.pair_name 
_ndb_struct_na_base_pair.i_auth_asym_id 
_ndb_struct_na_base_pair.i_auth_seq_id 
_ndb_struct_na_base_pair.i_PDB_ins_code 
_ndb_struct_na_base_pair.j_auth_asym_id 
_ndb_struct_na_base_pair.j_auth_seq_id 
_ndb_struct_na_base_pair.j_PDB_ins_code 
_ndb_struct_na_base_pair.hbond_type_28 
_ndb_struct_na_base_pair.hbond_type_12 
1 C DA 1 1_555 D DT 6 1_555 0.036  -0.149 -0.227 10.423 -13.616 0.993  1 A_DA1:DT6_B A 1 ? B 6 ? 20 1 
1 C DA 2 1_555 D DT 5 1_555 0.033  -0.083 0.016  12.763 -9.715  1.222  2 A_DA2:DT5_B A 2 ? B 5 ? 20 1 
1 C DA 3 1_555 D DT 4 1_555 0.148  -0.116 -0.050 6.921  -23.677 1.249  3 A_DA3:DT4_B A 3 ? B 4 ? 20 1 
1 C DT 4 1_555 D DA 3 1_555 -0.055 -0.099 -0.139 3.087  -19.680 9.207  4 A_DT4:DA3_B A 4 ? B 3 ? 20 1 
1 C DT 5 1_555 D DA 2 1_555 -0.123 -0.134 -0.059 -3.713 -13.515 1.617  5 A_DT5:DA2_B A 5 ? B 2 ? 20 1 
1 C DT 6 1_555 D DA 1 1_555 0.054  -0.123 0.026  11.020 -9.376  -0.120 6 A_DT6:DA1_B A 6 ? B 1 ? 20 1 
# 
loop_
_ndb_struct_na_base_pair_step.model_number 
_ndb_struct_na_base_pair_step.i_label_asym_id_1 
_ndb_struct_na_base_pair_step.i_label_comp_id_1 
_ndb_struct_na_base_pair_step.i_label_seq_id_1 
_ndb_struct_na_base_pair_step.i_symmetry_1 
_ndb_struct_na_base_pair_step.j_label_asym_id_1 
_ndb_struct_na_base_pair_step.j_label_comp_id_1 
_ndb_struct_na_base_pair_step.j_label_seq_id_1 
_ndb_struct_na_base_pair_step.j_symmetry_1 
_ndb_struct_na_base_pair_step.i_label_asym_id_2 
_ndb_struct_na_base_pair_step.i_label_comp_id_2 
_ndb_struct_na_base_pair_step.i_label_seq_id_2 
_ndb_struct_na_base_pair_step.i_symmetry_2 
_ndb_struct_na_base_pair_step.j_label_asym_id_2 
_ndb_struct_na_base_pair_step.j_label_comp_id_2 
_ndb_struct_na_base_pair_step.j_label_seq_id_2 
_ndb_struct_na_base_pair_step.j_symmetry_2 
_ndb_struct_na_base_pair_step.shift 
_ndb_struct_na_base_pair_step.slide 
_ndb_struct_na_base_pair_step.rise 
_ndb_struct_na_base_pair_step.tilt 
_ndb_struct_na_base_pair_step.roll 
_ndb_struct_na_base_pair_step.twist 
_ndb_struct_na_base_pair_step.x_displacement 
_ndb_struct_na_base_pair_step.y_displacement 
_ndb_struct_na_base_pair_step.helical_rise 
_ndb_struct_na_base_pair_step.inclination 
_ndb_struct_na_base_pair_step.tip 
_ndb_struct_na_base_pair_step.helical_twist 
_ndb_struct_na_base_pair_step.step_number 
_ndb_struct_na_base_pair_step.step_name 
_ndb_struct_na_base_pair_step.i_auth_asym_id_1 
_ndb_struct_na_base_pair_step.i_auth_seq_id_1 
_ndb_struct_na_base_pair_step.i_PDB_ins_code_1 
_ndb_struct_na_base_pair_step.j_auth_asym_id_1 
_ndb_struct_na_base_pair_step.j_auth_seq_id_1 
_ndb_struct_na_base_pair_step.j_PDB_ins_code_1 
_ndb_struct_na_base_pair_step.i_auth_asym_id_2 
_ndb_struct_na_base_pair_step.i_auth_seq_id_2 
_ndb_struct_na_base_pair_step.i_PDB_ins_code_2 
_ndb_struct_na_base_pair_step.j_auth_asym_id_2 
_ndb_struct_na_base_pair_step.j_auth_seq_id_2 
_ndb_struct_na_base_pair_step.j_PDB_ins_code_2 
1 C DA 1 1_555 D DT 6 1_555 C DA 2 1_555 D DT 5 1_555 0.473  -0.185 3.160 -1.041 -0.226 32.467 -0.293 -1.021 3.145 -0.404 1.861  
32.484 1 AA_DA1DA2:DT5DT6_BB A 1 ? B 6 ? A 2 ? B 5 ? 
1 C DA 2 1_555 D DT 5 1_555 C DA 3 1_555 D DT 4 1_555 -0.838 0.104  3.346 -2.748 3.074  39.169 -0.222 0.908  3.393 4.570  4.086  
39.377 2 AA_DA2DA3:DT4DT5_BB A 2 ? B 5 ? A 3 ? B 4 ? 
1 C DA 3 1_555 D DT 4 1_555 C DT 4 1_555 D DA 3 1_555 0.718  -0.566 3.249 1.460  1.424  32.464 -1.258 -1.028 3.250 2.545  -2.608 
32.526 3 AA_DA3DT4:DA3DT4_BB A 3 ? B 4 ? A 4 ? B 3 ? 
1 C DT 4 1_555 D DA 3 1_555 C DT 5 1_555 D DA 2 1_555 0.161  -0.178 3.328 1.837  5.128  38.584 -0.898 -0.016 3.283 7.713  -2.764 
38.952 4 AA_DT4DT5:DA2DA3_BB A 4 ? B 3 ? A 5 ? B 2 ? 
1 C DT 5 1_555 D DA 2 1_555 C DT 6 1_555 D DA 1 1_555 -0.185 -0.019 3.085 -3.577 6.536  34.452 -0.950 -0.197 3.034 10.877 5.954  
35.224 5 AA_DT5DT6:DA1DA2_BB A 5 ? B 2 ? A 6 ? B 1 ? 
# 
_pdbx_audit_support.funding_organization   'Government of Catalonia' 
_pdbx_audit_support.country                Spain 
_pdbx_audit_support.grant_number           '2015 SGR 080' 
_pdbx_audit_support.ordinal                1 
# 
_atom_sites.entry_id                    5LIT 
_atom_sites.fract_transf_matrix[1][1]   0.01551653 
_atom_sites.fract_transf_matrix[1][2]   -0.02176732 
_atom_sites.fract_transf_matrix[1][3]   -0.03604407 
_atom_sites.fract_transf_matrix[2][1]   0.02121773 
_atom_sites.fract_transf_matrix[2][2]   -0.00476909 
_atom_sites.fract_transf_matrix[2][3]   0.01201406 
_atom_sites.fract_transf_matrix[3][1]   -0.00506161 
_atom_sites.fract_transf_matrix[3][2]   -0.01220924 
_atom_sites.fract_transf_matrix[3][3]   0.00409261 
_atom_sites.fract_transf_vector[1]      0.288056 
_atom_sites.fract_transf_vector[2]      0.495746 
_atom_sites.fract_transf_vector[3]      -0.240732 
# 
loop_
_atom_type.symbol 
C  
MG 
N  
O  
P  
# 
loop_
_atom_site.group_PDB 
_atom_site.id 
_atom_site.type_symbol 
_atom_site.label_atom_id 
_atom_site.label_alt_id 
_atom_site.label_comp_id 
_atom_site.label_asym_id 
_atom_site.label_entity_id 
_atom_site.label_seq_id 
_atom_site.pdbx_PDB_ins_code 
_atom_site.Cartn_x 
_atom_site.Cartn_y 
_atom_site.Cartn_z 
_atom_site.occupancy 
_atom_site.B_iso_or_equiv 
_atom_site.pdbx_formal_charge 
_atom_site.auth_seq_id 
_atom_site.auth_comp_id 
_atom_site.auth_asym_id 
_atom_site.auth_atom_id 
_atom_site.pdbx_PDB_model_num 
ATOM   1   O  "O5'" . DA  A 1 1 ? -6.568  -23.109 19.389  1.00 14.36 ? 1   DA  D "O5'" 1 
ATOM   2   C  "C5'" . DA  A 1 1 ? -5.703  -22.603 18.367  1.00 12.73 ? 1   DA  D "C5'" 1 
ATOM   3   C  "C4'" . DA  A 1 1 ? -6.072  -23.124 17.003  1.00 9.38  ? 1   DA  D "C4'" 1 
ATOM   4   O  "O4'" . DA  A 1 1 ? -7.431  -22.694 16.669  1.00 9.61  ? 1   DA  D "O4'" 1 
ATOM   5   C  "C3'" . DA  A 1 1 ? -5.197  -22.641 15.879  1.00 9.02  ? 1   DA  D "C3'" 1 
ATOM   6   O  "O3'" . DA  A 1 1 ? -5.103  -23.695 14.923  1.00 11.20 ? 1   DA  D "O3'" 1 
ATOM   7   C  "C2'" . DA  A 1 1 ? -5.914  -21.410 15.397  1.00 9.25  ? 1   DA  D "C2'" 1 
ATOM   8   C  "C1'" . DA  A 1 1 ? -7.352  -21.689 15.629  1.00 9.61  ? 1   DA  D "C1'" 1 
ATOM   9   N  N9    . DA  A 1 1 ? -8.155  -20.555 15.990  1.00 8.93  ? 1   DA  D N9    1 
ATOM   10  C  C8    . DA  A 1 1 ? -7.887  -19.595 16.951  1.00 9.52  ? 1   DA  D C8    1 
ATOM   11  N  N7    . DA  A 1 1 ? -8.873  -18.758 17.122  1.00 9.42  ? 1   DA  D N7    1 
ATOM   12  C  C5    . DA  A 1 1 ? -9.877  -19.230 16.284  1.00 7.75  ? 1   DA  D C5    1 
ATOM   13  C  C6    . DA  A 1 1 ? -11.177 -18.776 16.020  1.00 8.77  ? 1   DA  D C6    1 
ATOM   14  N  N6    . DA  A 1 1 ? -11.708 -17.736 16.638  1.00 8.80  ? 1   DA  D N6    1 
ATOM   15  N  N1    . DA  A 1 1 ? -11.913 -19.447 15.133  1.00 7.44  ? 1   DA  D N1    1 
ATOM   16  C  C2    . DA  A 1 1 ? -11.374 -20.485 14.501  1.00 7.96  ? 1   DA  D C2    1 
ATOM   17  N  N3    . DA  A 1 1 ? -10.175 -21.038 14.684  1.00 7.95  ? 1   DA  D N3    1 
ATOM   18  C  C4    . DA  A 1 1 ? -9.457  -20.331 15.581  1.00 7.79  ? 1   DA  D C4    1 
ATOM   19  P  P     . DA  A 1 2 ? -4.161  -23.578 13.670  1.00 12.88 ? 2   DA  D P     1 
ATOM   20  O  OP1   . DA  A 1 2 ? -3.908  -24.966 13.309  1.00 16.41 ? 2   DA  D OP1   1 
ATOM   21  O  OP2   . DA  A 1 2 ? -3.023  -22.615 13.997  1.00 15.05 ? 2   DA  D OP2   1 
ATOM   22  O  "O5'" . DA  A 1 2 ? -5.056  -22.842 12.585  1.00 12.65 ? 2   DA  D "O5'" 1 
ATOM   23  C  "C5'" . DA  A 1 2 ? -6.156  -23.482 11.993  1.00 10.47 ? 2   DA  D "C5'" 1 
ATOM   24  C  "C4'" . DA  A 1 2 ? -6.914  -22.491 11.159  1.00 12.10 ? 2   DA  D "C4'" 1 
ATOM   25  O  "O4'" . DA  A 1 2 ? -7.531  -21.483 12.002  1.00 11.53 ? 2   DA  D "O4'" 1 
ATOM   26  C  "C3'" . DA  A 1 2 ? -6.061  -21.749 10.149  1.00 12.07 ? 2   DA  D "C3'" 1 
ATOM   27  O  "O3'" . DA  A 1 2 ? -6.630  -22.130 8.866   1.00 16.13 ? 2   DA  D "O3'" 1 
ATOM   28  C  "C2'" . DA  A 1 2 ? -6.185  -20.275 10.564  1.00 13.40 ? 2   DA  D "C2'" 1 
ATOM   29  C  "C1'" . DA  A 1 2 ? -7.527  -20.301 11.238  1.00 11.27 ? 2   DA  D "C1'" 1 
ATOM   30  N  N9    . DA  A 1 2 ? -7.734  -19.214 12.181  1.00 9.56  ? 2   DA  D N9    1 
ATOM   31  C  C8    . DA  A 1 2 ? -6.844  -18.673 13.068  1.00 10.58 ? 2   DA  D C8    1 
ATOM   32  N  N7    . DA  A 1 2 ? -7.357  -17.753 13.837  1.00 9.19  ? 2   DA  D N7    1 
ATOM   33  C  C5    . DA  A 1 2 ? -8.663  -17.621 13.375  1.00 8.07  ? 2   DA  D C5    1 
ATOM   34  C  C6    . DA  A 1 2 ? -9.720  -16.776 13.740  1.00 7.49  ? 2   DA  D C6    1 
ATOM   35  N  N6    . DA  A 1 2 ? -9.657  -15.861 14.693  1.00 7.72  ? 2   DA  D N6    1 
ATOM   36  N  N1    . DA  A 1 2 ? -10.890 -16.903 13.092  1.00 7.56  ? 2   DA  D N1    1 
ATOM   37  C  C2    . DA  A 1 2 ? -10.984 -17.852 12.137  1.00 8.97  ? 2   DA  D C2    1 
ATOM   38  N  N3    . DA  A 1 2 ? -10.061 -18.706 11.713  1.00 8.80  ? 2   DA  D N3    1 
ATOM   39  C  C4    . DA  A 1 2 ? -8.904  -18.510 12.346  1.00 9.22  ? 2   DA  D C4    1 
ATOM   40  P  P     . DA  A 1 3 ? -6.292  -21.405 7.462   1.00 16.51 ? 3   DA  D P     1 
ATOM   41  O  OP1   . DA  A 1 3 ? -6.264  -22.490 6.449   1.00 19.90 ? 3   DA  D OP1   1 
ATOM   42  O  OP2   . DA  A 1 3 ? -5.087  -20.575 7.595   1.00 18.36 ? 3   DA  D OP2   1 
ATOM   43  O  "O5'" . DA  A 1 3 ? -7.464  -20.336 7.283   1.00 13.66 ? 3   DA  D "O5'" 1 
ATOM   44  C  "C5'" . DA  A 1 3 ? -8.777  -20.832 7.150   1.00 13.12 ? 3   DA  D "C5'" 1 
ATOM   45  C  "C4'" . DA  A 1 3 ? -9.749  -19.716 6.939   1.00 12.52 ? 3   DA  D "C4'" 1 
ATOM   46  O  "O4'" . DA  A 1 3 ? -9.775  -18.877 8.116   1.00 12.30 ? 3   DA  D "O4'" 1 
ATOM   47  C  "C3'" . DA  A 1 3 ? -9.405  -18.861 5.736   1.00 12.18 ? 3   DA  D "C3'" 1 
ATOM   48  O  "O3'" . DA  A 1 3 ? -10.690 -18.668 5.058   1.00 13.32 ? 3   DA  D "O3'" 1 
ATOM   49  C  "C2'" . DA  A 1 3 ? -8.958  -17.540 6.326   1.00 11.48 ? 3   DA  D "C2'" 1 
ATOM   50  C  "C1'" . DA  A 1 3 ? -9.696  -17.540 7.703   1.00 10.10 ? 3   DA  D "C1'" 1 
ATOM   51  N  N9    . DA  A 1 3 ? -9.018  -16.836 8.771   1.00 9.93  ? 3   DA  D N9    1 
ATOM   52  C  C8    . DA  A 1 3 ? -7.700  -16.968 9.166   1.00 11.64 ? 3   DA  D C8    1 
ATOM   53  N  N7    . DA  A 1 3 ? -7.408  -16.271 10.221  1.00 10.86 ? 3   DA  D N7    1 
ATOM   54  C  C5    . DA  A 1 3 ? -8.564  -15.510 10.471  1.00 9.77  ? 3   DA  D C5    1 
ATOM   55  C  C6    . DA  A 1 3 ? -8.896  -14.522 11.428  1.00 9.64  ? 3   DA  D C6    1 
ATOM   56  N  N6    . DA  A 1 3 ? -8.059  -14.062 12.339  1.00 10.46 ? 3   DA  D N6    1 
ATOM   57  N  N1    . DA  A 1 3 ? -10.153 -13.997 11.394  1.00 9.33  ? 3   DA  D N1    1 
ATOM   58  C  C2    . DA  A 1 3 ? -11.031 -14.497 10.528  1.00 10.24 ? 3   DA  D C2    1 
ATOM   59  N  N3    . DA  A 1 3 ? -10.829 -15.397 9.565   1.00 9.56  ? 3   DA  D N3    1 
ATOM   60  C  C4    . DA  A 1 3 ? -9.579  -15.899 9.623   1.00 9.50  ? 3   DA  D C4    1 
ATOM   61  P  P     . DT  A 1 4 ? -10.850 -17.987 3.653   1.00 15.11 ? 4   DT  D P     1 
ATOM   62  O  OP1   . DT  A 1 4 ? -12.026 -18.512 3.015   1.00 17.46 ? 4   DT  D OP1   1 
ATOM   63  O  OP2   . DT  A 1 4 ? -9.588  -17.982 2.911   1.00 18.99 ? 4   DT  D OP2   1 
ATOM   64  O  "O5'" . DT  A 1 4 ? -11.066 -16.443 4.000   1.00 12.80 ? 4   DT  D "O5'" 1 
ATOM   65  C  "C5'" . DT  A 1 4 ? -12.332 -16.072 4.571   1.00 11.58 ? 4   DT  D "C5'" 1 
ATOM   66  C  "C4'" . DT  A 1 4 ? -12.305 -14.625 5.008   1.00 10.98 ? 4   DT  D "C4'" 1 
ATOM   67  O  "O4'" . DT  A 1 4 ? -11.364 -14.493 6.075   1.00 9.84  ? 4   DT  D "O4'" 1 
ATOM   68  C  "C3'" . DT  A 1 4 ? -11.831 -13.631 3.937   1.00 10.96 ? 4   DT  D "C3'" 1 
ATOM   69  O  "O3'" . DT  A 1 4 ? -12.997 -13.003 3.479   1.00 11.92 ? 4   DT  D "O3'" 1 
ATOM   70  C  "C2'" . DT  A 1 4 ? -10.851 -12.740 4.660   1.00 11.63 ? 4   DT  D "C2'" 1 
ATOM   71  C  "C1'" . DT  A 1 4 ? -11.085 -13.096 6.120   1.00 10.17 ? 4   DT  D "C1'" 1 
ATOM   72  N  N1    . DT  A 1 4 ? -9.914  -12.934 6.979   1.00 10.25 ? 4   DT  D N1    1 
ATOM   73  C  C2    . DT  A 1 4 ? -10.036 -12.072 8.067   1.00 9.30  ? 4   DT  D C2    1 
ATOM   74  O  O2    . DT  A 1 4 ? -11.017 -11.400 8.272   1.00 10.55 ? 4   DT  D O2    1 
ATOM   75  N  N3    . DT  A 1 4 ? -8.910  -11.964 8.826   1.00 9.30  ? 4   DT  D N3    1 
ATOM   76  C  C4    . DT  A 1 4 ? -7.716  -12.637 8.675   1.00 10.66 ? 4   DT  D C4    1 
ATOM   77  O  O4    . DT  A 1 4 ? -6.836  -12.464 9.492   1.00 10.62 ? 4   DT  D O4    1 
ATOM   78  C  C5    . DT  A 1 4 ? -7.664  -13.563 7.570   1.00 10.22 ? 4   DT  D C5    1 
ATOM   79  C  C7    . DT  A 1 4 ? -6.380  -14.280 7.278   1.00 12.53 ? 4   DT  D C7    1 
ATOM   80  C  C6    . DT  A 1 4 ? -8.751  -13.639 6.773   1.00 10.44 ? 4   DT  D C6    1 
ATOM   81  P  P     . DT  A 1 5 ? -12.962 -11.723 2.448   1.00 13.44 ? 5   DT  D P     1 
ATOM   82  O  OP1   . DT  A 1 5 ? -14.274 -11.729 1.796   1.00 15.61 ? 5   DT  D OP1   1 
ATOM   83  O  OP2   . DT  A 1 5 ? -11.711 -11.755 1.667   1.00 13.94 ? 5   DT  D OP2   1 
ATOM   84  O  "O5'" . DT  A 1 5 ? -12.826 -10.451 3.400   1.00 11.84 ? 5   DT  D "O5'" 1 
ATOM   85  C  "C5'" . DT  A 1 5 ? -13.868 -10.214 4.333   1.00 11.43 ? 5   DT  D "C5'" 1 
ATOM   86  C  "C4'" . DT  A 1 5 ? -13.557 -8.968  5.122   1.00 9.11  ? 5   DT  D "C4'" 1 
ATOM   87  O  "O4'" . DT  A 1 5 ? -12.398 -9.223  5.913   1.00 9.99  ? 5   DT  D "O4'" 1 
ATOM   88  C  "C3'" . DT  A 1 5 ? -13.238 -7.728  4.293   1.00 9.78  ? 5   DT  D "C3'" 1 
ATOM   89  O  "O3'" . DT  A 1 5 ? -14.250 -6.811  4.603   1.00 11.63 ? 5   DT  D "O3'" 1 
ATOM   90  C  "C2'" . DT  A 1 5 ? -11.840 -7.342  4.656   1.00 9.92  ? 5   DT  D "C2'" 1 
ATOM   91  C  "C1'" . DT  A 1 5 ? -11.676 -8.030  6.010   1.00 8.98  ? 5   DT  D "C1'" 1 
ATOM   92  N  N1    . DT  A 1 5 ? -10.292 -8.407  6.326   1.00 8.71  ? 5   DT  D N1    1 
ATOM   93  C  C2    . DT  A 1 5 ? -9.660  -7.863  7.429   1.00 7.91  ? 5   DT  D C2    1 
ATOM   94  O  O2    . DT  A 1 5 ? -10.172 -7.039  8.160   1.00 8.95  ? 5   DT  D O2    1 
ATOM   95  N  N3    . DT  A 1 5 ? -8.419  -8.375  7.676   1.00 7.28  ? 5   DT  D N3    1 
ATOM   96  C  C4    . DT  A 1 5 ? -7.741  -9.311  6.912   1.00 8.22  ? 5   DT  D C4    1 
ATOM   97  O  O4    . DT  A 1 5 ? -6.638  -9.700  7.255   1.00 8.61  ? 5   DT  D O4    1 
ATOM   98  C  C5    . DT  A 1 5 ? -8.439  -9.771  5.732   1.00 8.78  ? 5   DT  D C5    1 
ATOM   99  C  C7    . DT  A 1 5 ? -7.755  -10.700 4.783   1.00 10.87 ? 5   DT  D C7    1 
ATOM   100 C  C6    . DT  A 1 5 ? -9.648  -9.286  5.499   1.00 8.49  ? 5   DT  D C6    1 
ATOM   101 P  P     . DT  A 1 6 ? -14.416 -5.357  3.886   1.00 12.90 ? 6   DT  D P     1 
ATOM   102 O  OP1   . DT  A 1 6 ? -15.823 -5.007  4.158   1.00 16.27 ? 6   DT  D OP1   1 
ATOM   103 O  OP2   . DT  A 1 6 ? -13.858 -5.409  2.559   1.00 13.45 ? 6   DT  D OP2   1 
ATOM   104 O  "O5'" . DT  A 1 6 ? -13.431 -4.410  4.686   1.00 12.06 ? 6   DT  D "O5'" 1 
ATOM   105 C  "C5'" . DT  A 1 6 ? -13.791 -4.114  6.010   1.00 12.76 ? 6   DT  D "C5'" 1 
ATOM   106 C  "C4'" . DT  A 1 6 ? -12.676 -3.359  6.665   1.00 11.44 ? 6   DT  D "C4'" 1 
ATOM   107 O  "O4'" . DT  A 1 6 ? -11.508 -4.143  6.767   1.00 10.77 ? 6   DT  D "O4'" 1 
ATOM   108 C  "C3'" . DT  A 1 6 ? -12.313 -2.114  5.983   1.00 12.32 ? 6   DT  D "C3'" 1 
ATOM   109 O  "O3'" . DT  A 1 6 ? -12.341 -1.000  6.905   1.00 18.61 ? 6   DT  D "O3'" 1 
ATOM   110 C  "C2'" . DT  A 1 6 ? -10.833 -2.281  5.662   1.00 11.26 ? 6   DT  D "C2'" 1 
ATOM   111 C  "C1'" . DT  A 1 6 ? -10.397 -3.327  6.644   1.00 9.32  ? 6   DT  D "C1'" 1 
ATOM   112 N  N1    . DT  A 1 6 ? -9.276  -4.182  6.260   1.00 8.50  ? 6   DT  D N1    1 
ATOM   113 C  C2    . DT  A 1 6 ? -8.187  -4.326  7.145   1.00 8.58  ? 6   DT  D C2    1 
ATOM   114 O  O2    . DT  A 1 6 ? -8.095  -3.666  8.171   1.00 8.72  ? 6   DT  D O2    1 
ATOM   115 N  N3    . DT  A 1 6 ? -7.205  -5.175  6.781   1.00 7.57  ? 6   DT  D N3    1 
ATOM   116 C  C4    . DT  A 1 6 ? -7.168  -5.949  5.644   1.00 7.76  ? 6   DT  D C4    1 
ATOM   117 O  O4    . DT  A 1 6 ? -6.276  -6.706  5.404   1.00 8.38  ? 6   DT  D O4    1 
ATOM   118 C  C5    . DT  A 1 6 ? -8.353  -5.768  4.739   1.00 9.11  ? 6   DT  D C5    1 
ATOM   119 C  C7    . DT  A 1 6 ? -8.375  -6.523  3.467   1.00 9.55  ? 6   DT  D C7    1 
ATOM   120 C  C6    . DT  A 1 6 ? -9.288  -4.903  5.129   1.00 8.46  ? 6   DT  D C6    1 
ATOM   121 O  "O5'" . DA  B 1 1 ? 12.606  6.266   -4.641  1.00 21.53 ? 1   DA  C "O5'" 1 
ATOM   122 C  "C5'" . DA  B 1 1 ? 12.833  4.839   -4.787  1.00 19.07 ? 1   DA  C "C5'" 1 
ATOM   123 C  "C4'" . DA  B 1 1 ? 12.215  4.479   -6.106  1.00 17.66 ? 1   DA  C "C4'" 1 
ATOM   124 O  "O4'" . DA  B 1 1 ? 10.810  4.804   -6.025  1.00 15.95 ? 1   DA  C "O4'" 1 
ATOM   125 C  "C3'" . DA  B 1 1 ? 12.773  5.196   -7.307  1.00 17.62 ? 1   DA  C "C3'" 1 
ATOM   126 O  "O3'" . DA  B 1 1 ? 13.068  4.143   -8.294  1.00 20.32 ? 1   DA  C "O3'" 1 
ATOM   127 C  "C2'" . DA  B 1 1 ? 11.633  5.992   -7.881  1.00 16.58 ? 1   DA  C "C2'" 1 
ATOM   128 C  "C1'" . DA  B 1 1 ? 10.356  5.474   -7.191  1.00 14.86 ? 1   DA  C "C1'" 1 
ATOM   129 N  N9    . DA  B 1 1 ? 9.309   6.427   -6.772  1.00 11.87 ? 1   DA  C N9    1 
ATOM   130 C  C8    . DA  B 1 1 ? 9.360   7.309   -5.718  1.00 12.20 ? 1   DA  C C8    1 
ATOM   131 N  N7    . DA  B 1 1 ? 8.220   7.938   -5.507  1.00 10.43 ? 1   DA  C N7    1 
ATOM   132 C  C5    . DA  B 1 1 ? 7.358   7.411   -6.459  1.00 9.66  ? 1   DA  C C5    1 
ATOM   133 C  C6    . DA  B 1 1 ? 6.035   7.699   -6.794  1.00 8.40  ? 1   DA  C C6    1 
ATOM   134 N  N6    . DA  B 1 1 ? 5.261   8.551   -6.139  1.00 8.91  ? 1   DA  C N6    1 
ATOM   135 N  N1    . DA  B 1 1 ? 5.494   7.055   -7.845  1.00 8.54  ? 1   DA  C N1    1 
ATOM   136 C  C2    . DA  B 1 1 ? 6.247   6.195   -8.529  1.00 9.12  ? 1   DA  C C2    1 
ATOM   137 N  N3    . DA  B 1 1 ? 7.515   5.839   -8.311  1.00 10.72 ? 1   DA  C N3    1 
ATOM   138 C  C4    . DA  B 1 1 ? 8.024   6.511   -7.269  1.00 10.57 ? 1   DA  C C4    1 
ATOM   139 P  P     . DA  B 1 2 ? 13.998  4.470   -9.561  1.00 22.15 ? 2   DA  C P     1 
ATOM   140 O  OP1   . DA  B 1 2 ? 14.844  3.218   -9.923  1.00 34.20 ? 2   DA  C OP1   1 
ATOM   141 O  OP2   . DA  B 1 2 ? 14.492  5.931   -9.365  1.00 19.62 ? 2   DA  C OP2   1 
ATOM   142 O  "O5'" . DA  B 1 2 ? 13.039  4.919   -10.728 1.00 17.96 ? 2   DA  C "O5'" 1 
ATOM   143 C  "C5'" . DA  B 1 2 ? 12.269  3.931   -11.358 1.00 19.73 ? 2   DA  C "C5'" 1 
ATOM   144 C  "C4'" . DA  B 1 2 ? 11.405  4.694   -12.294 1.00 18.24 ? 2   DA  C "C4'" 1 
ATOM   145 O  "O4'" . DA  B 1 2 ? 10.460  5.511   -11.525 1.00 14.43 ? 2   DA  C "O4'" 1 
ATOM   146 C  "C3'" . DA  B 1 2 ? 12.088  5.646   -13.300 1.00 13.57 ? 2   DA  C "C3'" 1 
ATOM   147 O  "O3'" . DA  B 1 2 ? 11.554  5.214   -14.569 1.00 13.11 ? 2   DA  C "O3'" 1 
ATOM   148 C  "C2'" . DA  B 1 2 ? 11.642  7.048   -12.832 1.00 13.14 ? 2   DA  C "C2'" 1 
ATOM   149 C  "C1'" . DA  B 1 2 ? 10.315  6.766   -12.151 1.00 10.43 ? 2   DA  C "C1'" 1 
ATOM   150 N  N9    . DA  B 1 2 ? 9.953   7.711   -11.097 1.00 9.95  ? 2   DA  C N9    1 
ATOM   151 C  C8    . DA  B 1 2 ? 10.770  8.323   -10.178 1.00 11.74 ? 2   DA  C C8    1 
ATOM   152 N  N7    . DA  B 1 2 ? 10.127  9.067   -9.328  1.00 10.91 ? 2   DA  C N7    1 
ATOM   153 C  C5    . DA  B 1 2 ? 8.800   9.003   -9.739  1.00 10.05 ? 2   DA  C C5    1 
ATOM   154 C  C6    . DA  B 1 2 ? 7.610   9.599   -9.249  1.00 8.99  ? 2   DA  C C6    1 
ATOM   155 N  N6    . DA  B 1 2 ? 7.559   10.403  -8.186  1.00 9.17  ? 2   DA  C N6    1 
ATOM   156 N  N1    . DA  B 1 2 ? 6.474   9.361   -9.930  1.00 9.96  ? 2   DA  C N1    1 
ATOM   157 C  C2    . DA  B 1 2 ? 6.512   8.512   -10.971 1.00 10.67 ? 2   DA  C C2    1 
ATOM   158 N  N3    . DA  B 1 2 ? 7.547   7.870   -11.498 1.00 10.06 ? 2   DA  C N3    1 
ATOM   159 C  C4    . DA  B 1 2 ? 8.678   8.151   -10.820 1.00 9.96  ? 2   DA  C C4    1 
ATOM   160 P  P     . DA  B 1 3 ? 11.726  5.989   -15.953 1.00 12.66 ? 3   DA  C P     1 
ATOM   161 O  OP1   . DA  B 1 3 ? 11.704  4.918   -16.973 1.00 13.57 ? 3   DA  C OP1   1 
ATOM   162 O  OP2   . DA  B 1 3 ? 12.872  6.880   -15.958 1.00 13.43 ? 3   DA  C OP2   1 
ATOM   163 O  "O5'" . DA  B 1 3 ? 10.379  6.873   -16.070 1.00 11.65 ? 3   DA  C "O5'" 1 
ATOM   164 C  "C5'" . DA  B 1 3 ? 9.110   6.186   -16.105 1.00 10.97 ? 3   DA  C "C5'" 1 
ATOM   165 C  "C4'" . DA  B 1 3 ? 8.036   7.224   -16.290 1.00 10.45 ? 3   DA  C "C4'" 1 
ATOM   166 O  "O4'" . DA  B 1 3 ? 7.878   8.035   -15.078 1.00 9.92  ? 3   DA  C "O4'" 1 
ATOM   167 C  "C3'" . DA  B 1 3 ? 8.305   8.218   -17.417 1.00 8.91  ? 3   DA  C "C3'" 1 
ATOM   168 O  "O3'" . DA  B 1 3 ? 7.086   8.381   -18.149 1.00 9.37  ? 3   DA  C "O3'" 1 
ATOM   169 C  "C2'" . DA  B 1 3 ? 8.717   9.511   -16.721 1.00 9.42  ? 3   DA  C "C2'" 1 
ATOM   170 C  "C1'" . DA  B 1 3 ? 7.923   9.418   -15.432 1.00 8.87  ? 3   DA  C "C1'" 1 
ATOM   171 N  N9    . DA  B 1 3 ? 8.509   10.083  -14.295 1.00 7.88  ? 3   DA  C N9    1 
ATOM   172 C  C8    . DA  B 1 3 ? 9.811   9.980   -13.845 1.00 9.60  ? 3   DA  C C8    1 
ATOM   173 N  N7    . DA  B 1 3 ? 10.042  10.678  -12.764 1.00 8.49  ? 3   DA  C N7    1 
ATOM   174 C  C5    . DA  B 1 3 ? 8.799   11.167  -12.404 1.00 7.19  ? 3   DA  C C5    1 
ATOM   175 C  C6    . DA  B 1 3 ? 8.373   11.973  -11.322 1.00 6.83  ? 3   DA  C C6    1 
ATOM   176 N  N6    . DA  B 1 3 ? 9.172   12.344  -10.352 1.00 7.80  ? 3   DA  C N6    1 
ATOM   177 N  N1    . DA  B 1 3 ? 7.093   12.361  -11.296 1.00 8.43  ? 3   DA  C N1    1 
ATOM   178 C  C2    . DA  B 1 3 ? 6.287   11.971  -12.278 1.00 8.37  ? 3   DA  C C2    1 
ATOM   179 N  N3    . DA  B 1 3 ? 6.557   11.181  -13.337 1.00 7.94  ? 3   DA  C N3    1 
ATOM   180 C  C4    . DA  B 1 3 ? 7.857   10.866  -13.360 1.00 7.66  ? 3   DA  C C4    1 
ATOM   181 P  P     . DT  B 1 4 ? 6.957   9.157   -19.524 1.00 10.73 ? 4   DT  C P     1 
ATOM   182 O  OP1   . DT  B 1 4 ? 5.782   8.566   -20.208 1.00 11.72 ? 4   DT  C OP1   1 
ATOM   183 O  OP2   . DT  B 1 4 ? 8.255   9.220   -20.230 1.00 10.94 ? 4   DT  C OP2   1 
ATOM   184 O  "O5'" . DT  B 1 4 ? 6.608   10.630  -19.051 1.00 9.80  ? 4   DT  C "O5'" 1 
ATOM   185 C  "C5'" . DT  B 1 4 ? 5.334   10.860  -18.455 1.00 10.37 ? 4   DT  C "C5'" 1 
ATOM   186 C  "C4'" . DT  B 1 4 ? 5.321   12.245  -17.846 1.00 9.52  ? 4   DT  C "C4'" 1 
ATOM   187 O  "O4'" . DT  B 1 4 ? 6.211   12.324  -16.734 1.00 9.57  ? 4   DT  C "O4'" 1 
ATOM   188 C  "C3'" . DT  B 1 4 ? 5.781   13.376  -18.726 1.00 10.61 ? 4   DT  C "C3'" 1 
ATOM   189 O  "O3'" . DT  B 1 4 ? 4.547   14.007  -19.169 1.00 11.04 ? 4   DT  C "O3'" 1 
ATOM   190 C  "C2'" . DT  B 1 4 ? 6.622   14.295  -17.848 1.00 10.81 ? 4   DT  C "C2'" 1 
ATOM   191 C  "C1'" . DT  B 1 4 ? 6.380   13.712  -16.477 1.00 9.29  ? 4   DT  C "C1'" 1 
ATOM   192 N  N1    . DT  B 1 4 ? 7.462   13.858  -15.564 1.00 8.79  ? 4   DT  C N1    1 
ATOM   193 C  C2    . DT  B 1 4 ? 7.226   14.605  -14.407 1.00 8.85  ? 4   DT  C C2    1 
ATOM   194 O  O2    . DT  B 1 4 ? 6.136   15.055  -14.122 1.00 9.35  ? 4   DT  C O2    1 
ATOM   195 N  N3    . DT  B 1 4 ? 8.301   14.669  -13.562 1.00 7.90  ? 4   DT  C N3    1 
ATOM   196 C  C4    . DT  B 1 4 ? 9.560   14.183  -13.781 1.00 7.98  ? 4   DT  C C4    1 
ATOM   197 O  O4    . DT  B 1 4 ? 10.424  14.305  -12.918 1.00 8.69  ? 4   DT  C O4    1 
ATOM   198 C  C5    . DT  B 1 4 ? 9.745   13.450  -15.015 1.00 8.72  ? 4   DT  C C5    1 
ATOM   199 C  C7    . DT  B 1 4 ? 11.116  12.952  -15.355 1.00 9.96  ? 4   DT  C C7    1 
ATOM   200 C  C6    . DT  B 1 4 ? 8.708   13.334  -15.824 1.00 8.13  ? 4   DT  C C6    1 
ATOM   201 P  P     . DT  B 1 5 ? 4.572   15.428  -20.007 1.00 12.38 ? 5   DT  C P     1 
ATOM   202 O  OP1   . DT  B 1 5 ? 3.348   15.471  -20.735 1.00 14.55 ? 5   DT  C OP1   1 
ATOM   203 O  OP2   . DT  B 1 5 ? 5.871   15.619  -20.732 1.00 13.28 ? 5   DT  C OP2   1 
ATOM   204 O  "O5'" . DT  B 1 5 ? 4.455   16.541  -18.854 1.00 11.15 ? 5   DT  C "O5'" 1 
ATOM   205 C  "C5'" . DT  B 1 5 ? 3.328   16.496  -18.016 1.00 10.94 ? 5   DT  C "C5'" 1 
ATOM   206 C  "C4'" . DT  B 1 5 ? 3.445   17.606  -17.011 1.00 10.53 ? 5   DT  C "C4'" 1 
ATOM   207 O  "O4'" . DT  B 1 5 ? 4.598   17.422  -16.213 1.00 9.48  ? 5   DT  C "O4'" 1 
ATOM   208 C  "C3'" . DT  B 1 5 ? 3.532   19.025  -17.585 1.00 10.86 ? 5   DT  C "C3'" 1 
ATOM   209 O  "O3'" . DT  B 1 5 ? 2.496   19.802  -16.890 1.00 10.86 ? 5   DT  C "O3'" 1 
ATOM   210 C  "C2'" . DT  B 1 5 ? 4.929   19.480  -17.172 1.00 9.67  ? 5   DT  C "C2'" 1 
ATOM   211 C  "C1'" . DT  B 1 5 ? 5.217   18.653  -15.951 1.00 8.47  ? 5   DT  C "C1'" 1 
ATOM   212 N  N1    . DT  B 1 5 ? 6.621   18.411  -15.729 1.00 8.70  ? 5   DT  C N1    1 
ATOM   213 C  C2    . DT  B 1 5 ? 7.187   18.726  -14.534 1.00 8.93  ? 5   DT  C C2    1 
ATOM   214 O  O2    . DT  B 1 5 ? 6.605   19.407  -13.713 1.00 8.76  ? 5   DT  C O2    1 
ATOM   215 N  N3    . DT  B 1 5 ? 8.476   18.275  -14.350 1.00 8.32  ? 5   DT  C N3    1 
ATOM   216 C  C4    . DT  B 1 5 ? 9.233   17.548  -15.246 1.00 8.83  ? 5   DT  C C4    1 
ATOM   217 O  O4    . DT  B 1 5 ? 10.355  17.152  -14.920 1.00 9.00  ? 5   DT  C O4    1 
ATOM   218 C  C5    . DT  B 1 5 ? 8.582   17.249  -16.493 1.00 9.10  ? 5   DT  C C5    1 
ATOM   219 C  C7    . DT  B 1 5 ? 9.358   16.541  -17.549 1.00 10.31 ? 5   DT  C C7    1 
ATOM   220 C  C6    . DT  B 1 5 ? 7.329   17.718  -16.698 1.00 7.97  ? 5   DT  C C6    1 
ATOM   221 P  P     . DT  B 1 6 ? 2.038   21.272  -17.352 1.00 12.31 ? 6   DT  C P     1 
ATOM   222 O  OP1   . DT  B 1 6 ? 0.583   21.420  -16.900 1.00 13.92 ? 6   DT  C OP1   1 
ATOM   223 O  OP2   . DT  B 1 6 ? 2.370   21.491  -18.713 1.00 14.67 ? 6   DT  C OP2   1 
ATOM   224 O  "O5'" . DT  B 1 6 ? 2.974   22.287  -16.555 1.00 11.87 ? 6   DT  C "O5'" 1 
ATOM   225 C  "C5'" . DT  B 1 6 ? 2.817   22.305  -15.111 1.00 11.44 ? 6   DT  C "C5'" 1 
ATOM   226 C  "C4'" . DT  B 1 6 ? 3.994   23.113  -14.590 1.00 13.21 ? 6   DT  C "C4'" 1 
ATOM   227 O  "O4'" . DT  B 1 6 ? 5.226   22.326  -14.748 1.00 11.40 ? 6   DT  C "O4'" 1 
ATOM   228 C  "C3'" . DT  B 1 6 ? 4.303   24.450  -15.282 1.00 13.60 ? 6   DT  C "C3'" 1 
ATOM   229 O  "O3'" . DT  B 1 6 ? 4.187   25.481  -14.336 1.00 22.20 ? 6   DT  C "O3'" 1 
ATOM   230 C  "C2'" . DT  B 1 6 ? 5.748   24.345  -15.674 1.00 13.84 ? 6   DT  C "C2'" 1 
ATOM   231 C  "C1'" . DT  B 1 6 ? 6.301   23.221  -14.776 1.00 11.33 ? 6   DT  C "C1'" 1 
ATOM   232 N  N1    . DT  B 1 6 ? 7.439   22.479  -15.347 1.00 10.48 ? 6   DT  C N1    1 
ATOM   233 C  C2    . DT  B 1 6 ? 8.531   22.273  -14.537 1.00 8.35  ? 6   DT  C C2    1 
ATOM   234 O  O2    . DT  B 1 6 ? 8.621   22.707  -13.405 1.00 9.86  ? 6   DT  C O2    1 
ATOM   235 N  N3    . DT  B 1 6 ? 9.505   21.480  -15.084 1.00 7.92  ? 6   DT  C N3    1 
ATOM   236 C  C4    . DT  B 1 6 ? 9.522   20.930  -16.334 1.00 8.57  ? 6   DT  C C4    1 
ATOM   237 O  O4    . DT  B 1 6 ? 10.450  20.198  -16.671 1.00 9.79  ? 6   DT  C O4    1 
ATOM   238 C  C5    . DT  B 1 6 ? 8.365   21.225  -17.142 1.00 9.74  ? 6   DT  C C5    1 
ATOM   239 C  C7    . DT  B 1 6 ? 8.285   20.632  -18.514 1.00 11.87 ? 6   DT  C C7    1 
ATOM   240 C  C6    . DT  B 1 6 ? 7.394   21.973  -16.609 1.00 9.45  ? 6   DT  C C6    1 
ATOM   241 O  "O5'" . DA  C 1 1 ? -11.228 -5.345  1.724   1.00 15.57 ? 1   DA  A "O5'" 1 
ATOM   242 C  "C5'" . DA  C 1 1 ? -10.949 -4.204  0.842   1.00 10.56 ? 1   DA  A "C5'" 1 
ATOM   243 C  "C4'" . DA  C 1 1 ? -10.848 -2.905  1.626   1.00 10.20 ? 1   DA  A "C4'" 1 
ATOM   244 O  "O4'" . DA  C 1 1 ? -9.815  -3.034  2.623   1.00 10.11 ? 1   DA  A "O4'" 1 
ATOM   245 C  "C3'" . DA  C 1 1 ? -10.504 -1.634  0.833   1.00 10.02 ? 1   DA  A "C3'" 1 
ATOM   246 O  "O3'" . DA  C 1 1 ? -11.209 -0.542  1.434   1.00 9.98  ? 1   DA  A "O3'" 1 
ATOM   247 C  "C2'" . DA  C 1 1 ? -8.962  -1.575  0.952   1.00 9.60  ? 1   DA  A "C2'" 1 
ATOM   248 C  "C1'" . DA  C 1 1 ? -8.764  -2.106  2.392   1.00 9.01  ? 1   DA  A "C1'" 1 
ATOM   249 N  N9    . DA  C 1 1 ? -7.501  -2.780  2.554   1.00 8.82  ? 1   DA  A N9    1 
ATOM   250 C  C8    . DA  C 1 1 ? -6.948  -3.719  1.721   1.00 8.32  ? 1   DA  A C8    1 
ATOM   251 N  N7    . DA  C 1 1 ? -5.865  -4.268  2.215   1.00 9.83  ? 1   DA  A N7    1 
ATOM   252 C  C5    . DA  C 1 1 ? -5.734  -3.707  3.477   1.00 8.64  ? 1   DA  A C5    1 
ATOM   253 C  C6    . DA  C 1 1 ? -4.715  -3.817  4.451   1.00 8.21  ? 1   DA  A C6    1 
ATOM   254 N  N6    . DA  C 1 1 ? -3.711  -4.663  4.364   1.00 9.83  ? 1   DA  A N6    1 
ATOM   255 N  N1    . DA  C 1 1 ? -4.808  -3.048  5.543   1.00 8.31  ? 1   DA  A N1    1 
ATOM   256 C  C2    . DA  C 1 1 ? -5.852  -2.206  5.651   1.00 7.96  ? 1   DA  A C2    1 
ATOM   257 N  N3    . DA  C 1 1 ? -6.848  -1.981  4.785   1.00 7.45  ? 1   DA  A N3    1 
ATOM   258 C  C4    . DA  C 1 1 ? -6.707  -2.761  3.689   1.00 7.86  ? 1   DA  A C4    1 
ATOM   259 P  P     . DA  C 1 2 ? -11.133 0.904   0.839   1.00 8.73  ? 2   DA  A P     1 
ATOM   260 O  OP1   . DA  C 1 2 ? -12.366 1.555   1.281   1.00 10.02 ? 2   DA  A OP1   1 
ATOM   261 O  OP2   . DA  C 1 2 ? -10.799 0.898   -0.616  1.00 8.41  ? 2   DA  A OP2   1 
ATOM   262 O  "O5'" . DA  C 1 2 ? -9.869  1.522   1.585   1.00 8.86  ? 2   DA  A "O5'" 1 
ATOM   263 C  "C5'" . DA  C 1 2 ? -9.931  1.677   3.023   1.00 8.53  ? 2   DA  A "C5'" 1 
ATOM   264 C  "C4'" . DA  C 1 2 ? -8.622  2.238   3.470   1.00 8.30  ? 2   DA  A "C4'" 1 
ATOM   265 O  "O4'" . DA  C 1 2 ? -7.621  1.229   3.415   1.00 8.70  ? 2   DA  A "O4'" 1 
ATOM   266 C  "C3'" . DA  C 1 2 ? -8.097  3.406   2.625   1.00 7.87  ? 2   DA  A "C3'" 1 
ATOM   267 O  "O3'" . DA  C 1 2 ? -7.511  4.371   3.494   1.00 9.18  ? 2   DA  A "O3'" 1 
ATOM   268 C  "C2'" . DA  C 1 2 ? -6.970  2.752   1.789   1.00 8.28  ? 2   DA  A "C2'" 1 
ATOM   269 C  "C1'" . DA  C 1 2 ? -6.443  1.828   2.873   1.00 7.43  ? 2   DA  A "C1'" 1 
ATOM   270 N  N9    . DA  C 1 2 ? -5.641  0.742   2.368   1.00 7.29  ? 2   DA  A N9    1 
ATOM   271 C  C8    . DA  C 1 2 ? -5.736  0.035   1.205   1.00 8.80  ? 2   DA  A C8    1 
ATOM   272 N  N7    . DA  C 1 2 ? -4.858  -0.921  1.096   1.00 8.15  ? 2   DA  A N7    1 
ATOM   273 C  C5    . DA  C 1 2 ? -4.126  -0.835  2.283   1.00 7.36  ? 2   DA  A C5    1 
ATOM   274 C  C6    . DA  C 1 2 ? -3.026  -1.560  2.765   1.00 7.62  ? 2   DA  A C6    1 
ATOM   275 N  N6    . DA  C 1 2 ? -2.465  -2.552  2.084   1.00 8.37  ? 2   DA  A N6    1 
ATOM   276 N  N1    . DA  C 1 2 ? -2.500  -1.232  3.958   1.00 8.12  ? 2   DA  A N1    1 
ATOM   277 C  C2    . DA  C 1 2 ? -3.085  -0.221  4.643   1.00 7.47  ? 2   DA  A C2    1 
ATOM   278 N  N3    . DA  C 1 2 ? -4.112  0.539   4.281   1.00 7.73  ? 2   DA  A N3    1 
ATOM   279 C  C4    . DA  C 1 2 ? -4.598  0.170   3.074   1.00 7.77  ? 2   DA  A C4    1 
ATOM   280 P  P     . DA  C 1 3 ? -7.405  5.887   3.143   1.00 8.70  ? 3   DA  A P     1 
ATOM   281 O  OP1   . DA  C 1 3 ? -8.638  6.567   3.576   1.00 9.66  ? 3   DA  A OP1   1 
ATOM   282 O  OP2   . DA  C 1 3 ? -6.940  6.086   1.742   1.00 9.14  ? 3   DA  A OP2   1 
ATOM   283 O  "O5'" . DA  C 1 3 ? -6.189  6.280   4.041   1.00 8.99  ? 3   DA  A "O5'" 1 
ATOM   284 C  "C5'" . DA  C 1 3 ? -6.275  6.066   5.523   1.00 7.73  ? 3   DA  A "C5'" 1 
ATOM   285 C  "C4'" . DA  C 1 3 ? -4.869  6.059   6.063   1.00 7.39  ? 3   DA  A "C4'" 1 
ATOM   286 O  "O4'" . DA  C 1 3 ? -4.217  4.883   5.588   1.00 7.72  ? 3   DA  A "O4'" 1 
ATOM   287 C  "C3'" . DA  C 1 3 ? -4.029  7.210   5.589   1.00 7.23  ? 3   DA  A "C3'" 1 
ATOM   288 O  "O3'" . DA  C 1 3 ? -3.251  7.660   6.725   1.00 8.59  ? 3   DA  A "O3'" 1 
ATOM   289 C  "C2'" . DA  C 1 3 ? -3.174  6.624   4.465   1.00 6.79  ? 3   DA  A "C2'" 1 
ATOM   290 C  "C1'" . DA  C 1 3 ? -3.012  5.212   4.931   1.00 6.78  ? 3   DA  A "C1'" 1 
ATOM   291 N  N9    . DA  C 1 3 ? -2.843  4.276   3.820   1.00 6.45  ? 3   DA  A N9    1 
ATOM   292 C  C8    . DA  C 1 3 ? -3.613  4.200   2.705   1.00 6.41  ? 3   DA  A C8    1 
ATOM   293 N  N7    . DA  C 1 3 ? -3.227  3.243   1.882   1.00 5.87  ? 3   DA  A N7    1 
ATOM   294 C  C5    . DA  C 1 3 ? -2.156  2.658   2.510   1.00 5.82  ? 3   DA  A C5    1 
ATOM   295 C  C6    . DA  C 1 3 ? -1.319  1.582   2.145   1.00 6.22  ? 3   DA  A C6    1 
ATOM   296 N  N6    . DA  C 1 3 ? -1.430  0.868   1.033   1.00 5.64  ? 3   DA  A N6    1 
ATOM   297 N  N1    . DA  C 1 3 ? -0.359  1.237   3.003   1.00 5.90  ? 3   DA  A N1    1 
ATOM   298 C  C2    . DA  C 1 3 ? -0.236  1.918   4.172   1.00 6.98  ? 3   DA  A C2    1 
ATOM   299 N  N3    . DA  C 1 3 ? -0.985  2.905   4.655   1.00 6.52  ? 3   DA  A N3    1 
ATOM   300 C  C4    . DA  C 1 3 ? -1.939  3.249   3.748   1.00 6.62  ? 3   DA  A C4    1 
ATOM   301 P  P     . DT  C 1 4 ? -2.279  8.915   6.606   1.00 11.17 ? 4   DT  A P     1 
ATOM   302 O  OP1   . DT  C 1 4 ? -2.162  9.460   7.954   1.00 14.49 ? 4   DT  A OP1   1 
ATOM   303 O  OP2   . DT  C 1 4 ? -2.663  9.786   5.499   1.00 14.05 ? 4   DT  A OP2   1 
ATOM   304 O  "O5'" . DT  C 1 4 ? -0.897  8.252   6.117   1.00 10.28 ? 4   DT  A "O5'" 1 
ATOM   305 C  "C5'" . DT  C 1 4 ? -0.203  7.376   7.016   1.00 10.52 ? 4   DT  A "C5'" 1 
ATOM   306 C  "C4'" . DT  C 1 4 ? 0.949   6.810   6.243   1.00 9.55  ? 4   DT  A "C4'" 1 
ATOM   307 O  "O4'" . DT  C 1 4 ? 0.452   5.991   5.175   1.00 8.46  ? 4   DT  A "O4'" 1 
ATOM   308 C  "C3'" . DT  C 1 4 ? 1.881   7.859   5.622   1.00 9.54  ? 4   DT  A "C3'" 1 
ATOM   309 O  "O3'" . DT  C 1 4 ? 3.092   7.800   6.409   1.00 10.41 ? 4   DT  A "O3'" 1 
ATOM   310 C  "C2'" . DT  C 1 4 ? 2.097   7.349   4.189   1.00 8.60  ? 4   DT  A "C2'" 1 
ATOM   311 C  "C1'" . DT  C 1 4 ? 1.528   5.910   4.219   1.00 8.57  ? 4   DT  A "C1'" 1 
ATOM   312 N  N1    . DT  C 1 4 ? 0.935   5.439   2.972   1.00 7.56  ? 4   DT  A N1    1 
ATOM   313 C  C2    . DT  C 1 4 ? 1.447   4.334   2.361   1.00 6.43  ? 4   DT  A C2    1 
ATOM   314 O  O2    . DT  C 1 4 ? 2.424   3.752   2.802   1.00 8.03  ? 4   DT  A O2    1 
ATOM   315 N  N3    . DT  C 1 4 ? 0.822   3.978   1.219   1.00 6.97  ? 4   DT  A N3    1 
ATOM   316 C  C4    . DT  C 1 4 ? -0.276  4.568   0.644   1.00 6.29  ? 4   DT  A C4    1 
ATOM   317 O  O4    . DT  C 1 4 ? -0.775  4.090   -0.351  1.00 7.53  ? 4   DT  A O4    1 
ATOM   318 C  C5    . DT  C 1 4 ? -0.712  5.786   1.263   1.00 6.89  ? 4   DT  A C5    1 
ATOM   319 C  C7    . DT  C 1 4 ? -1.854  6.548   0.664   1.00 7.39  ? 4   DT  A C7    1 
ATOM   320 C  C6    . DT  C 1 4 ? -0.116  6.143   2.406   1.00 7.11  ? 4   DT  A C6    1 
ATOM   321 P  P     . DT  C 1 5 ? 4.359   8.712   6.095   1.00 12.86 ? 5   DT  A P     1 
ATOM   322 O  OP1   . DT  C 1 5 ? 5.140   8.854   7.306   1.00 15.59 ? 5   DT  A OP1   1 
ATOM   323 O  OP2   . DT  C 1 5 ? 3.952   9.943   5.412   1.00 13.98 ? 5   DT  A OP2   1 
ATOM   324 O  "O5'" . DT  C 1 5 ? 5.165   7.957   4.947   1.00 11.33 ? 5   DT  A "O5'" 1 
ATOM   325 C  "C5'" . DT  C 1 5 ? 5.746   6.701   5.316   1.00 11.84 ? 5   DT  A "C5'" 1 
ATOM   326 C  "C4'" . DT  C 1 5 ? 6.367   6.107   4.107   1.00 8.39  ? 5   DT  A "C4'" 1 
ATOM   327 O  "O4'" . DT  C 1 5 ? 5.334   5.787   3.166   1.00 8.58  ? 5   DT  A "O4'" 1 
ATOM   328 C  "C3'" . DT  C 1 5 ? 7.400   6.930   3.334   1.00 10.45 ? 5   DT  A "C3'" 1 
ATOM   329 O  "O3'" . DT  C 1 5 ? 8.616   6.219   3.494   1.00 13.59 ? 5   DT  A "O3'" 1 
ATOM   330 C  "C2'" . DT  C 1 5 ? 6.844   7.004   1.953   1.00 11.05 ? 5   DT  A "C2'" 1 
ATOM   331 C  "C1'" . DT  C 1 5 ? 5.908   5.850   1.900   1.00 7.59  ? 5   DT  A "C1'" 1 
ATOM   332 N  N1    . DT  C 1 5 ? 4.814   6.013   0.933   1.00 7.64  ? 5   DT  A N1    1 
ATOM   333 C  C2    . DT  C 1 5 ? 4.646   5.096   -0.079  1.00 7.71  ? 5   DT  A C2    1 
ATOM   334 O  O2    . DT  C 1 5 ? 5.407   4.188   -0.289  1.00 8.30  ? 5   DT  A O2    1 
ATOM   335 N  N3    . DT  C 1 5 ? 3.517   5.272   -0.834  1.00 7.37  ? 5   DT  A N3    1 
ATOM   336 C  C4    . DT  C 1 5 ? 2.593   6.272   -0.708  1.00 7.56  ? 5   DT  A C4    1 
ATOM   337 O  O4    . DT  C 1 5 ? 1.631   6.289   -1.439  1.00 7.74  ? 5   DT  A O4    1 
ATOM   338 C  C5    . DT  C 1 5 ? 2.855   7.257   0.335   1.00 7.97  ? 5   DT  A C5    1 
ATOM   339 C  C7    . DT  C 1 5 ? 1.957   8.436   0.453   1.00 8.40  ? 5   DT  A C7    1 
ATOM   340 C  C6    . DT  C 1 5 ? 3.958   7.098   1.050   1.00 7.91  ? 5   DT  A C6    1 
ATOM   341 P  P     . DT  C 1 6 ? 10.016  6.805   2.963   1.00 17.75 ? 6   DT  A P     1 
ATOM   342 O  OP1   . DT  C 1 6 ? 11.017  6.168   3.757   1.00 25.42 ? 6   DT  A OP1   1 
ATOM   343 O  OP2   . DT  C 1 6 ? 9.983   8.322   2.956   1.00 22.43 ? 6   DT  A OP2   1 
ATOM   344 O  "O5'" . DT  C 1 6 ? 10.109  6.311   1.459   1.00 12.88 ? 6   DT  A "O5'" 1 
ATOM   345 C  "C5'" . DT  C 1 6 ? 10.269  4.918   1.159   1.00 12.69 ? 6   DT  A "C5'" 1 
ATOM   346 C  "C4'" . DT  C 1 6 ? 10.357  4.784   -0.340  1.00 10.70 ? 6   DT  A "C4'" 1 
ATOM   347 O  "O4'" . DT  C 1 6 ? 9.039   5.078   -0.854  1.00 12.54 ? 6   DT  A "O4'" 1 
ATOM   348 C  "C3'" . DT  C 1 6 ? 11.296  5.809   -0.985  1.00 11.67 ? 6   DT  A "C3'" 1 
ATOM   349 O  "O3'" . DT  C 1 6 ? 12.449  5.141   -1.464  1.00 16.30 ? 6   DT  A "O3'" 1 
ATOM   350 C  "C2'" . DT  C 1 6 ? 10.476  6.474   -2.054  1.00 11.64 ? 6   DT  A "C2'" 1 
ATOM   351 C  "C1'" . DT  C 1 6 ? 9.220   5.651   -2.145  1.00 12.34 ? 6   DT  A "C1'" 1 
ATOM   352 N  N1    . DT  C 1 6 ? 7.980   6.375   -2.421  1.00 10.50 ? 6   DT  A N1    1 
ATOM   353 C  C2    . DT  C 1 6 ? 7.068   5.791   -3.306  1.00 10.58 ? 6   DT  A C2    1 
ATOM   354 O  O2    . DT  C 1 6 ? 7.348   4.838   -4.019  1.00 10.06 ? 6   DT  A O2    1 
ATOM   355 N  N3    . DT  C 1 6 ? 5.878   6.431   -3.390  1.00 9.53  ? 6   DT  A N3    1 
ATOM   356 C  C4    . DT  C 1 6 ? 5.449   7.513   -2.651  1.00 11.04 ? 6   DT  A C4    1 
ATOM   357 O  O4    . DT  C 1 6 ? 4.311   7.946   -2.820  1.00 9.63  ? 6   DT  A O4    1 
ATOM   358 C  C5    . DT  C 1 6 ? 6.431   8.065   -1.733  1.00 10.00 ? 6   DT  A C5    1 
ATOM   359 C  C7    . DT  C 1 6 ? 6.072   9.292   -0.971  1.00 10.79 ? 6   DT  A C7    1 
ATOM   360 C  C6    . DT  C 1 6 ? 7.621   7.464   -1.651  1.00 10.94 ? 6   DT  A C6    1 
ATOM   361 O  "O5'" . DA  D 1 1 ? -1.454  3.265   -10.331 1.00 21.25 ? 1   DA  B "O5'" 1 
ATOM   362 C  "C5'" . DA  D 1 1 ? -0.693  3.007   -11.456 1.00 24.10 ? 1   DA  B "C5'" 1 
ATOM   363 C  "C4'" . DA  D 1 1 ? 0.675   2.614   -11.029 1.00 20.30 ? 1   DA  B "C4'" 1 
ATOM   364 O  "O4'" . DA  D 1 1 ? 1.384   3.790   -10.698 1.00 20.19 ? 1   DA  B "O4'" 1 
ATOM   365 C  "C3'" . DA  D 1 1 ? 0.816   1.688   -9.830  1.00 14.69 ? 1   DA  B "C3'" 1 
ATOM   366 O  "O3'" . DA  D 1 1 ? 0.540   0.395   -10.369 1.00 14.57 ? 1   DA  B "O3'" 1 
ATOM   367 C  "C2'" . DA  D 1 1 ? 2.265   1.951   -9.503  1.00 15.46 ? 1   DA  B "C2'" 1 
ATOM   368 C  "C1'" . DA  D 1 1 ? 2.302   3.460   -9.695  1.00 15.76 ? 1   DA  B "C1'" 1 
ATOM   369 N  N9    . DA  D 1 1 ? 1.956   4.240   -8.533  1.00 13.39 ? 1   DA  B N9    1 
ATOM   370 C  C8    . DA  D 1 1 ? 0.855   4.973   -8.252  1.00 14.63 ? 1   DA  B C8    1 
ATOM   371 N  N7    . DA  D 1 1 ? 0.944   5.693   -7.155  1.00 14.84 ? 1   DA  B N7    1 
ATOM   372 C  C5    . DA  D 1 1 ? 2.190   5.382   -6.667  1.00 12.13 ? 1   DA  B C5    1 
ATOM   373 C  C6    . DA  D 1 1 ? 2.901   5.840   -5.538  1.00 8.56  ? 1   DA  B C6    1 
ATOM   374 N  N6    . DA  D 1 1 ? 2.408   6.721   -4.650  1.00 9.73  ? 1   DA  B N6    1 
ATOM   375 N  N1    . DA  D 1 1 ? 4.128   5.350   -5.361  1.00 8.64  ? 1   DA  B N1    1 
ATOM   376 C  C2    . DA  D 1 1 ? 4.632   4.487   -6.269  1.00 9.03  ? 1   DA  B C2    1 
ATOM   377 N  N3    . DA  D 1 1 ? 4.065   4.005   -7.361  1.00 10.87 ? 1   DA  B N3    1 
ATOM   378 C  C4    . DA  D 1 1 ? 2.836   4.495   -7.507  1.00 10.32 ? 1   DA  B C4    1 
ATOM   379 P  P     . DA  D 1 2 ? 0.135   -0.868  -9.449  1.00 12.35 ? 2   DA  B P     1 
ATOM   380 O  OP1   . DA  D 1 2 ? -0.182  -1.933  -10.448 1.00 13.10 ? 2   DA  B OP1   1 
ATOM   381 O  OP2   . DA  D 1 2 ? -0.847  -0.493  -8.455  1.00 14.53 ? 2   DA  B OP2   1 
ATOM   382 O  "O5'" . DA  D 1 2 ? 1.418   -1.176  -8.591  1.00 11.94 ? 2   DA  B "O5'" 1 
ATOM   383 C  "C5'" . DA  D 1 2 ? 2.702   -1.376  -9.261  1.00 12.30 ? 2   DA  B "C5'" 1 
ATOM   384 C  "C4'" . DA  D 1 2 ? 3.775   -1.578  -8.218  1.00 11.33 ? 2   DA  B "C4'" 1 
ATOM   385 O  "O4'" . DA  D 1 2 ? 3.819   -0.338  -7.467  1.00 11.18 ? 2   DA  B "O4'" 1 
ATOM   386 C  "C3'" . DA  D 1 2 ? 3.540   -2.655  -7.167  1.00 9.96  ? 2   DA  B "C3'" 1 
ATOM   387 O  "O3'" . DA  D 1 2 ? 4.860   -3.089  -6.761  1.00 10.97 ? 2   DA  B "O3'" 1 
ATOM   388 C  "C2'" . DA  D 1 2 ? 2.843   -1.935  -6.050  1.00 9.75  ? 2   DA  B "C2'" 1 
ATOM   389 C  "C1'" . DA  D 1 2 ? 3.497   -0.558  -6.099  1.00 9.06  ? 2   DA  B "C1'" 1 
ATOM   390 N  N9    . DA  D 1 2 ? 2.674   0.535   -5.651  1.00 8.74  ? 2   DA  B N9    1 
ATOM   391 C  C8    . DA  D 1 2 ? 1.368   0.801   -6.008  1.00 9.38  ? 2   DA  B C8    1 
ATOM   392 N  N7    . DA  D 1 2 ? 0.859   1.810   -5.367  1.00 9.29  ? 2   DA  B N7    1 
ATOM   393 C  C5    . DA  D 1 2 ? 1.891   2.250   -4.557  1.00 7.90  ? 2   DA  B C5    1 
ATOM   394 C  C6    . DA  D 1 2 ? 1.947   3.285   -3.619  1.00 7.58  ? 2   DA  B C6    1 
ATOM   395 N  N6    . DA  D 1 2 ? 0.914   4.077   -3.364  1.00 7.46  ? 2   DA  B N6    1 
ATOM   396 N  N1    . DA  D 1 2 ? 3.100   3.464   -2.939  1.00 7.04  ? 2   DA  B N1    1 
ATOM   397 C  C2    . DA  D 1 2 ? 4.123   2.676   -3.247  1.00 8.19  ? 2   DA  B C2    1 
ATOM   398 N  N3    . DA  D 1 2 ? 4.173   1.648   -4.080  1.00 8.22  ? 2   DA  B N3    1 
ATOM   399 C  C4    . DA  D 1 2 ? 3.003   1.499   -4.719  1.00 7.79  ? 2   DA  B C4    1 
ATOM   400 P  P     . DA  D 1 3 ? 5.144   -4.167  -5.647  1.00 10.63 ? 3   DA  B P     1 
ATOM   401 O  OP1   . DA  D 1 3 ? 6.289   -4.999  -6.101  1.00 11.73 ? 3   DA  B OP1   1 
ATOM   402 O  OP2   . DA  D 1 3 ? 3.892   -4.817  -5.259  1.00 10.93 ? 3   DA  B OP2   1 
ATOM   403 O  "O5'" . DA  D 1 3 ? 5.561   -3.296  -4.382  1.00 9.72  ? 3   DA  B "O5'" 1 
ATOM   404 C  "C5'" . DA  D 1 3 ? 6.865   -2.629  -4.416  1.00 10.20 ? 3   DA  B "C5'" 1 
ATOM   405 C  "C4'" . DA  D 1 3 ? 7.234   -2.197  -3.024  1.00 8.52  ? 3   DA  B "C4'" 1 
ATOM   406 O  "O4'" . DA  D 1 3 ? 6.346   -1.137  -2.597  1.00 8.96  ? 3   DA  B "O4'" 1 
ATOM   407 C  "C3'" . DA  D 1 3 ? 7.102   -3.286  -1.982  1.00 7.75  ? 3   DA  B "C3'" 1 
ATOM   408 O  "O3'" . DA  D 1 3 ? 8.201   -3.062  -1.069  1.00 9.02  ? 3   DA  B "O3'" 1 
ATOM   409 C  "C2'" . DA  D 1 3 ? 5.762   -3.010  -1.305  1.00 7.65  ? 3   DA  B "C2'" 1 
ATOM   410 C  "C1'" . DA  D 1 3 ? 5.594   -1.539  -1.426  1.00 7.13  ? 3   DA  B "C1'" 1 
ATOM   411 N  N9    . DA  D 1 3 ? 4.219   -1.115  -1.647  1.00 6.63  ? 3   DA  B N9    1 
ATOM   412 C  C8    . DA  D 1 3 ? 3.326   -1.602  -2.566  1.00 7.73  ? 3   DA  B C8    1 
ATOM   413 N  N7    . DA  D 1 3 ? 2.183   -0.973  -2.541  1.00 6.85  ? 3   DA  B N7    1 
ATOM   414 C  C5    . DA  D 1 3 ? 2.374   0.053   -1.622  1.00 7.00  ? 3   DA  B C5    1 
ATOM   415 C  C6    . DA  D 1 3 ? 1.541   1.103   -1.152  1.00 7.05  ? 3   DA  B C6    1 
ATOM   416 N  N6    . DA  D 1 3 ? 0.298   1.313   -1.560  1.00 6.68  ? 3   DA  B N6    1 
ATOM   417 N  N1    . DA  D 1 3 ? 2.029   1.883   -0.160  1.00 7.18  ? 3   DA  B N1    1 
ATOM   418 C  C2    . DA  D 1 3 ? 3.280   1.700   0.251   1.00 6.98  ? 3   DA  B C2    1 
ATOM   419 N  N3    . DA  D 1 3 ? 4.155   0.784   -0.150  1.00 6.80  ? 3   DA  B N3    1 
ATOM   420 C  C4    . DA  D 1 3 ? 3.631   -0.015  -1.079  1.00 6.96  ? 3   DA  B C4    1 
ATOM   421 P  P     . DT  D 1 4 ? 8.497   -4.011  0.153   1.00 9.14  ? 4   DT  B P     1 
ATOM   422 O  OP1   . DT  D 1 4 ? 9.974   -4.064  0.333   1.00 9.21  ? 4   DT  B OP1   1 
ATOM   423 O  OP2   . DT  D 1 4 ? 7.742   -5.281  0.054   1.00 9.92  ? 4   DT  B OP2   1 
ATOM   424 O  "O5'" . DT  D 1 4 ? 7.832   -3.295  1.408   1.00 8.51  ? 4   DT  B "O5'" 1 
ATOM   425 C  "C5'" . DT  D 1 4 ? 8.343   -1.950  1.781   1.00 8.61  ? 4   DT  B "C5'" 1 
ATOM   426 C  "C4'" . DT  D 1 4 ? 7.442   -1.416  2.860   1.00 7.85  ? 4   DT  B "C4'" 1 
ATOM   427 O  "O4'" . DT  D 1 4 ? 6.163   -1.142  2.237   1.00 8.05  ? 4   DT  B "O4'" 1 
ATOM   428 C  "C3'" . DT  D 1 4 ? 7.240   -2.260  4.111   1.00 8.19  ? 4   DT  B "C3'" 1 
ATOM   429 O  "O3'" . DT  D 1 4 ? 7.748   -1.476  5.189   1.00 9.81  ? 4   DT  B "O3'" 1 
ATOM   430 C  "C2'" . DT  D 1 4 ? 5.712   -2.445  4.148   1.00 8.17  ? 4   DT  B "C2'" 1 
ATOM   431 C  "C1'" . DT  D 1 4 ? 5.201   -1.266  3.327   1.00 7.07  ? 4   DT  B "C1'" 1 
ATOM   432 N  N1    . DT  D 1 4 ? 3.910   -1.364  2.748   1.00 8.35  ? 4   DT  B N1    1 
ATOM   433 C  C2    . DT  D 1 4 ? 2.959   -0.402  3.049   1.00 6.47  ? 4   DT  B C2    1 
ATOM   434 O  O2    . DT  D 1 4 ? 3.162   0.512   3.799   1.00 7.68  ? 4   DT  B O2    1 
ATOM   435 N  N3    . DT  D 1 4 ? 1.767   -0.549  2.386   1.00 6.65  ? 4   DT  B N3    1 
ATOM   436 C  C4    . DT  D 1 4 ? 1.450   -1.509  1.466   1.00 6.08  ? 4   DT  B C4    1 
ATOM   437 O  O4    . DT  D 1 4 ? 0.362   -1.466  0.869   1.00 7.15  ? 4   DT  B O4    1 
ATOM   438 C  C5    . DT  D 1 4 ? 2.472   -2.521  1.260   1.00 7.64  ? 4   DT  B C5    1 
ATOM   439 C  C7    . DT  D 1 4 ? 2.204   -3.609  0.255   1.00 8.86  ? 4   DT  B C7    1 
ATOM   440 C  C6    . DT  D 1 4 ? 3.636   -2.365  1.873   1.00 7.04  ? 4   DT  B C6    1 
ATOM   441 P  P     . DT  D 1 5 ? 7.745   -2.066  6.648   1.00 10.00 ? 5   DT  B P     1 
ATOM   442 O  OP1   . DT  D 1 5 ? 8.761   -1.272  7.393   1.00 11.28 ? 5   DT  B OP1   1 
ATOM   443 O  OP2   . DT  D 1 5 ? 7.800   -3.538  6.674   1.00 11.17 ? 5   DT  B OP2   1 
ATOM   444 O  "O5'" . DT  D 1 5 ? 6.306   -1.733  7.218   1.00 9.61  ? 5   DT  B "O5'" 1 
ATOM   445 C  "C5'" . DT  D 1 5 ? 5.968   -0.312  7.412   1.00 9.72  ? 5   DT  B "C5'" 1 
ATOM   446 C  "C4'" . DT  D 1 5 ? 4.533   -0.276  7.849   1.00 8.87  ? 5   DT  B "C4'" 1 
ATOM   447 O  "O4'" . DT  D 1 5 ? 3.678   -0.716  6.808   1.00 9.16  ? 5   DT  B "O4'" 1 
ATOM   448 C  "C3'" . DT  D 1 5 ? 4.198   -1.148  9.057   1.00 9.01  ? 5   DT  B "C3'" 1 
ATOM   449 O  "O3'" . DT  D 1 5 ? 3.921   -0.218  10.153  1.00 10.89 ? 5   DT  B "O3'" 1 
ATOM   450 C  "C2'" . DT  D 1 5 ? 2.988   -1.969  8.606   1.00 11.66 ? 5   DT  B "C2'" 1 
ATOM   451 C  "C1'" . DT  D 1 5 ? 2.501   -1.194  7.416   1.00 9.00  ? 5   DT  B "C1'" 1 
ATOM   452 N  N1    . DT  D 1 5 ? 1.778   -1.942  6.386   1.00 8.58  ? 5   DT  B N1    1 
ATOM   453 C  C2    . DT  D 1 5 ? 0.554   -1.469  5.938   1.00 7.71  ? 5   DT  B C2    1 
ATOM   454 O  O2    . DT  D 1 5 ? -0.022  -0.527  6.439   1.00 8.06  ? 5   DT  B O2    1 
ATOM   455 N  N3    . DT  D 1 5 ? 0.013   -2.189  4.890   1.00 7.64  ? 5   DT  B N3    1 
ATOM   456 C  C4    . DT  D 1 5 ? 0.536   -3.303  4.277   1.00 8.28  ? 5   DT  B C4    1 
ATOM   457 O  O4    . DT  D 1 5 ? -0.058  -3.830  3.346   1.00 9.92  ? 5   DT  B O4    1 
ATOM   458 C  C5    . DT  D 1 5 ? 1.819   -3.740  4.812   1.00 9.23  ? 5   DT  B C5    1 
ATOM   459 C  C7    . DT  D 1 5 ? 2.472   -4.941  4.192   1.00 10.08 ? 5   DT  B C7    1 
ATOM   460 C  C6    . DT  D 1 5 ? 2.376   -3.021  5.786   1.00 8.92  ? 5   DT  B C6    1 
ATOM   461 P  P     . DT  D 1 6 ? 3.488   -0.677  11.593  1.00 12.12 ? 6   DT  B P     1 
ATOM   462 O  OP1   . DT  D 1 6 ? 4.080   0.379   12.529  1.00 15.35 ? 6   DT  B OP1   1 
ATOM   463 O  OP2   . DT  D 1 6 ? 3.745   -2.113  11.783  1.00 12.97 ? 6   DT  B OP2   1 
ATOM   464 O  "O5'" . DT  D 1 6 ? 1.911   -0.514  11.591  1.00 10.57 ? 6   DT  B "O5'" 1 
ATOM   465 C  "C5'" . DT  D 1 6 ? 1.361   0.797   11.498  1.00 10.48 ? 6   DT  B "C5'" 1 
ATOM   466 C  "C4'" . DT  D 1 6 ? -0.116  0.671   11.278  1.00 9.90  ? 6   DT  B "C4'" 1 
ATOM   467 O  "O4'" . DT  D 1 6 ? -0.377  0.148   9.976   1.00 9.77  ? 6   DT  B "O4'" 1 
ATOM   468 C  "C3'" . DT  D 1 6 ? -0.860  -0.272  12.146  1.00 10.57 ? 6   DT  B "C3'" 1 
ATOM   469 O  "O3'" . DT  D 1 6 ? -1.181  0.163   13.443  1.00 14.38 ? 6   DT  B "O3'" 1 
ATOM   470 C  "C2'" . DT  D 1 6 ? -2.085  -0.653  11.435  1.00 10.59 ? 6   DT  B "C2'" 1 
ATOM   471 C  "C1'" . DT  D 1 6 ? -1.699  -0.374  9.938   1.00 9.71  ? 6   DT  B "C1'" 1 
ATOM   472 N  N1    . DT  D 1 6 ? -1.685  -1.525  9.052   1.00 8.69  ? 6   DT  B N1    1 
ATOM   473 C  C2    . DT  D 1 6 ? -2.677  -1.640  8.099   1.00 9.61  ? 6   DT  B C2    1 
ATOM   474 O  O2    . DT  D 1 6 ? -3.567  -0.788  8.013   1.00 9.26  ? 6   DT  B O2    1 
ATOM   475 N  N3    . DT  D 1 6 ? -2.635  -2.700  7.296   1.00 8.54  ? 6   DT  B N3    1 
ATOM   476 C  C4    . DT  D 1 6 ? -1.722  -3.666  7.357   1.00 9.32  ? 6   DT  B C4    1 
ATOM   477 O  O4    . DT  D 1 6 ? -1.743  -4.594  6.551   1.00 9.02  ? 6   DT  B O4    1 
ATOM   478 C  C5    . DT  D 1 6 ? -0.637  -3.581  8.343   1.00 8.45  ? 6   DT  B C5    1 
ATOM   479 C  C7    . DT  D 1 6 ? 0.355   -4.659  8.515   1.00 9.21  ? 6   DT  B C7    1 
ATOM   480 C  C6    . DT  D 1 6 ? -0.701  -2.489  9.168   1.00 9.10  ? 6   DT  B C6    1 
HETATM 481 N  N10   . 6XV E 2 . ? -14.590 -19.071 7.320   0.50 14.16 ? 101 6XV D N10   1 
HETATM 482 C  C14   . 6XV E 2 . ? -13.722 -14.893 8.107   0.50 10.15 ? 101 6XV D C14   1 
HETATM 483 C  C18   . 6XV E 2 . ? -13.170 -7.536  9.625   0.50 8.58  ? 101 6XV D C18   1 
HETATM 484 C  C19   . 6XV E 2 . ? -13.933 -6.394  9.320   0.50 8.64  ? 101 6XV D C19   1 
HETATM 485 C  C26   . 6XV E 2 . ? -15.103 -6.579  8.587   0.50 10.06 ? 101 6XV D C26   1 
HETATM 486 C  C27   . 6XV E 2 . ? -15.429 -7.850  8.101   0.50 11.87 ? 101 6XV D C27   1 
HETATM 487 O  O01   . 6XV E 2 . ? -16.386 -10.463 7.720   0.50 12.13 ? 101 6XV D O01   1 
HETATM 488 C  C02   . 6XV E 2 . ? -15.170 -10.226 7.953   0.50 11.78 ? 101 6XV D C02   1 
HETATM 489 N  N03   . 6XV E 2 . ? -14.310 -11.271 8.147   0.50 11.57 ? 101 6XV D N03   1 
HETATM 490 C  C04   . 6XV E 2 . ? -14.572 -12.650 7.854   0.50 11.41 ? 101 6XV D C04   1 
HETATM 491 C  C05   . 6XV E 2 . ? -15.673 -13.106 7.189   0.50 11.09 ? 101 6XV D C05   1 
HETATM 492 C  C06   . 6XV E 2 . ? -15.791 -14.494 6.976   0.50 11.61 ? 101 6XV D C06   1 
HETATM 493 C  C07   . 6XV E 2 . ? -14.828 -15.385 7.428   0.50 10.79 ? 101 6XV D C07   1 
HETATM 494 N  N08   . 6XV E 2 . ? -15.016 -16.728 7.085   0.50 12.75 ? 101 6XV D N08   1 
HETATM 495 C  C09   . 6XV E 2 . ? -14.407 -17.731 7.664   0.50 12.05 ? 101 6XV D C09   1 
HETATM 496 C  C11   . 6XV E 2 . ? -13.881 -19.933 8.228   0.50 14.07 ? 101 6XV D C11   1 
HETATM 497 C  C12   . 6XV E 2 . ? -13.224 -18.951 9.184   0.50 14.79 ? 101 6XV D C12   1 
HETATM 498 N  N13   . 6XV E 2 . ? -13.670 -17.633 8.799   0.50 13.06 ? 101 6XV D N13   1 
HETATM 499 C  C15   . 6XV E 2 . ? -13.576 -13.551 8.325   0.50 11.33 ? 101 6XV D C15   1 
HETATM 500 C  C16   . 6XV E 2 . ? -14.669 -8.913  8.417   0.50 10.55 ? 101 6XV D C16   1 
HETATM 501 C  C17   . 6XV E 2 . ? -13.518 -8.795  9.153   0.50 10.15 ? 101 6XV D C17   1 
HETATM 502 N  N20   . 6XV E 2 . ? -13.704 -5.131  9.890   0.50 8.32  ? 101 6XV D N20   1 
HETATM 503 C  C21   . 6XV E 2 . ? -12.532 -4.582  10.233  0.50 7.74  ? 101 6XV D C21   1 
HETATM 504 N  N22   . 6XV E 2 . ? -12.516 -3.388  10.908  0.50 8.13  ? 101 6XV D N22   1 
HETATM 505 C  C23   . 6XV E 2 . ? -11.113 -2.963  11.073  0.50 8.88  ? 101 6XV D C23   1 
HETATM 506 C  C24   . 6XV E 2 . ? -10.296 -4.139  10.500  0.50 8.18  ? 101 6XV D C24   1 
HETATM 507 N  N25   . 6XV E 2 . ? -11.272 -5.034  9.888   0.50 8.02  ? 101 6XV D N25   1 
HETATM 508 MG MG    . MG  F 3 . ? -6.342  -15.677 17.624  0.50 14.55 ? 102 MG  D MG    1 
HETATM 509 N  N10   . 6XV G 2 . ? 3.455   7.524   -16.006 0.50 15.12 ? 101 6XV C N10   1 
HETATM 510 C  C14   . 6XV G 2 . ? 3.714   11.611  -14.792 0.50 11.91 ? 101 6XV C C14   1 
HETATM 511 C  C18   . 6XV G 2 . ? 3.602   18.651  -12.163 0.50 9.00  ? 101 6XV C C18   1 
HETATM 512 C  C19   . 6XV G 2 . ? 2.799   19.768  -12.449 0.50 8.51  ? 101 6XV C C19   1 
HETATM 513 C  C26   . 6XV G 2 . ? 1.699   19.665  -13.255 0.50 9.64  ? 101 6XV C C26   1 
HETATM 514 C  C27   . 6XV G 2 . ? 1.440   18.491  -13.884 0.50 10.06 ? 101 6XV C C27   1 
HETATM 515 O  O01   . 6XV G 2 . ? 0.733   15.964  -14.828 0.50 13.35 ? 101 6XV C O01   1 
HETATM 516 C  C02   . 6XV G 2 . ? 1.837   16.176  -14.343 0.50 11.72 ? 101 6XV C C02   1 
HETATM 517 N  N03   . 6XV G 2 . ? 2.820   15.169  -14.278 0.50 11.92 ? 101 6XV C N03   1 
HETATM 518 C  C04   . 6XV G 2 . ? 2.751   13.826  -14.807 0.50 12.98 ? 101 6XV C C04   1 
HETATM 519 C  C05   . 6XV G 2 . ? 1.799   13.353  -15.744 0.50 12.17 ? 101 6XV C C05   1 
HETATM 520 C  C06   . 6XV G 2 . ? 1.791   12.012  -16.179 0.50 11.86 ? 101 6XV C C06   1 
HETATM 521 C  C07   . 6XV G 2 . ? 2.745   11.146  -15.720 0.50 11.96 ? 101 6XV C C07   1 
HETATM 522 N  N08   . 6XV G 2 . ? 2.765   9.826   -16.231 0.50 13.73 ? 101 6XV C N08   1 
HETATM 523 C  C09   . 6XV G 2 . ? 3.357   8.835   -15.577 0.50 13.85 ? 101 6XV C C09   1 
HETATM 524 C  C11   . 6XV G 2 . ? 4.135   6.708   -15.075 0.50 11.69 ? 101 6XV C C11   1 
HETATM 525 C  C12   . 6XV G 2 . ? 4.616   7.618   -13.970 0.50 12.92 ? 101 6XV C C12   1 
HETATM 526 N  N13   . 6XV G 2 . ? 4.026   8.856   -14.342 0.50 14.38 ? 101 6XV C N13   1 
HETATM 527 C  C15   . 6XV G 2 . ? 3.738   12.955  -14.333 0.50 13.34 ? 101 6XV C C15   1 
HETATM 528 C  C16   . 6XV G 2 . ? 2.220   17.408  -13.640 0.50 10.21 ? 101 6XV C C16   1 
HETATM 529 C  C17   . 6XV G 2 . ? 3.321   17.461  -12.799 0.50 10.31 ? 101 6XV C C17   1 
HETATM 530 N  N20   . 6XV G 2 . ? 3.007   20.953  -11.721 0.50 9.11  ? 101 6XV C N20   1 
HETATM 531 C  C21   . 6XV G 2 . ? 4.127   21.511  -11.388 0.50 7.98  ? 101 6XV C C21   1 
HETATM 532 N  N22   . 6XV G 2 . ? 4.136   22.544  -10.487 0.50 9.37  ? 101 6XV C N22   1 
HETATM 533 C  C23   . 6XV G 2 . ? 5.454   23.060  -10.306 0.50 8.19  ? 101 6XV C C23   1 
HETATM 534 C  C24   . 6XV G 2 . ? 6.355   22.095  -11.078 0.50 8.85  ? 101 6XV C C24   1 
HETATM 535 N  N25   . 6XV G 2 . ? 5.397   21.280  -11.797 0.50 8.00  ? 101 6XV C N25   1 
HETATM 536 MG MG    . MG  H 3 . ? 12.727  9.293   -19.885 0.50 14.44 ? 102 MG  C MG    1 
HETATM 537 MG MG    . MG  I 3 . ? 7.016   1.402   -9.421  0.50 6.87  ? 101 MG  B MG    1 
HETATM 538 N  N10   . 6XV J 2 . ? -2.096  3.346   9.766   1.00 8.45  ? 102 6XV B N10   1 
HETATM 539 C  C14   . 6XV J 2 . ? 1.271   2.330   7.456   1.00 7.92  ? 102 6XV B C14   1 
HETATM 540 C  C18   . 6XV J 2 . ? 8.465   2.217   3.385   1.00 9.43  ? 102 6XV B C18   1 
HETATM 541 C  C19   . 6XV J 2 . ? 7.932   2.005   2.159   1.00 7.46  ? 102 6XV B C19   1 
HETATM 542 C  C26   . 6XV J 2 . ? 6.536   1.972   2.033   1.00 8.10  ? 102 6XV B C26   1 
HETATM 543 C  C27   . 6XV J 2 . ? 5.738   2.365   3.141   1.00 9.27  ? 102 6XV B C27   1 
HETATM 544 O  O01   . 6XV J 2 . ? 6.088   3.552   6.607   1.00 10.90 ? 102 6XV B O01   1 
HETATM 545 C  C02   . 6XV J 2 . ? 5.545   3.025   5.645   1.00 11.57 ? 102 6XV B C02   1 
HETATM 546 N  N03   . 6XV J 2 . ? 4.316   2.704   5.618   1.00 11.23 ? 102 6XV B N03   1 
HETATM 547 C  C04   . 6XV J 2 . ? 3.344   3.013   6.656   1.00 8.94  ? 102 6XV B C04   1 
HETATM 548 C  C05   . 6XV J 2 . ? 3.382   4.061   7.554   1.00 11.57 ? 102 6XV B C05   1 
HETATM 549 C  C06   . 6XV J 2 . ? 2.319   4.238   8.394   1.00 10.28 ? 102 6XV B C06   1 
HETATM 550 C  C07   . 6XV J 2 . ? 1.197   3.421   8.319   1.00 7.64  ? 102 6XV B C07   1 
HETATM 551 N  N08   . 6XV J 2 . ? 0.135   3.605   9.202   1.00 7.70  ? 102 6XV B N08   1 
HETATM 552 C  C09   . 6XV J 2 . ? -1.082  3.379   8.854   1.00 7.20  ? 102 6XV B C09   1 
HETATM 553 C  C11   . 6XV J 2 . ? -3.382  3.243   9.122   1.00 9.18  ? 102 6XV B C11   1 
HETATM 554 C  C12   . 6XV J 2 . ? -3.027  2.767   7.710   1.00 8.57  ? 102 6XV B C12   1 
HETATM 555 N  N13   . 6XV J 2 . ? -1.625  3.096   7.627   1.00 9.05  ? 102 6XV B N13   1 
HETATM 556 C  C15   . 6XV J 2 . ? 2.311   2.160   6.609   1.00 8.93  ? 102 6XV B C15   1 
HETATM 557 C  C16   . 6XV J 2 . ? 6.331   2.592   4.364   1.00 8.99  ? 102 6XV B C16   1 
HETATM 558 C  C17   . 6XV J 2 . ? 7.689   2.605   4.474   1.00 9.29  ? 102 6XV B C17   1 
HETATM 559 N  N20   . 6XV J 2 . ? 8.773   1.591   1.082   1.00 7.44  ? 102 6XV B N20   1 
HETATM 560 C  C21   . 6XV J 2 . ? 8.498   1.662   -0.165  1.00 7.17  ? 102 6XV B C21   1 
HETATM 561 N  N22   . 6XV J 2 . ? 7.473   2.216   -0.807  1.00 7.62  ? 102 6XV B N22   1 
HETATM 562 C  C23   . 6XV J 2 . ? 7.535   1.999   -2.243  1.00 8.37  ? 102 6XV B C23   1 
HETATM 563 C  C24   . 6XV J 2 . ? 8.898   1.411   -2.435  1.00 9.17  ? 102 6XV B C24   1 
HETATM 564 N  N25   . 6XV J 2 . ? 9.302   1.051   -1.067  1.00 8.15  ? 102 6XV B N25   1 
HETATM 565 MG MG    . MG  K 3 . ? 11.895  -3.945  6.729   1.00 9.06  ? 103 MG  B MG    1 
HETATM 566 O  O     . HOH L 4 . ? -17.262 -5.257  6.278   1.00 24.98 ? 201 HOH D O     1 
HETATM 567 O  O     . HOH L 4 . ? -8.906  -15.916 1.528   1.00 24.37 ? 202 HOH D O     1 
HETATM 568 O  O     . HOH L 4 . ? -0.525  -23.212 13.722  1.00 33.78 ? 203 HOH D O     1 
HETATM 569 O  O     . HOH L 4 . ? -7.560  -24.715 6.839   1.00 29.16 ? 204 HOH D O     1 
HETATM 570 O  O     . HOH L 4 . ? -4.415  -13.406 10.001  1.00 24.36 ? 205 HOH D O     1 
HETATM 571 O  O     . HOH L 4 . ? -16.390 -17.520 4.963   1.00 21.27 ? 206 HOH D O     1 
HETATM 572 O  O     . HOH L 4 . ? -8.271  -16.309 17.945  1.00 20.52 ? 207 HOH D O     1 
HETATM 573 O  O     . HOH L 4 . ? -8.116  -1.026  8.685   1.00 12.93 ? 208 HOH D O     1 
HETATM 574 O  O     . HOH L 4 . ? -7.212  -19.282 2.807   1.00 22.47 ? 209 HOH D O     1 
HETATM 575 O  O     . HOH L 4 . ? -1.727  -26.560 13.670  1.00 28.03 ? 210 HOH D O     1 
HETATM 576 O  O     . HOH L 4 . ? -10.375 -13.797 0.448   1.00 29.58 ? 211 HOH D O     1 
HETATM 577 O  O     . HOH L 4 . ? -5.067  -8.143  3.407   1.00 15.90 ? 212 HOH D O     1 
HETATM 578 O  O     . HOH L 4 . ? -9.910  -9.693  2.128   1.00 16.05 ? 213 HOH D O     1 
HETATM 579 O  O     . HOH L 4 . ? -4.833  -16.023 11.244  1.00 22.49 ? 214 HOH D O     1 
HETATM 580 O  O     . HOH L 4 . ? -15.661 -9.442  1.019   1.00 23.71 ? 215 HOH D O     1 
HETATM 581 O  O     . HOH L 4 . ? -5.204  -17.822 7.138   1.00 20.81 ? 216 HOH D O     1 
HETATM 582 O  O     . HOH L 4 . ? -4.539  -26.961 11.460  1.00 23.75 ? 217 HOH D O     1 
HETATM 583 O  O     . HOH L 4 . ? -10.753 1.216   6.288   1.00 16.74 ? 218 HOH D O     1 
HETATM 584 O  O     . HOH L 4 . ? -7.333  -21.823 3.941   1.00 26.12 ? 219 HOH D O     1 
HETATM 585 O  O     . HOH L 4 . ? -4.416  -11.093 6.253   1.00 21.54 ? 220 HOH D O     1 
HETATM 586 O  O     . HOH L 4 . ? -2.871  -20.244 9.290   1.00 32.70 ? 221 HOH D O     1 
HETATM 587 O  O     . HOH L 4 . ? -5.791  -17.105 16.084  1.00 22.24 ? 222 HOH D O     1 
HETATM 588 O  O     . HOH L 4 . ? -14.558 -7.053  0.356   1.00 20.87 ? 223 HOH D O     1 
HETATM 589 O  O     . HOH L 4 . ? -11.710 -10.662 -0.970  1.00 31.15 ? 224 HOH D O     1 
HETATM 590 O  O     . HOH L 4 . ? -14.003 -20.054 4.695   1.00 31.97 ? 225 HOH D O     1 
HETATM 591 O  O     . HOH L 4 . ? -10.782 -21.167 10.396  1.00 12.91 ? 226 HOH D O     1 
HETATM 592 O  O     . HOH L 4 . ? -10.318 -22.922 12.447  1.00 10.43 ? 227 HOH D O     1 
HETATM 593 O  O     . HOH L 4 . ? -7.139  -14.598 15.942  1.00 25.70 ? 228 HOH D O     1 
HETATM 594 O  O     . HOH L 4 . ? -5.265  -14.535 13.553  1.00 31.10 ? 229 HOH D O     1 
HETATM 595 O  O     . HOH L 4 . ? -7.609  -14.942 3.789   1.00 20.73 ? 230 HOH D O     1 
HETATM 596 O  O     . HOH L 4 . ? -5.934  -16.928 18.911  1.00 26.55 ? 231 HOH D O     1 
HETATM 597 O  O     . HOH L 4 . ? -17.161 -3.202  7.435   1.00 28.66 ? 232 HOH D O     1 
HETATM 598 O  O     . HOH L 4 . ? -4.115  -20.362 20.985  1.00 21.48 ? 233 HOH D O     1 
HETATM 599 O  O     . HOH L 4 . ? -5.892  -17.161 4.284   1.00 31.83 ? 234 HOH D O     1 
HETATM 600 O  O     . HOH L 4 . ? -12.074 -22.448 5.641   1.00 23.38 ? 235 HOH D O     1 
HETATM 601 O  O     . HOH L 4 . ? -9.229  -25.211 11.240  1.00 18.57 ? 236 HOH D O     1 
HETATM 602 O  O     . HOH L 4 . ? -11.491 -22.710 8.271   1.00 16.27 ? 237 HOH D O     1 
HETATM 603 O  O     . HOH L 4 . ? 0.665   -20.632 12.977  1.00 22.94 ? 238 HOH D O     1 
HETATM 604 O  O     . HOH L 4 . ? -7.435  -10.943 1.219   1.00 25.75 ? 239 HOH D O     1 
HETATM 605 O  O     . HOH L 4 . ? -2.279  -9.186  6.638   1.00 26.37 ? 240 HOH D O     1 
HETATM 606 O  O     . HOH L 4 . ? -8.298  -12.287 -1.128  1.00 27.37 ? 241 HOH D O     1 
HETATM 607 O  O     . HOH L 4 . ? -3.342  -18.554 11.473  1.00 25.33 ? 242 HOH D O     1 
HETATM 608 O  O     . HOH L 4 . ? -14.072 -23.593 9.256   1.00 22.73 ? 243 HOH D O     1 
HETATM 609 O  O     . HOH L 4 . ? -2.817  -16.167 15.329  1.00 38.44 ? 244 HOH D O     1 
HETATM 610 O  O     . HOH L 4 . ? -4.708  -13.096 3.800   1.00 55.94 ? 245 HOH D O     1 
HETATM 611 O  O     . HOH L 4 . ? -6.135  -14.386 19.111  1.00 37.83 ? 246 HOH D O     1 
HETATM 612 O  O     . HOH L 4 . ? -4.354  -18.255 22.703  1.00 21.79 ? 247 HOH D O     1 
HETATM 613 O  O     . HOH L 4 . ? -5.322  -15.770 21.421  1.00 26.46 ? 248 HOH D O     1 
HETATM 614 O  O     . HOH M 4 . ? 8.134   14.365  -21.336 1.00 19.78 ? 201 HOH C O     1 
HETATM 615 O  O     . HOH M 4 . ? -1.172  22.743  -15.363 1.00 17.39 ? 202 HOH C O     1 
HETATM 616 O  O     . HOH M 4 . ? 7.131   17.946  -20.107 1.00 14.52 ? 203 HOH C O     1 
HETATM 617 O  O     . HOH M 4 . ? 10.824  2.336   -16.768 0.50 8.25  ? 204 HOH C O     1 
HETATM 618 O  O     . HOH M 4 . ? 12.518  11.122  -11.630 1.00 19.64 ? 205 HOH C O     1 
HETATM 619 O  O     . HOH M 4 . ? 10.907  8.380   -20.041 1.00 13.93 ? 206 HOH C O     1 
HETATM 620 O  O     . HOH M 4 . ? 8.858   11.760  -21.216 1.00 15.52 ? 207 HOH C O     1 
HETATM 621 O  O     . HOH M 4 . ? 12.486  9.643   -15.663 1.00 12.92 ? 208 HOH C O     1 
HETATM 622 O  O     . HOH M 4 . ? 4.117   6.842   -18.736 1.00 21.02 ? 209 HOH C O     1 
HETATM 623 O  O     . HOH M 4 . ? 7.741   10.400  -4.225  1.00 29.87 ? 210 HOH C O     1 
HETATM 624 O  O     . HOH M 4 . ? 7.000   5.411   -12.782 1.00 22.18 ? 211 HOH C O     1 
HETATM 625 O  O     . HOH M 4 . ? 13.425  7.788   -18.614 1.00 14.67 ? 212 HOH C O     1 
HETATM 626 O  O     . HOH M 4 . ? 10.698  10.935  -7.232  0.50 17.13 ? 213 HOH C O     1 
HETATM 627 O  O     . HOH M 4 . ? 10.546  5.775   -19.452 0.50 8.52  ? 214 HOH C O     1 
HETATM 628 O  O     . HOH M 4 . ? 7.864   2.831   -8.277  1.00 15.95 ? 215 HOH C O     1 
HETATM 629 O  O     . HOH M 4 . ? 3.927   27.814  -16.401 0.50 14.07 ? 216 HOH C O     1 
HETATM 630 O  O     . HOH M 4 . ? 5.467   11.413  -4.859  1.00 20.74 ? 217 HOH C O     1 
HETATM 631 O  O     . HOH M 4 . ? 10.104  12.365  -18.713 1.00 15.46 ? 218 HOH C O     1 
HETATM 632 O  O     . HOH M 4 . ? 6.845   3.971   -14.939 1.00 18.92 ? 219 HOH C O     1 
HETATM 633 O  O     . HOH M 4 . ? 12.107  10.365  -18.271 1.00 14.24 ? 220 HOH C O     1 
HETATM 634 O  O     . HOH M 4 . ? 8.757   2.029   -15.033 1.00 17.54 ? 221 HOH C O     1 
HETATM 635 O  O     . HOH M 4 . ? 10.472  15.657  -20.887 1.00 23.43 ? 222 HOH C O     1 
HETATM 636 O  O     . HOH M 4 . ? 9.759   18.313  -20.948 1.00 16.63 ? 223 HOH C O     1 
HETATM 637 O  O     . HOH M 4 . ? 11.853  14.353  -19.018 1.00 22.63 ? 224 HOH C O     1 
HETATM 638 O  O     . HOH M 4 . ? 12.432  15.132  -22.892 1.00 19.38 ? 225 HOH C O     1 
HETATM 639 O  O     . HOH N 4 . ? 11.716  3.900   4.818   1.00 28.94 ? 201 HOH A O     1 
HETATM 640 O  O     . HOH N 4 . ? -10.712 -7.652  0.600   1.00 24.40 ? 202 HOH A O     1 
HETATM 641 O  O     . HOH N 4 . ? 5.078   10.658  9.221   1.00 21.82 ? 203 HOH A O     1 
HETATM 642 O  O     . HOH N 4 . ? 1.783   11.379  6.016   1.00 21.37 ? 204 HOH A O     1 
HETATM 643 O  O     . HOH N 4 . ? -9.008  8.552   5.358   1.00 19.68 ? 205 HOH A O     1 
HETATM 644 O  O     . HOH N 4 . ? -0.128  8.038   -2.568  1.00 15.83 ? 206 HOH A O     1 
HETATM 645 O  O     . HOH N 4 . ? -10.913 5.201   4.214   1.00 15.11 ? 207 HOH A O     1 
HETATM 646 O  O     . HOH N 4 . ? -10.292 8.051   1.957   1.00 17.68 ? 208 HOH A O     1 
HETATM 647 O  O     . HOH N 4 . ? 3.106   10.470  -2.894  1.00 16.84 ? 209 HOH A O     1 
HETATM 648 O  O     . HOH N 4 . ? 8.502   2.804   -5.577  1.00 12.32 ? 210 HOH A O     1 
HETATM 649 O  O     . HOH N 4 . ? -8.073  1.274   -1.214  1.00 9.77  ? 211 HOH A O     1 
HETATM 650 O  O     . HOH N 4 . ? 8.943   10.387  4.591   1.00 38.59 ? 212 HOH A O     1 
HETATM 651 O  O     . HOH N 4 . ? 4.368   10.080  2.611   1.00 15.36 ? 213 HOH A O     1 
HETATM 652 O  O     . HOH N 4 . ? -8.205  0.121   6.183   1.00 11.40 ? 214 HOH A O     1 
HETATM 653 O  O     . HOH N 4 . ? -14.238 -0.237  2.504   1.00 24.57 ? 215 HOH A O     1 
HETATM 654 O  O     . HOH N 4 . ? 6.360   11.468  5.719   1.00 32.05 ? 216 HOH A O     1 
HETATM 655 O  O     . HOH N 4 . ? -12.150 4.372   1.890   1.00 12.82 ? 217 HOH A O     1 
HETATM 656 O  O     . HOH N 4 . ? -1.085  9.364   3.097   1.00 15.22 ? 218 HOH A O     1 
HETATM 657 O  O     . HOH N 4 . ? -1.437  12.235  7.461   1.00 18.80 ? 219 HOH A O     1 
HETATM 658 O  O     . HOH N 4 . ? -3.203  -6.579  2.225   1.00 32.00 ? 220 HOH A O     1 
HETATM 659 O  O     . HOH N 4 . ? 8.027   9.173   6.951   1.00 35.29 ? 221 HOH A O     1 
HETATM 660 O  O     . HOH N 4 . ? -5.923  1.730   6.315   1.00 12.45 ? 222 HOH A O     1 
HETATM 661 O  O     . HOH N 4 . ? 0.640   10.467  8.201   1.00 17.19 ? 223 HOH A O     1 
HETATM 662 O  O     . HOH N 4 . ? -3.063  0.636   -1.463  1.00 10.93 ? 224 HOH A O     1 
HETATM 663 O  O     . HOH N 4 . ? 3.055   7.539   9.573   1.00 30.06 ? 225 HOH A O     1 
HETATM 664 O  O     . HOH N 4 . ? -6.366  3.789   8.166   1.00 13.66 ? 226 HOH A O     1 
HETATM 665 O  O     . HOH N 4 . ? 13.830  4.813   5.952   1.00 29.93 ? 227 HOH A O     1 
HETATM 666 O  O     . HOH N 4 . ? 2.707   10.509  9.920   1.00 33.62 ? 228 HOH A O     1 
HETATM 667 O  O     . HOH N 4 . ? -7.882  -6.536  -0.490  1.00 33.79 ? 229 HOH A O     1 
HETATM 668 O  O     . HOH N 4 . ? -12.545 -7.497  -1.526  1.00 26.80 ? 230 HOH A O     1 
HETATM 669 O  O     . HOH N 4 . ? -4.410  8.222   -0.767  1.00 20.82 ? 231 HOH A O     1 
HETATM 670 O  O     . HOH N 4 . ? -3.868  13.775  6.433   1.00 28.00 ? 232 HOH A O     1 
HETATM 671 O  O     . HOH N 4 . ? 6.754   11.149  2.155   1.00 27.19 ? 233 HOH A O     1 
HETATM 672 O  O     . HOH N 4 . ? -10.691 3.970   6.611   1.00 19.97 ? 234 HOH A O     1 
HETATM 673 O  O     . HOH N 4 . ? -2.778  10.017  1.015   1.00 24.22 ? 235 HOH A O     1 
HETATM 674 O  O     . HOH N 4 . ? -2.823  7.375   -2.966  1.00 29.07 ? 236 HOH A O     1 
HETATM 675 O  O     . HOH N 4 . ? -0.967  10.149  -0.991  1.00 21.57 ? 237 HOH A O     1 
HETATM 676 O  O     . HOH N 4 . ? 1.347   11.679  -0.786  1.00 18.39 ? 238 HOH A O     1 
HETATM 677 O  O     . HOH N 4 . ? 0.411   13.967  8.170   1.00 35.46 ? 239 HOH A O     1 
HETATM 678 O  O     . HOH N 4 . ? 14.496  2.220   7.397   1.00 32.15 ? 240 HOH A O     1 
HETATM 679 O  O     . HOH N 4 . ? 2.619   11.039  12.999  1.00 20.96 ? 241 HOH A O     1 
HETATM 680 O  O     . HOH N 4 . ? -7.100  -8.421  -2.950  1.00 36.26 ? 242 HOH A O     1 
HETATM 681 O  O     . HOH O 4 . ? -2.782  4.769   -11.871 1.00 48.41 ? 201 HOH B O     1 
HETATM 682 O  O     . HOH O 4 . ? -1.145  -1.828  -6.211  1.00 25.29 ? 202 HOH B O     1 
HETATM 683 O  O     . HOH O 4 . ? -0.270  -6.278  2.401   1.00 24.30 ? 203 HOH B O     1 
HETATM 684 O  O     . HOH O 4 . ? 0.651   4.774   11.506  1.00 22.78 ? 204 HOH B O     1 
HETATM 685 O  O     . HOH O 4 . ? 8.522   -7.832  0.148   1.00 27.99 ? 205 HOH B O     1 
HETATM 686 O  O     . HOH O 4 . ? -5.623  -0.253  9.639   1.00 12.17 ? 206 HOH B O     1 
HETATM 687 O  O     . HOH O 4 . ? 2.935   -4.952  -2.754  1.00 16.89 ? 207 HOH B O     1 
HETATM 688 O  O     . HOH O 4 . ? 11.134  -2.435  7.896   1.00 11.94 ? 208 HOH B O     1 
HETATM 689 O  O     . HOH O 4 . ? 10.088  -4.965  6.831   1.00 11.21 ? 209 HOH B O     1 
HETATM 690 O  O     . HOH O 4 . ? 5.222   1.825   -8.466  1.00 15.94 ? 210 HOH B O     1 
HETATM 691 O  O     . HOH O 4 . ? -0.601  -4.615  -10.314 1.00 17.15 ? 211 HOH B O     1 
HETATM 692 O  O     . HOH O 4 . ? 10.903  -4.480  2.854   1.00 9.81  ? 212 HOH B O     1 
HETATM 693 O  O     . HOH O 4 . ? 6.329   -6.803  -1.707  1.00 29.45 ? 213 HOH B O     1 
HETATM 694 O  O     . HOH O 4 . ? 5.524   -4.979  6.277   1.00 22.83 ? 214 HOH B O     1 
HETATM 695 O  O     . HOH O 4 . ? -0.879  6.943   -5.541  1.00 28.21 ? 215 HOH B O     1 
HETATM 696 O  O     . HOH O 4 . ? -0.360  -1.215  -3.539  1.00 16.08 ? 216 HOH B O     1 
HETATM 697 O  O     . HOH O 4 . ? 6.256   3.099   9.317   1.00 31.90 ? 217 HOH B O     1 
HETATM 698 O  O     . HOH O 4 . ? 6.938   -6.791  -4.106  1.00 21.06 ? 218 HOH B O     1 
HETATM 699 O  O     . HOH O 4 . ? 3.912   -7.455  -6.079  1.00 22.10 ? 219 HOH B O     1 
HETATM 700 O  O     . HOH O 4 . ? -1.008  -2.765  -1.157  1.00 17.55 ? 220 HOH B O     1 
HETATM 701 O  O     . HOH O 4 . ? -0.598  -7.082  6.133   1.00 18.05 ? 221 HOH B O     1 
HETATM 702 O  O     . HOH O 4 . ? 0.695   -0.459  15.470  1.00 20.09 ? 222 HOH B O     1 
HETATM 703 O  O     . HOH O 4 . ? 6.624   0.802   -5.289  1.00 11.26 ? 223 HOH B O     1 
HETATM 704 O  O     . HOH O 4 . ? 5.343   -5.396  1.634   1.00 15.55 ? 224 HOH B O     1 
HETATM 705 O  O     . HOH O 4 . ? 8.492   5.044   7.273   1.00 25.96 ? 225 HOH B O     1 
HETATM 706 O  O     . HOH O 4 . ? -1.762  4.575   -4.498  1.00 20.74 ? 226 HOH B O     1 
HETATM 707 O  O     . HOH O 4 . ? 8.313   -0.893  10.302  1.00 33.35 ? 227 HOH B O     1 
HETATM 708 O  O     . HOH O 4 . ? 3.985   3.328   11.841  1.00 28.48 ? 228 HOH B O     1 
HETATM 709 O  O     . HOH O 4 . ? 10.636  1.071   6.438   1.00 26.80 ? 229 HOH B O     1 
HETATM 710 O  O     . HOH O 4 . ? 3.659   1.445   15.528  1.00 29.89 ? 230 HOH B O     1 
HETATM 711 O  O     . HOH O 4 . ? 1.183   9.703   -4.784  1.00 13.74 ? 231 HOH B O     1 
HETATM 712 O  O     . HOH O 4 . ? 9.353   -6.183  -2.932  1.00 33.85 ? 232 HOH B O     1 
HETATM 713 O  O     . HOH O 4 . ? 7.290   0.036   -7.875  1.00 15.77 ? 233 HOH B O     1 
HETATM 714 O  O     . HOH O 4 . ? -2.472  1.438   -4.102  1.00 23.85 ? 234 HOH B O     1 
HETATM 715 O  O     . HOH O 4 . ? 11.216  -2.852  5.069   1.00 9.03  ? 235 HOH B O     1 
HETATM 716 O  O     . HOH O 4 . ? 10.929  -2.935  -3.773  1.00 23.24 ? 236 HOH B O     1 
HETATM 717 O  O     . HOH O 4 . ? 6.380   -6.197  4.048   1.00 28.17 ? 237 HOH B O     1 
HETATM 718 O  O     . HOH O 4 . ? 9.281   -6.280  4.146   1.00 23.74 ? 238 HOH B O     1 
HETATM 719 O  O     . HOH O 4 . ? 9.645   -0.949  -5.080  1.00 22.70 ? 239 HOH B O     1 
HETATM 720 O  O     . HOH O 4 . ? 3.592   -5.613  7.690   1.00 33.39 ? 240 HOH B O     1 
HETATM 721 O  O     . HOH O 4 . ? 0.917   7.545   10.805  1.00 24.64 ? 241 HOH B O     1 
HETATM 722 O  O     . HOH O 4 . ? 1.550   -7.421  -8.048  1.00 16.29 ? 242 HOH B O     1 
HETATM 723 O  O     . HOH O 4 . ? 4.815   -8.496  -2.616  1.00 25.65 ? 243 HOH B O     1 
HETATM 724 O  O     . HOH O 4 . ? 12.671  1.050   8.226   1.00 30.47 ? 244 HOH B O     1 
HETATM 725 O  O     . HOH O 4 . ? 2.799   -6.544  9.578   1.00 25.29 ? 245 HOH B O     1 
HETATM 726 O  O     . HOH O 4 . ? 12.481  -4.998  8.473   1.00 9.78  ? 246 HOH B O     1 
HETATM 727 O  O     . HOH O 4 . ? 13.678  -2.984  6.750   1.00 9.45  ? 247 HOH B O     1 
HETATM 728 O  O     . HOH O 4 . ? 12.251  -8.262  2.645   1.00 27.04 ? 248 HOH B O     1 
HETATM 729 O  O     . HOH O 4 . ? 12.688  -5.462  5.535   1.00 9.32  ? 249 HOH B O     1 
HETATM 730 O  O     . HOH O 4 . ? 11.119  -9.721  -0.198  1.00 31.73 ? 250 HOH B O     1 
# 
loop_
_atom_site_anisotrop.id 
_atom_site_anisotrop.type_symbol 
_atom_site_anisotrop.pdbx_label_atom_id 
_atom_site_anisotrop.pdbx_label_alt_id 
_atom_site_anisotrop.pdbx_label_comp_id 
_atom_site_anisotrop.pdbx_label_asym_id 
_atom_site_anisotrop.pdbx_label_seq_id 
_atom_site_anisotrop.pdbx_PDB_ins_code 
_atom_site_anisotrop.U[1][1] 
_atom_site_anisotrop.U[2][2] 
_atom_site_anisotrop.U[3][3] 
_atom_site_anisotrop.U[1][2] 
_atom_site_anisotrop.U[1][3] 
_atom_site_anisotrop.U[2][3] 
_atom_site_anisotrop.pdbx_auth_seq_id 
_atom_site_anisotrop.pdbx_auth_comp_id 
_atom_site_anisotrop.pdbx_auth_asym_id 
_atom_site_anisotrop.pdbx_auth_atom_id 
1   O  "O5'" . DA  A 1 ? 0.1346 0.2302 0.1805 -0.0197 -0.0020 0.0351  1   DA  D "O5'" 
2   C  "C5'" . DA  A 1 ? 0.1398 0.2022 0.1414 -0.0144 -0.0139 0.0097  1   DA  D "C5'" 
3   C  "C4'" . DA  A 1 ? 0.0904 0.1287 0.1372 0.0016  -0.0151 0.0084  1   DA  D "C4'" 
4   O  "O4'" . DA  A 1 ? 0.0815 0.1395 0.1438 -0.0180 -0.0182 0.0135  1   DA  D "O4'" 
5   C  "C3'" . DA  A 1 ? 0.0757 0.1335 0.1333 -0.0083 -0.0172 0.0058  1   DA  D "C3'" 
6   O  "O3'" . DA  A 1 ? 0.1408 0.1419 0.1427 0.0157  -0.0247 0.0168  1   DA  D "O3'" 
7   C  "C2'" . DA  A 1 ? 0.0933 0.1017 0.1563 -0.0080 -0.0066 -0.0107 1   DA  D "C2'" 
8   C  "C1'" . DA  A 1 ? 0.0981 0.1312 0.1357 -0.0147 -0.0058 -0.0054 1   DA  D "C1'" 
9   N  N9    . DA  A 1 ? 0.0919 0.1170 0.1304 0.0022  -0.0028 -0.0055 1   DA  D N9    
10  C  C8    . DA  A 1 ? 0.1013 0.1070 0.1535 -0.0187 -0.0087 -0.0078 1   DA  D C8    
11  N  N7    . DA  A 1 ? 0.0934 0.1306 0.1338 -0.0206 -0.0085 0.0056  1   DA  D N7    
12  C  C5    . DA  A 1 ? 0.0989 0.0792 0.1163 -0.0209 -0.0080 0.0136  1   DA  D C5    
13  C  C6    . DA  A 1 ? 0.1186 0.1235 0.0909 -0.0108 -0.0057 -0.0050 1   DA  D C6    
14  N  N6    . DA  A 1 ? 0.1223 0.0903 0.1217 -0.0031 -0.0042 0.0029  1   DA  D N6    
15  N  N1    . DA  A 1 ? 0.0900 0.1043 0.0881 -0.0111 -0.0026 0.0038  1   DA  D N1    
16  C  C2    . DA  A 1 ? 0.0943 0.1095 0.0987 -0.0209 -0.0021 0.0139  1   DA  D C2    
17  N  N3    . DA  A 1 ? 0.0999 0.0967 0.1052 -0.0103 0.0013  0.0198  1   DA  D N3    
18  C  C4    . DA  A 1 ? 0.1061 0.0943 0.0954 -0.0152 -0.0111 0.0172  1   DA  D C4    
19  P  P     . DA  A 2 ? 0.1521 0.1554 0.1816 0.0104  -0.0014 0.0051  2   DA  D P     
20  O  OP1   . DA  A 2 ? 0.2532 0.1363 0.2340 0.0315  -0.0156 -0.0129 2   DA  D OP1   
21  O  OP2   . DA  A 2 ? 0.1489 0.2097 0.2131 -0.0097 0.0130  -0.0068 2   DA  D OP2   
22  O  "O5'" . DA  A 2 ? 0.1463 0.1763 0.1578 -0.0028 -0.0114 0.0163  2   DA  D "O5'" 
23  C  "C5'" . DA  A 2 ? 0.1428 0.1183 0.1364 0.0140  -0.0144 -0.0110 2   DA  D "C5'" 
24  C  "C4'" . DA  A 2 ? 0.1455 0.1532 0.1610 0.0305  0.0063  0.0201  2   DA  D "C4'" 
25  O  "O4'" . DA  A 2 ? 0.1634 0.1219 0.1525 0.0109  0.0149  0.0091  2   DA  D "O4'" 
26  C  "C3'" . DA  A 2 ? 0.1489 0.1453 0.1641 0.0250  0.0074  0.0023  2   DA  D "C3'" 
27  O  "O3'" . DA  A 2 ? 0.2233 0.2125 0.1768 0.0290  0.0046  0.0329  2   DA  D "O3'" 
28  C  "C2'" . DA  A 2 ? 0.1940 0.1608 0.1540 0.0304  0.0182  0.0020  2   DA  D "C2'" 
29  C  "C1'" . DA  A 2 ? 0.1419 0.1134 0.1727 0.0190  -0.0051 -0.0014 2   DA  D "C1'" 
30  N  N9    . DA  A 2 ? 0.1177 0.1177 0.1276 0.0227  0.0077  -0.0044 2   DA  D N9    
31  C  C8    . DA  A 2 ? 0.1227 0.1268 0.1522 0.0111  0.0066  0.0033  2   DA  D C8    
32  N  N7    . DA  A 2 ? 0.1045 0.1332 0.1115 0.0108  -0.0025 0.0132  2   DA  D N7    
33  C  C5    . DA  A 2 ? 0.0881 0.0980 0.1203 0.0024  -0.0035 0.0060  2   DA  D C5    
34  C  C6    . DA  A 2 ? 0.0964 0.0850 0.1033 -0.0019 0.0069  -0.0015 2   DA  D C6    
35  N  N6    . DA  A 2 ? 0.0971 0.0865 0.1095 -0.0088 0.0004  0.0081  2   DA  D N6    
36  N  N1    . DA  A 2 ? 0.0961 0.0937 0.0974 0.0026  0.0080  0.0112  2   DA  D N1    
37  C  C2    . DA  A 2 ? 0.1231 0.1132 0.1041 0.0031  0.0073  -0.0035 2   DA  D C2    
38  N  N3    . DA  A 2 ? 0.1316 0.1024 0.1001 0.0129  -0.0057 0.0030  2   DA  D N3    
39  C  C4    . DA  A 2 ? 0.1108 0.0911 0.1482 0.0020  0.0013  0.0065  2   DA  D C4    
40  P  P     . DA  A 3 ? 0.2384 0.2088 0.1798 0.0276  0.0159  0.0018  3   DA  D P     
41  O  OP1   . DA  A 3 ? 0.2926 0.2616 0.2018 0.0290  0.0330  -0.0442 3   DA  D OP1   
42  O  OP2   . DA  A 3 ? 0.2355 0.2610 0.2011 -0.0252 0.0197  0.0483  3   DA  D OP2   
43  O  "O5'" . DA  A 3 ? 0.1836 0.1636 0.1716 0.0134  0.0035  0.0252  3   DA  D "O5'" 
44  C  "C5'" . DA  A 3 ? 0.2013 0.1278 0.1692 0.0035  -0.0207 -0.0114 3   DA  D "C5'" 
45  C  "C4'" . DA  A 3 ? 0.1724 0.1598 0.1434 0.0165  0.0161  0.0142  3   DA  D "C4'" 
46  O  "O4'" . DA  A 3 ? 0.2054 0.1155 0.1465 -0.0126 0.0253  0.0043  3   DA  D "O4'" 
47  C  "C3'" . DA  A 3 ? 0.1920 0.1344 0.1361 0.0109  0.0071  0.0179  3   DA  D "C3'" 
48  O  "O3'" . DA  A 3 ? 0.2256 0.1362 0.1441 0.0196  0.0146  -0.0031 3   DA  D "O3'" 
49  C  "C2'" . DA  A 3 ? 0.1519 0.1528 0.1314 0.0328  0.0243  0.0042  3   DA  D "C2'" 
50  C  "C1'" . DA  A 3 ? 0.1317 0.1199 0.1322 0.0064  0.0245  0.0012  3   DA  D "C1'" 
51  N  N9    . DA  A 3 ? 0.1355 0.1120 0.1295 0.0051  -0.0034 0.0090  3   DA  D N9    
52  C  C8    . DA  A 3 ? 0.1388 0.1251 0.1783 0.0133  0.0164  0.0206  3   DA  D C8    
53  N  N7    . DA  A 3 ? 0.1191 0.1561 0.1372 0.0091  0.0209  0.0243  3   DA  D N7    
54  C  C5    . DA  A 3 ? 0.1032 0.1286 0.1394 0.0043  0.0194  0.0164  3   DA  D C5    
55  C  C6    . DA  A 3 ? 0.1176 0.1288 0.1200 -0.0079 -0.0007 0.0210  3   DA  D C6    
56  N  N6    . DA  A 3 ? 0.1285 0.1188 0.1498 0.0018  0.0018  0.0119  3   DA  D N6    
57  N  N1    . DA  A 3 ? 0.1234 0.0996 0.1315 -0.0100 0.0049  0.0154  3   DA  D N1    
58  C  C2    . DA  A 3 ? 0.1318 0.1360 0.1212 -0.0032 -0.0061 0.0037  3   DA  D C2    
59  N  N3    . DA  A 3 ? 0.1346 0.1311 0.0973 0.0046  -0.0028 0.0148  3   DA  D N3    
60  C  C4    . DA  A 3 ? 0.1084 0.1154 0.1371 -0.0018 0.0061  -0.0056 3   DA  D C4    
61  P  P     . DT  A 4 ? 0.2479 0.1702 0.1558 0.0320  0.0081  0.0040  4   DT  D P     
62  O  OP1   . DT  A 4 ? 0.3096 0.1729 0.1806 0.0181  -0.0194 0.0075  4   DT  D OP1   
63  O  OP2   . DT  A 4 ? 0.2733 0.2571 0.1909 0.0813  0.0353  0.0347  4   DT  D OP2   
64  O  "O5'" . DT  A 4 ? 0.1817 0.1275 0.1772 0.0070  0.0195  0.0091  4   DT  D "O5'" 
65  C  "C5'" . DT  A 4 ? 0.1668 0.1369 0.1362 -0.0239 0.0064  -0.0080 4   DT  D "C5'" 
66  C  "C4'" . DT  A 4 ? 0.1523 0.1221 0.1425 -0.0250 0.0001  0.0057  4   DT  D "C4'" 
67  O  "O4'" . DT  A 4 ? 0.1465 0.1085 0.1187 -0.0185 0.0011  0.0116  4   DT  D "O4'" 
68  C  "C3'" . DT  A 4 ? 0.1738 0.1246 0.1180 -0.0081 0.0024  0.0026  4   DT  D "C3'" 
69  O  "O3'" . DT  A 4 ? 0.1910 0.1114 0.1503 -0.0140 -0.0275 -0.0007 4   DT  D "O3'" 
70  C  "C2'" . DT  A 4 ? 0.1532 0.1346 0.1537 -0.0210 -0.0041 0.0165  4   DT  D "C2'" 
71  C  "C1'" . DT  A 4 ? 0.1553 0.1132 0.1177 -0.0060 0.0032  -0.0172 4   DT  D "C1'" 
72  N  N1    . DT  A 4 ? 0.1451 0.1281 0.1161 -0.0246 -0.0010 -0.0034 4   DT  D N1    
73  C  C2    . DT  A 4 ? 0.1447 0.1017 0.1067 -0.0085 0.0172  0.0199  4   DT  D C2    
74  O  O2    . DT  A 4 ? 0.1313 0.1230 0.1465 -0.0164 -0.0008 -0.0068 4   DT  D O2    
75  N  N3    . DT  A 4 ? 0.1470 0.1004 0.1059 -0.0052 0.0067  -0.0004 4   DT  D N3    
76  C  C4    . DT  A 4 ? 0.1618 0.1049 0.1382 -0.0083 -0.0097 0.0106  4   DT  D C4    
77  O  O4    . DT  A 4 ? 0.1387 0.1190 0.1457 0.0046  -0.0014 0.0083  4   DT  D O4    
78  C  C5    . DT  A 4 ? 0.1412 0.1310 0.1161 -0.0052 0.0210  0.0102  4   DT  D C5    
79  C  C7    . DT  A 4 ? 0.1327 0.1611 0.1821 -0.0158 0.0273  0.0153  4   DT  D C7    
80  C  C6    . DT  A 4 ? 0.1598 0.1060 0.1307 0.0043  0.0034  0.0241  4   DT  D C6    
81  P  P     . DT  A 5 ? 0.2191 0.1410 0.1507 0.0005  -0.0171 -0.0007 5   DT  D P     
82  O  OP1   . DT  A 5 ? 0.2519 0.1813 0.1597 -0.0152 -0.0302 -0.0003 5   DT  D OP1   
83  O  OP2   . DT  A 5 ? 0.2388 0.1406 0.1499 -0.0012 -0.0029 0.0159  5   DT  D OP2   
84  O  "O5'" . DT  A 5 ? 0.1890 0.1284 0.1322 -0.0119 -0.0097 -0.0089 5   DT  D "O5'" 
85  C  "C5'" . DT  A 5 ? 0.1702 0.1197 0.1444 -0.0069 -0.0298 -0.0086 5   DT  D "C5'" 
86  C  "C4'" . DT  A 5 ? 0.1171 0.1109 0.1179 0.0064  -0.0095 0.0069  5   DT  D "C4'" 
87  O  "O4'" . DT  A 5 ? 0.1293 0.1170 0.1333 -0.0187 -0.0188 0.0228  5   DT  D "O4'" 
88  C  "C3'" . DT  A 5 ? 0.1242 0.1211 0.1261 0.0046  -0.0098 0.0188  5   DT  D "C3'" 
89  O  "O3'" . DT  A 5 ? 0.1476 0.1165 0.1775 0.0063  -0.0112 0.0306  5   DT  D "O3'" 
90  C  "C2'" . DT  A 5 ? 0.1262 0.1245 0.1259 0.0016  0.0017  -0.0001 5   DT  D "C2'" 
91  C  "C1'" . DT  A 5 ? 0.0986 0.1062 0.1361 -0.0093 -0.0193 0.0098  5   DT  D "C1'" 
92  N  N1    . DT  A 5 ? 0.1089 0.1168 0.1049 0.0050  -0.0081 0.0078  5   DT  D N1    
93  C  C2    . DT  A 5 ? 0.0973 0.0998 0.1033 -0.0066 -0.0043 0.0009  5   DT  D C2    
94  O  O2    . DT  A 5 ? 0.1247 0.1016 0.1136 -0.0009 -0.0058 -0.0091 5   DT  D O2    
95  N  N3    . DT  A 5 ? 0.0935 0.0915 0.0912 -0.0145 -0.0053 -0.0011 5   DT  D N3    
96  C  C4    . DT  A 5 ? 0.1043 0.1012 0.1068 -0.0023 0.0121  0.0127  5   DT  D C4    
97  O  O4    . DT  A 5 ? 0.1030 0.0982 0.1256 0.0052  0.0023  -0.0082 5   DT  D O4    
98  C  C5    . DT  A 5 ? 0.1198 0.0923 0.1215 -0.0022 0.0007  0.0003  5   DT  D C5    
99  C  C7    . DT  A 5 ? 0.1567 0.1269 0.1292 0.0008  -0.0072 -0.0052 5   DT  D C7    
100 C  C6    . DT  A 5 ? 0.1034 0.1159 0.1034 -0.0329 0.0105  0.0052  5   DT  D C6    
101 P  P     . DT  A 6 ? 0.1533 0.1416 0.1951 0.0076  -0.0264 0.0281  6   DT  D P     
102 O  OP1   . DT  A 6 ? 0.1566 0.1802 0.2813 0.0046  -0.0625 0.0132  6   DT  D OP1   
103 O  OP2   . DT  A 6 ? 0.1659 0.1465 0.1985 -0.0086 -0.0254 0.0173  6   DT  D OP2   
104 O  "O5'" . DT  A 6 ? 0.1348 0.1480 0.1755 -0.0323 -0.0222 0.0236  6   DT  D "O5'" 
105 C  "C5'" . DT  A 6 ? 0.1279 0.1479 0.2089 -0.0012 -0.0280 0.0004  6   DT  D "C5'" 
106 C  "C4'" . DT  A 6 ? 0.1363 0.1430 0.1552 0.0088  -0.0347 0.0200  6   DT  D "C4'" 
107 O  "O4'" . DT  A 6 ? 0.1116 0.1324 0.1651 0.0008  0.0125  0.0401  6   DT  D "O4'" 
108 C  "C3'" . DT  A 6 ? 0.1657 0.1297 0.1724 -0.0011 -0.0197 0.0292  6   DT  D "C3'" 
109 O  "O3'" . DT  A 6 ? 0.2592 0.1397 0.3080 0.0028  0.0586  -0.0302 6   DT  D "O3'" 
110 C  "C2'" . DT  A 6 ? 0.1700 0.0949 0.1628 0.0200  0.0063  -0.0040 6   DT  D "C2'" 
111 C  "C1'" . DT  A 6 ? 0.0980 0.1388 0.1171 -0.0134 0.0009  0.0056  6   DT  D "C1'" 
112 N  N1    . DT  A 6 ? 0.1149 0.1062 0.1017 -0.0060 -0.0114 0.0030  6   DT  D N1    
113 C  C2    . DT  A 6 ? 0.1122 0.1071 0.1066 -0.0099 0.0111  0.0183  6   DT  D C2    
114 O  O2    . DT  A 6 ? 0.1129 0.1196 0.0987 -0.0132 -0.0010 0.0143  6   DT  D O2    
115 N  N3    . DT  A 6 ? 0.1032 0.1005 0.0839 -0.0102 -0.0032 0.0007  6   DT  D N3    
116 C  C4    . DT  A 6 ? 0.1000 0.0908 0.1037 -0.0082 0.0094  0.0007  6   DT  D C4    
117 O  O4    . DT  A 6 ? 0.1032 0.1005 0.1146 -0.0103 0.0021  0.0028  6   DT  D O4    
118 C  C5    . DT  A 6 ? 0.1334 0.1076 0.1050 -0.0119 -0.0123 -0.0036 6   DT  D C5    
119 C  C7    . DT  A 6 ? 0.1350 0.1162 0.1113 -0.0214 0.0028  -0.0054 6   DT  D C7    
120 C  C6    . DT  A 6 ? 0.1114 0.1068 0.1031 -0.0106 0.0060  0.0046  6   DT  D C6    
121 O  "O5'" . DA  B 1 ? 0.2135 0.3046 0.2997 -0.0312 0.0343  -0.0243 1   DA  C "O5'" 
122 C  "C5'" . DA  B 1 ? 0.2692 0.2274 0.2280 -0.0240 -0.0401 0.0267  1   DA  C "C5'" 
123 C  "C4'" . DA  B 1 ? 0.1423 0.2340 0.2945 -0.0249 -0.0568 -0.0333 1   DA  C "C4'" 
124 O  "O4'" . DA  B 1 ? 0.1696 0.1817 0.2547 -0.0015 -0.0301 0.0059  1   DA  C "O4'" 
125 C  "C3'" . DA  B 1 ? 0.1952 0.2488 0.2253 -0.0100 -0.0478 -0.0399 1   DA  C "C3'" 
126 O  "O3'" . DA  B 1 ? 0.2114 0.3241 0.2362 0.0223  -0.0101 -0.0219 1   DA  C "O3'" 
127 C  "C2'" . DA  B 1 ? 0.2207 0.1926 0.2166 0.0171  0.0495  0.0372  1   DA  C "C2'" 
128 C  "C1'" . DA  B 1 ? 0.1479 0.2347 0.1821 -0.0067 -0.0373 -0.0092 1   DA  C "C1'" 
129 N  N9    . DA  B 1 ? 0.1386 0.1646 0.1479 -0.0059 -0.0362 0.0224  1   DA  C N9    
130 C  C8    . DA  B 1 ? 0.1408 0.1632 0.1594 -0.0102 -0.0138 0.0193  1   DA  C C8    
131 N  N7    . DA  B 1 ? 0.1511 0.1292 0.1156 -0.0125 -0.0310 0.0205  1   DA  C N7    
132 C  C5    . DA  B 1 ? 0.1416 0.1099 0.1152 -0.0309 -0.0242 0.0290  1   DA  C C5    
133 C  C6    . DA  B 1 ? 0.1243 0.0871 0.1078 -0.0197 -0.0066 0.0056  1   DA  C C6    
134 N  N6    . DA  B 1 ? 0.1428 0.0913 0.1043 -0.0242 -0.0191 0.0073  1   DA  C N6    
135 N  N1    . DA  B 1 ? 0.1105 0.1122 0.1015 -0.0198 -0.0061 0.0045  1   DA  C N1    
136 C  C2    . DA  B 1 ? 0.1201 0.0982 0.1282 -0.0015 0.0027  0.0010  1   DA  C C2    
137 N  N3    . DA  B 1 ? 0.1154 0.1574 0.1344 -0.0052 -0.0132 0.0014  1   DA  C N3    
138 C  C4    . DA  B 1 ? 0.1225 0.1523 0.1267 -0.0136 -0.0180 0.0260  1   DA  C C4    
139 P  P     . DA  B 2 ? 0.2840 0.3192 0.2382 -0.0007 0.0038  -0.0008 2   DA  C P     
140 O  OP1   . DA  B 2 ? 0.4876 0.3684 0.4432 0.0673  0.0797  -0.0730 2   DA  C OP1   
141 O  OP2   . DA  B 2 ? 0.2909 0.3051 0.1494 -0.1754 0.0443  -0.0262 2   DA  C OP2   
142 O  "O5'" . DA  B 2 ? 0.2225 0.2375 0.2223 0.0159  -0.0408 0.0195  2   DA  C "O5'" 
143 C  "C5'" . DA  B 2 ? 0.3040 0.1927 0.2529 0.0204  -0.0399 0.0345  2   DA  C "C5'" 
144 C  "C4'" . DA  B 2 ? 0.2976 0.2486 0.1466 0.0383  -0.0072 0.0368  2   DA  C "C4'" 
145 O  "O4'" . DA  B 2 ? 0.2252 0.1350 0.1880 0.0151  -0.0181 0.0320  2   DA  C "O4'" 
146 C  "C3'" . DA  B 2 ? 0.1626 0.1729 0.1801 0.0069  -0.0131 -0.0411 2   DA  C "C3'" 
147 O  "O3'" . DA  B 2 ? 0.1875 0.1560 0.1544 0.0151  -0.0180 0.0009  2   DA  C "O3'" 
148 C  "C2'" . DA  B 2 ? 0.1800 0.1406 0.1786 -0.0081 0.0162  -0.0110 2   DA  C "C2'" 
149 C  "C1'" . DA  B 2 ? 0.1422 0.1108 0.1431 0.0165  -0.0266 0.0139  2   DA  C "C1'" 
150 N  N9    . DA  B 2 ? 0.1310 0.1175 0.1296 0.0049  -0.0070 0.0095  2   DA  C N9    
151 C  C8    . DA  B 2 ? 0.1547 0.1294 0.1617 0.0311  -0.0495 0.0265  2   DA  C C8    
152 N  N7    . DA  B 2 ? 0.1378 0.1303 0.1464 -0.0122 -0.0162 0.0059  2   DA  C N7    
153 C  C5    . DA  B 2 ? 0.1227 0.1361 0.1227 -0.0094 0.0002  0.0122  2   DA  C C5    
154 C  C6    . DA  B 2 ? 0.1293 0.0920 0.1201 -0.0014 0.0031  0.0264  2   DA  C C6    
155 N  N6    . DA  B 2 ? 0.1309 0.0903 0.1271 -0.0150 -0.0063 0.0193  2   DA  C N6    
156 N  N1    . DA  B 2 ? 0.1345 0.1192 0.1246 -0.0200 -0.0126 0.0186  2   DA  C N1    
157 C  C2    . DA  B 2 ? 0.1360 0.1436 0.1254 -0.0205 -0.0112 0.0121  2   DA  C C2    
158 N  N3    . DA  B 2 ? 0.1324 0.1132 0.1365 -0.0191 -0.0102 0.0181  2   DA  C N3    
159 C  C4    . DA  B 2 ? 0.1333 0.1171 0.1281 0.0089  -0.0015 0.0170  2   DA  C C4    
160 P  P     . DA  B 3 ? 0.1638 0.1404 0.1768 -0.0033 0.0017  0.0088  3   DA  C P     
161 O  OP1   . DA  B 3 ? 0.1900 0.1534 0.1722 -0.0182 0.0064  0.0037  3   DA  C OP1   
162 O  OP2   . DA  B 3 ? 0.1673 0.1402 0.2026 -0.0196 -0.0084 0.0015  3   DA  C OP2   
163 O  "O5'" . DA  B 3 ? 0.1591 0.1298 0.1535 -0.0074 -0.0132 0.0034  3   DA  C "O5'" 
164 C  "C5'" . DA  B 3 ? 0.1360 0.1173 0.1632 0.0039  0.0026  -0.0055 3   DA  C "C5'" 
165 C  "C4'" . DA  B 3 ? 0.1563 0.1262 0.1144 -0.0048 0.0035  0.0056  3   DA  C "C4'" 
166 O  "O4'" . DA  B 3 ? 0.1564 0.0946 0.1258 -0.0056 0.0176  -0.0007 3   DA  C "O4'" 
167 C  "C3'" . DA  B 3 ? 0.1289 0.0934 0.1160 0.0294  0.0154  -0.0051 3   DA  C "C3'" 
168 O  "O3'" . DA  B 3 ? 0.1300 0.1074 0.1186 0.0064  0.0063  -0.0045 3   DA  C "O3'" 
169 C  "C2'" . DA  B 3 ? 0.1454 0.1088 0.1036 -0.0076 0.0055  0.0029  3   DA  C "C2'" 
170 C  "C1'" . DA  B 3 ? 0.1271 0.0908 0.1193 -0.0048 0.0029  -0.0020 3   DA  C "C1'" 
171 N  N9    . DA  B 3 ? 0.1127 0.0921 0.0946 0.0035  0.0102  -0.0038 3   DA  C N9    
172 C  C8    . DA  B 3 ? 0.1237 0.0952 0.1458 0.0252  -0.0069 -0.0132 3   DA  C C8    
173 N  N7    . DA  B 3 ? 0.1066 0.0917 0.1240 0.0018  -0.0031 0.0053  3   DA  C N7    
174 C  C5    . DA  B 3 ? 0.1036 0.0715 0.0980 -0.0045 0.0037  0.0017  3   DA  C C5    
175 C  C6    . DA  B 3 ? 0.0956 0.0790 0.0846 -0.0223 0.0070  0.0126  3   DA  C C6    
176 N  N6    . DA  B 3 ? 0.1032 0.0859 0.1070 -0.0104 0.0065  -0.0036 3   DA  C N6    
177 N  N1    . DA  B 3 ? 0.1134 0.0966 0.1102 0.0012  0.0047  0.0064  3   DA  C N1    
178 C  C2    . DA  B 3 ? 0.0989 0.1000 0.1191 0.0025  0.0028  -0.0023 3   DA  C C2    
179 N  N3    . DA  B 3 ? 0.1036 0.1154 0.0826 0.0037  0.0055  0.0051  3   DA  C N3    
180 C  C4    . DA  B 3 ? 0.0994 0.0863 0.1053 -0.0015 0.0080  -0.0098 3   DA  C C4    
181 P  P     . DT  B 4 ? 0.1446 0.1341 0.1287 -0.0048 -0.0085 -0.0087 4   DT  C P     
182 O  OP1   . DT  B 4 ? 0.1486 0.1654 0.1314 -0.0022 -0.0134 -0.0051 4   DT  C OP1   
183 O  OP2   . DT  B 4 ? 0.1362 0.1323 0.1471 0.0094  0.0134  0.0135  4   DT  C OP2   
184 O  "O5'" . DT  B 4 ? 0.1384 0.1107 0.1231 0.0000  -0.0036 -0.0165 4   DT  C "O5'" 
185 C  "C5'" . DT  B 4 ? 0.1421 0.1241 0.1278 -0.0048 -0.0128 -0.0205 4   DT  C "C5'" 
186 C  "C4'" . DT  B 4 ? 0.1465 0.1071 0.1079 -0.0005 -0.0050 -0.0008 4   DT  C "C4'" 
187 O  "O4'" . DT  B 4 ? 0.1510 0.1128 0.0998 -0.0100 0.0010  -0.0126 4   DT  C "O4'" 
188 C  "C3'" . DT  B 4 ? 0.1538 0.1129 0.1365 0.0029  0.0001  0.0038  4   DT  C "C3'" 
189 O  "O3'" . DT  B 4 ? 0.1677 0.1123 0.1393 -0.0006 -0.0129 -0.0114 4   DT  C "O3'" 
190 C  "C2'" . DT  B 4 ? 0.1519 0.1413 0.1174 -0.0164 -0.0094 0.0191  4   DT  C "C2'" 
191 C  "C1'" . DT  B 4 ? 0.1313 0.1136 0.1079 -0.0032 0.0068  -0.0100 4   DT  C "C1'" 
192 N  N1    . DT  B 4 ? 0.1379 0.0888 0.1072 -0.0071 -0.0085 -0.0002 4   DT  C N1    
193 C  C2    . DT  B 4 ? 0.1153 0.1058 0.1151 -0.0020 0.0061  -0.0073 4   DT  C C2    
194 O  O2    . DT  B 4 ? 0.1226 0.0955 0.1369 -0.0143 -0.0009 -0.0160 4   DT  C O2    
195 N  N3    . DT  B 4 ? 0.1292 0.0764 0.0944 -0.0072 -0.0056 0.0030  4   DT  C N3    
196 C  C4    . DT  B 4 ? 0.1293 0.0719 0.1021 -0.0076 0.0062  0.0143  4   DT  C C4    
197 O  O4    . DT  B 4 ? 0.1392 0.0917 0.0992 0.0037  0.0029  0.0036  4   DT  C O4    
198 C  C5    . DT  B 4 ? 0.1463 0.0805 0.1044 -0.0028 0.0063  0.0131  4   DT  C C5    
199 C  C7    . DT  B 4 ? 0.1434 0.1172 0.1176 0.0032  0.0076  -0.0039 4   DT  C C7    
200 C  C6    . DT  B 4 ? 0.1406 0.0659 0.1024 0.0149  0.0034  -0.0089 4   DT  C C6    
201 P  P     . DT  B 5 ? 0.1771 0.1376 0.1556 0.0183  -0.0175 0.0000  5   DT  C P     
202 O  OP1   . DT  B 5 ? 0.1967 0.1700 0.1857 0.0140  -0.0167 -0.0202 5   DT  C OP1   
203 O  OP2   . DT  B 5 ? 0.2143 0.1487 0.1416 0.0198  0.0240  0.0166  5   DT  C OP2   
204 O  "O5'" . DT  B 5 ? 0.1584 0.1289 0.1363 0.0089  -0.0046 -0.0057 5   DT  C "O5'" 
205 C  "C5'" . DT  B 5 ? 0.1427 0.1423 0.1306 0.0202  -0.0203 -0.0054 5   DT  C "C5'" 
206 C  "C4'" . DT  B 5 ? 0.1319 0.1227 0.1452 0.0089  -0.0056 -0.0068 5   DT  C "C4'" 
207 O  "O4'" . DT  B 5 ? 0.1267 0.1011 0.1323 -0.0043 -0.0071 -0.0028 5   DT  C "O4'" 
208 C  "C3'" . DT  B 5 ? 0.1740 0.1292 0.1093 -0.0108 -0.0062 -0.0036 5   DT  C "C3'" 
209 O  "O3'" . DT  B 5 ? 0.1592 0.1179 0.1352 0.0132  -0.0188 0.0249  5   DT  C "O3'" 
210 C  "C2'" . DT  B 5 ? 0.1386 0.1125 0.1164 0.0190  -0.0088 0.0244  5   DT  C "C2'" 
211 C  "C1'" . DT  B 5 ? 0.1247 0.0851 0.1119 0.0139  -0.0238 -0.0015 5   DT  C "C1'" 
212 N  N1    . DT  B 5 ? 0.1193 0.1044 0.1069 0.0086  0.0066  0.0176  5   DT  C N1    
213 C  C2    . DT  B 5 ? 0.1168 0.1019 0.1205 0.0107  0.0009  0.0177  5   DT  C C2    
214 O  O2    . DT  B 5 ? 0.1260 0.1037 0.1030 0.0110  0.0100  0.0072  5   DT  C O2    
215 N  N3    . DT  B 5 ? 0.1077 0.1046 0.1036 -0.0058 0.0024  0.0154  5   DT  C N3    
216 C  C4    . DT  B 5 ? 0.1194 0.0872 0.1288 -0.0011 0.0066  0.0283  5   DT  C C4    
217 O  O4    . DT  B 5 ? 0.1230 0.0863 0.1325 -0.0014 0.0083  0.0048  5   DT  C O4    
218 C  C5    . DT  B 5 ? 0.1274 0.0895 0.1289 -0.0041 0.0069  0.0000  5   DT  C C5    
219 C  C7    . DT  B 5 ? 0.1586 0.1138 0.1192 0.0030  0.0201  0.0104  5   DT  C C7    
220 C  C6    . DT  B 5 ? 0.1189 0.0908 0.0930 -0.0106 0.0074  0.0042  5   DT  C C6    
221 P  P     . DT  B 6 ? 0.1737 0.1259 0.1680 0.0209  -0.0283 0.0138  6   DT  C P     
222 O  OP1   . DT  B 6 ? 0.1694 0.1519 0.2074 -0.0041 -0.0258 0.0106  6   DT  C OP1   
223 O  OP2   . DT  B 6 ? 0.2549 0.1097 0.1927 -0.0044 -0.0201 0.0165  6   DT  C OP2   
224 O  "O5'" . DT  B 6 ? 0.1529 0.1310 0.1671 0.0087  -0.0328 0.0228  6   DT  C "O5'" 
225 C  "C5'" . DT  B 6 ? 0.1411 0.1517 0.1416 0.0206  -0.0122 0.0115  6   DT  C "C5'" 
226 C  "C4'" . DT  B 6 ? 0.1360 0.1663 0.1995 0.0262  -0.0140 0.0121  6   DT  C "C4'" 
227 O  "O4'" . DT  B 6 ? 0.1293 0.1420 0.1619 0.0148  0.0003  0.0284  6   DT  C "O4'" 
228 C  "C3'" . DT  B 6 ? 0.1904 0.1692 0.1568 -0.0346 -0.0419 -0.0098 6   DT  C "C3'" 
229 O  "O3'" . DT  B 6 ? 0.2837 0.2018 0.3578 0.0116  0.0929  -0.0627 6   DT  C "O3'" 
230 C  "C2'" . DT  B 6 ? 0.2034 0.1064 0.2159 0.0064  0.0171  0.0233  6   DT  C "C2'" 
231 C  "C1'" . DT  B 6 ? 0.1329 0.1283 0.1694 -0.0016 0.0155  -0.0148 6   DT  C "C1'" 
232 N  N1    . DT  B 6 ? 0.1409 0.1422 0.1151 0.0115  -0.0046 0.0027  6   DT  C N1    
233 C  C2    . DT  B 6 ? 0.0926 0.1017 0.1230 0.0109  0.0067  0.0138  6   DT  C C2    
234 O  O2    . DT  B 6 ? 0.1237 0.1166 0.1340 0.0149  -0.0017 0.0045  6   DT  C O2    
235 N  N3    . DT  B 6 ? 0.1010 0.0715 0.1283 0.0048  -0.0058 0.0022  6   DT  C N3    
236 C  C4    . DT  B 6 ? 0.1094 0.0828 0.1331 -0.0178 0.0061  -0.0031 6   DT  C C4    
237 O  O4    . DT  B 6 ? 0.1104 0.1223 0.1391 -0.0045 0.0043  0.0109  6   DT  C O4    
238 C  C5    . DT  B 6 ? 0.1594 0.0935 0.1170 -0.0005 -0.0043 0.0025  6   DT  C C5    
239 C  C7    . DT  B 6 ? 0.1440 0.1754 0.1313 -0.0013 -0.0112 -0.0227 6   DT  C C7    
240 C  C6    . DT  B 6 ? 0.1418 0.1142 0.1028 -0.0030 -0.0333 0.0105  6   DT  C C6    
241 O  "O5'" . DA  C 1 ? 0.2094 0.1877 0.1941 -0.0321 -0.0504 0.0418  1   DA  A "O5'" 
242 C  "C5'" . DA  C 1 ? 0.1274 0.1537 0.1201 -0.0008 -0.0362 0.0332  1   DA  A "C5'" 
243 C  "C4'" . DA  C 1 ? 0.1223 0.1424 0.1227 0.0010  -0.0175 0.0194  1   DA  A "C4'" 
244 O  "O4'" . DA  C 1 ? 0.1165 0.1627 0.1049 -0.0218 -0.0089 0.0360  1   DA  A "O4'" 
245 C  "C3'" . DA  C 1 ? 0.1401 0.1343 0.1062 0.0039  -0.0292 0.0152  1   DA  A "C3'" 
246 O  "O3'" . DA  C 1 ? 0.1115 0.1428 0.1246 -0.0171 -0.0018 -0.0059 1   DA  A "O3'" 
247 C  "C2'" . DA  C 1 ? 0.1368 0.1113 0.1167 0.0039  -0.0296 0.0128  1   DA  A "C2'" 
248 C  "C1'" . DA  C 1 ? 0.1025 0.1332 0.1064 -0.0124 0.0134  0.0045  1   DA  A "C1'" 
249 N  N9    . DA  C 1 ? 0.1210 0.1082 0.1056 -0.0080 -0.0148 0.0107  1   DA  A N9    
250 C  C8    . DA  C 1 ? 0.1175 0.1106 0.0880 -0.0128 -0.0163 -0.0030 1   DA  A C8    
251 N  N7    . DA  C 1 ? 0.1294 0.1002 0.1436 -0.0032 0.0107  -0.0079 1   DA  A N7    
252 C  C5    . DA  C 1 ? 0.1158 0.0885 0.1239 -0.0157 0.0068  -0.0039 1   DA  A C5    
253 C  C6    . DA  C 1 ? 0.1021 0.0916 0.1180 -0.0107 0.0146  -0.0016 1   DA  A C6    
254 N  N6    . DA  C 1 ? 0.1100 0.1130 0.1506 -0.0064 0.0038  0.0130  1   DA  A N6    
255 N  N1    . DA  C 1 ? 0.1041 0.1035 0.1080 -0.0084 -0.0022 0.0169  1   DA  A N1    
256 C  C2    . DA  C 1 ? 0.1070 0.0937 0.1015 -0.0142 -0.0127 -0.0016 1   DA  A C2    
257 N  N3    . DA  C 1 ? 0.0794 0.1127 0.0909 -0.0115 0.0070  0.0068  1   DA  A N3    
258 C  C4    . DA  C 1 ? 0.1022 0.0972 0.0990 -0.0078 -0.0091 0.0009  1   DA  A C4    
259 P  P     . DA  C 2 ? 0.0999 0.1301 0.1016 -0.0006 -0.0083 0.0005  2   DA  A P     
260 O  OP1   . DA  C 2 ? 0.1059 0.1715 0.1032 -0.0024 -0.0117 -0.0135 2   DA  A OP1   
261 O  OP2   . DA  C 2 ? 0.0953 0.1298 0.0944 -0.0048 -0.0043 0.0049  2   DA  A OP2   
262 O  "O5'" . DA  C 2 ? 0.1067 0.1346 0.0950 -0.0056 -0.0136 0.0075  2   DA  A "O5'" 
263 C  "C5'" . DA  C 2 ? 0.1083 0.1279 0.0879 0.0029  -0.0016 0.0026  2   DA  A "C5'" 
264 C  "C4'" . DA  C 2 ? 0.1174 0.1120 0.0857 -0.0015 -0.0059 -0.0059 2   DA  A "C4'" 
265 O  "O4'" . DA  C 2 ? 0.1035 0.1268 0.1001 -0.0044 -0.0113 0.0131  2   DA  A "O4'" 
266 C  "C3'" . DA  C 2 ? 0.0959 0.0960 0.1071 -0.0096 -0.0192 -0.0012 2   DA  A "C3'" 
267 O  "O3'" . DA  C 2 ? 0.1559 0.0948 0.0979 0.0010  -0.0268 -0.0125 2   DA  A "O3'" 
268 C  "C2'" . DA  C 2 ? 0.1186 0.1017 0.0942 -0.0040 0.0001  0.0128  2   DA  A "C2'" 
269 C  "C1'" . DA  C 2 ? 0.1011 0.1009 0.0802 -0.0138 -0.0127 -0.0127 2   DA  A "C1'" 
270 N  N9    . DA  C 2 ? 0.0909 0.0968 0.0892 -0.0078 -0.0048 -0.0063 2   DA  A N9    
271 C  C8    . DA  C 2 ? 0.1314 0.1059 0.0968 -0.0075 -0.0091 -0.0098 2   DA  A C8    
272 N  N7    . DA  C 2 ? 0.1062 0.1072 0.0961 -0.0140 -0.0023 -0.0051 2   DA  A N7    
273 C  C5    . DA  C 2 ? 0.0844 0.0912 0.1039 -0.0161 -0.0038 -0.0048 2   DA  A C5    
274 C  C6    . DA  C 2 ? 0.0914 0.0925 0.1056 -0.0096 0.0055  0.0170  2   DA  A C6    
275 N  N6    . DA  C 2 ? 0.0992 0.1089 0.1097 0.0073  0.0071  -0.0032 2   DA  A N6    
276 N  N1    . DA  C 2 ? 0.0936 0.1038 0.1111 -0.0004 -0.0025 0.0071  2   DA  A N1    
277 C  C2    . DA  C 2 ? 0.0930 0.0988 0.0918 -0.0088 -0.0053 0.0127  2   DA  A C2    
278 N  N3    . DA  C 2 ? 0.0976 0.1006 0.0953 -0.0073 0.0008  -0.0037 2   DA  A N3    
279 C  C4    . DA  C 2 ? 0.0986 0.0845 0.1122 -0.0046 -0.0058 -0.0006 2   DA  A C4    
280 P  P     . DA  C 3 ? 0.1132 0.1117 0.1057 0.0064  -0.0152 -0.0070 3   DA  A P     
281 O  OP1   . DA  C 3 ? 0.1210 0.1316 0.1143 0.0169  -0.0097 -0.0023 3   DA  A OP1   
282 O  OP2   . DA  C 3 ? 0.1243 0.1301 0.0928 -0.0003 -0.0154 -0.0095 3   DA  A OP2   
283 O  "O5'" . DA  C 3 ? 0.1221 0.1216 0.0978 -0.0073 -0.0183 -0.0039 3   DA  A "O5'" 
284 C  "C5'" . DA  C 3 ? 0.0942 0.1056 0.0937 0.0025  -0.0049 -0.0112 3   DA  A "C5'" 
285 C  "C4'" . DA  C 3 ? 0.0922 0.0846 0.1038 0.0168  0.0077  0.0037  3   DA  A "C4'" 
286 O  "O4'" . DA  C 3 ? 0.1174 0.0771 0.0988 0.0068  0.0126  -0.0037 3   DA  A "O4'" 
287 C  "C3'" . DA  C 3 ? 0.0812 0.0962 0.0970 0.0074  -0.0017 -0.0035 3   DA  A "C3'" 
288 O  "O3'" . DA  C 3 ? 0.1072 0.1082 0.1106 -0.0136 0.0032  -0.0306 3   DA  A "O3'" 
289 C  "C2'" . DA  C 3 ? 0.0846 0.0809 0.0922 -0.0060 -0.0003 -0.0052 3   DA  A "C2'" 
290 C  "C1'" . DA  C 3 ? 0.0960 0.0812 0.0802 -0.0035 0.0002  -0.0022 3   DA  A "C1'" 
291 N  N9    . DA  C 3 ? 0.0811 0.0791 0.0845 0.0095  -0.0061 -0.0042 3   DA  A N9    
292 C  C8    . DA  C 3 ? 0.0905 0.0796 0.0730 0.0060  0.0038  0.0007  3   DA  A C8    
293 N  N7    . DA  C 3 ? 0.0743 0.0773 0.0713 0.0061  0.0024  -0.0092 3   DA  A N7    
294 C  C5    . DA  C 3 ? 0.0796 0.0666 0.0747 0.0003  -0.0016 -0.0003 3   DA  A C5    
295 C  C6    . DA  C 3 ? 0.0848 0.0676 0.0838 -0.0071 -0.0079 -0.0151 3   DA  A C6    
296 N  N6    . DA  C 3 ? 0.0720 0.0704 0.0716 0.0056  0.0036  -0.0004 3   DA  A N6    
297 N  N1    . DA  C 3 ? 0.0666 0.0738 0.0836 -0.0031 -0.0009 0.0048  3   DA  A N1    
298 C  C2    . DA  C 3 ? 0.1093 0.0723 0.0834 0.0042  -0.0067 0.0052  3   DA  A C2    
299 N  N3    . DA  C 3 ? 0.0879 0.0818 0.0780 0.0009  -0.0049 -0.0074 3   DA  A N3    
300 C  C4    . DA  C 3 ? 0.0753 0.0933 0.0827 0.0073  0.0029  -0.0038 3   DA  A C4    
301 P  P     . DT  C 4 ? 0.1376 0.1332 0.1535 -0.0222 0.0085  -0.0464 4   DT  A P     
302 O  OP1   . DT  C 4 ? 0.1555 0.2128 0.1821 -0.0570 -0.0051 -0.0853 4   DT  A OP1   
303 O  OP2   . DT  C 4 ? 0.1749 0.1102 0.2488 -0.0065 0.0144  -0.0299 4   DT  A OP2   
304 O  "O5'" . DT  C 4 ? 0.1318 0.1228 0.1361 -0.0065 0.0151  -0.0412 4   DT  A "O5'" 
305 C  "C5'" . DT  C 4 ? 0.1347 0.1639 0.1008 -0.0287 -0.0040 -0.0382 4   DT  A "C5'" 
306 C  "C4'" . DT  C 4 ? 0.1253 0.1319 0.1053 -0.0103 -0.0118 -0.0101 4   DT  A "C4'" 
307 O  "O4'" . DT  C 4 ? 0.1133 0.0986 0.1094 -0.0161 0.0036  -0.0260 4   DT  A "O4'" 
308 C  "C3'" . DT  C 4 ? 0.1094 0.1436 0.1092 -0.0114 -0.0009 -0.0069 4   DT  A "C3'" 
309 O  "O3'" . DT  C 4 ? 0.1150 0.1654 0.1149 -0.0231 -0.0137 -0.0247 4   DT  A "O3'" 
310 C  "C2'" . DT  C 4 ? 0.0770 0.1382 0.1112 -0.0249 0.0046  -0.0024 4   DT  A "C2'" 
311 C  "C1'" . DT  C 4 ? 0.1149 0.1233 0.0875 0.0055  -0.0125 0.0017  4   DT  A "C1'" 
312 N  N1    . DT  C 4 ? 0.1018 0.0846 0.1006 -0.0048 -0.0075 -0.0086 4   DT  A N1    
313 C  C2    . DT  C 4 ? 0.0821 0.0787 0.0833 0.0010  0.0142  0.0097  4   DT  A C2    
314 O  O2    . DT  C 4 ? 0.0939 0.1016 0.1094 0.0008  -0.0073 0.0047  4   DT  A O2    
315 N  N3    . DT  C 4 ? 0.0814 0.0742 0.1093 -0.0040 0.0027  0.0069  4   DT  A N3    
316 C  C4    . DT  C 4 ? 0.0724 0.0781 0.0883 -0.0106 0.0048  0.0032  4   DT  A C4    
317 O  O4    . DT  C 4 ? 0.0935 0.0908 0.1017 -0.0025 -0.0036 -0.0108 4   DT  A O4    
318 C  C5    . DT  C 4 ? 0.0810 0.0761 0.1043 -0.0098 0.0132  0.0064  4   DT  A C5    
319 C  C7    . DT  C 4 ? 0.1057 0.0681 0.1070 0.0200  0.0115  -0.0141 4   DT  A C7    
320 C  C6    . DT  C 4 ? 0.0993 0.0720 0.0987 0.0156  0.0090  -0.0034 4   DT  A C6    
321 P  P     . DT  C 5 ? 0.1449 0.1844 0.1590 -0.0306 -0.0048 -0.0365 5   DT  A P     
322 O  OP1   . DT  C 5 ? 0.1374 0.2685 0.1862 -0.0401 -0.0222 -0.0515 5   DT  A OP1   
323 O  OP2   . DT  C 5 ? 0.1430 0.1744 0.2135 -0.0543 -0.0021 -0.0435 5   DT  A OP2   
324 O  "O5'" . DT  C 5 ? 0.1290 0.1609 0.1405 -0.0217 -0.0161 -0.0386 5   DT  A "O5'" 
325 C  "C5'" . DT  C 5 ? 0.1212 0.1997 0.1291 0.0002  -0.0085 0.0018  5   DT  A "C5'" 
326 C  "C4'" . DT  C 5 ? 0.0882 0.1274 0.1030 -0.0130 -0.0201 -0.0105 5   DT  A "C4'" 
327 O  "O4'" . DT  C 5 ? 0.1090 0.1171 0.0999 -0.0276 -0.0114 -0.0027 5   DT  A "O4'" 
328 C  "C3'" . DT  C 5 ? 0.1208 0.1445 0.1318 -0.0162 -0.0094 -0.0077 5   DT  A "C3'" 
329 O  "O3'" . DT  C 5 ? 0.1044 0.2485 0.1635 -0.0001 0.0086  0.0177  5   DT  A "O3'" 
330 C  "C2'" . DT  C 5 ? 0.1251 0.1762 0.1184 -0.0507 0.0060  0.0084  5   DT  A "C2'" 
331 C  "C1'" . DT  C 5 ? 0.0893 0.1077 0.0910 -0.0007 -0.0055 -0.0279 5   DT  A "C1'" 
332 N  N1    . DT  C 5 ? 0.0808 0.0965 0.1128 -0.0114 -0.0130 -0.0149 5   DT  A N1    
333 C  C2    . DT  C 5 ? 0.1095 0.1053 0.0778 -0.0036 0.0095  0.0093  5   DT  A C2    
334 O  O2    . DT  C 5 ? 0.1207 0.0958 0.0988 0.0005  -0.0192 -0.0017 5   DT  A O2    
335 N  N3    . DT  C 5 ? 0.1123 0.0801 0.0875 -0.0106 -0.0058 0.0046  5   DT  A N3    
336 C  C4    . DT  C 5 ? 0.1156 0.0789 0.0926 -0.0046 -0.0181 0.0111  5   DT  A C4    
337 O  O4    . DT  C 5 ? 0.1068 0.0755 0.1116 -0.0040 -0.0141 0.0090  5   DT  A O4    
338 C  C5    . DT  C 5 ? 0.1027 0.0968 0.1030 -0.0162 0.0062  0.0003  5   DT  A C5    
339 C  C7    . DT  C 5 ? 0.0981 0.1168 0.1042 -0.0065 0.0037  -0.0021 5   DT  A C7    
340 C  C6    . DT  C 5 ? 0.1193 0.0909 0.0902 -0.0012 0.0003  0.0024  5   DT  A C6    
341 P  P     . DT  C 6 ? 0.1297 0.3317 0.2130 -0.0422 0.0109  -0.0179 6   DT  A P     
342 O  OP1   . DT  C 6 ? 0.1324 0.5855 0.2476 0.0124  0.0557  0.0333  6   DT  A OP1   
343 O  OP2   . DT  C 6 ? 0.2077 0.3260 0.3184 -0.1068 0.0612  -0.0320 6   DT  A OP2   
344 O  "O5'" . DT  C 6 ? 0.1261 0.2266 0.1366 -0.0242 0.0357  -0.0017 6   DT  A "O5'" 
345 C  "C5'" . DT  C 6 ? 0.1210 0.1896 0.1713 -0.0280 0.0248  0.0501  6   DT  A "C5'" 
346 C  "C4'" . DT  C 6 ? 0.1205 0.1204 0.1652 -0.0184 -0.0288 0.0206  6   DT  A "C4'" 
347 O  "O4'" . DT  C 6 ? 0.1239 0.1845 0.1678 -0.0368 -0.0331 0.0537  6   DT  A "O4'" 
348 C  "C3'" . DT  C 6 ? 0.1550 0.1646 0.1238 -0.0178 0.0011  0.0207  6   DT  A "C3'" 
349 O  "O3'" . DT  C 6 ? 0.1865 0.1883 0.2443 0.0248  0.0196  0.0395  6   DT  A "O3'" 
350 C  "C2'" . DT  C 6 ? 0.1468 0.1580 0.1375 -0.0088 -0.0121 0.0104  6   DT  A "C2'" 
351 C  "C1'" . DT  C 6 ? 0.1682 0.1687 0.1320 -0.0337 -0.0314 -0.0084 6   DT  A "C1'" 
352 N  N1    . DT  C 6 ? 0.1484 0.1356 0.1148 -0.0212 -0.0333 -0.0127 6   DT  A N1    
353 C  C2    . DT  C 6 ? 0.1601 0.1141 0.1277 -0.0329 -0.0150 0.0079  6   DT  A C2    
354 O  O2    . DT  C 6 ? 0.1459 0.1328 0.1034 0.0000  -0.0222 -0.0023 6   DT  A O2    
355 N  N3    . DT  C 6 ? 0.1490 0.1108 0.1020 -0.0181 -0.0174 0.0003  6   DT  A N3    
356 C  C4    . DT  C 6 ? 0.1504 0.1133 0.1557 -0.0255 -0.0001 0.0051  6   DT  A C4    
357 O  O4    . DT  C 6 ? 0.1364 0.1247 0.1048 -0.0309 -0.0074 0.0049  6   DT  A O4    
358 C  C5    . DT  C 6 ? 0.1469 0.1278 0.1052 -0.0179 -0.0002 -0.0062 6   DT  A C5    
359 C  C7    . DT  C 6 ? 0.1589 0.1075 0.1434 -0.0020 -0.0196 0.0028  6   DT  A C7    
360 C  C6    . DT  C 6 ? 0.1516 0.1366 0.1274 -0.0335 -0.0170 -0.0101 6   DT  A C6    
361 O  "O5'" . DA  D 1 ? 0.2742 0.2681 0.2650 0.0222  -0.0801 0.0436  1   DA  B "O5'" 
362 C  "C5'" . DA  D 1 ? 0.3455 0.1774 0.3927 -0.0752 -0.0852 -0.0287 1   DA  B "C5'" 
363 C  "C4'" . DA  D 1 ? 0.3602 0.1859 0.2252 -0.0732 -0.1392 0.0337  1   DA  B "C4'" 
364 O  "O4'" . DA  D 1 ? 0.3845 0.1638 0.2186 -0.0909 -0.1676 0.0241  1   DA  B "O4'" 
365 C  "C3'" . DA  D 1 ? 0.2543 0.1334 0.1703 -0.0476 -0.0782 0.0228  1   DA  B "C3'" 
366 O  "O3'" . DA  D 1 ? 0.2788 0.1351 0.1394 -0.0299 -0.0711 0.0090  1   DA  B "O3'" 
367 C  "C2'" . DA  D 1 ? 0.2554 0.1656 0.1664 -0.0529 -0.0838 -0.0123 1   DA  B "C2'" 
368 C  "C1'" . DA  D 1 ? 0.2780 0.1751 0.1455 -0.0373 -0.0538 0.0346  1   DA  B "C1'" 
369 N  N9    . DA  D 1 ? 0.2292 0.1437 0.1356 -0.0430 -0.0568 0.0179  1   DA  B N9    
370 C  C8    . DA  D 1 ? 0.2093 0.1573 0.1890 -0.0519 -0.0314 0.0203  1   DA  B C8    
371 N  N7    . DA  D 1 ? 0.1845 0.1930 0.1862 -0.0723 -0.0363 0.0433  1   DA  B N7    
372 C  C5    . DA  D 1 ? 0.1667 0.1480 0.1463 -0.0311 -0.0367 0.0176  1   DA  B C5    
373 C  C6    . DA  D 1 ? 0.1343 0.0911 0.0998 -0.0219 -0.0086 0.0085  1   DA  B C6    
374 N  N6    . DA  D 1 ? 0.1175 0.1237 0.1283 -0.0265 -0.0036 0.0024  1   DA  B N6    
375 N  N1    . DA  D 1 ? 0.1279 0.1019 0.0983 -0.0208 0.0171  0.0040  1   DA  B N1    
376 C  C2    . DA  D 1 ? 0.1022 0.1255 0.1151 -0.0152 -0.0179 -0.0120 1   DA  B C2    
377 N  N3    . DA  D 1 ? 0.1869 0.1163 0.1098 -0.0320 -0.0194 -0.0060 1   DA  B N3    
378 C  C4    . DA  D 1 ? 0.1700 0.1340 0.0879 -0.0442 -0.0338 0.0082  1   DA  B C4    
379 P  P     . DA  D 2 ? 0.1984 0.1277 0.1430 -0.0075 -0.0380 -0.0092 2   DA  B P     
380 O  OP1   . DA  D 2 ? 0.2280 0.1521 0.1174 -0.0440 -0.0114 -0.0231 2   DA  B OP1   
381 O  OP2   . DA  D 2 ? 0.1835 0.1701 0.1985 -0.0221 -0.0266 -0.0169 2   DA  B OP2   
382 O  "O5'" . DA  D 2 ? 0.1726 0.1580 0.1229 0.0250  -0.0142 -0.0154 2   DA  B "O5'" 
383 C  "C5'" . DA  D 2 ? 0.1829 0.1524 0.1322 0.0192  -0.0087 -0.0160 2   DA  B "C5'" 
384 C  "C4'" . DA  D 2 ? 0.1648 0.1587 0.1069 0.0039  0.0006  -0.0278 2   DA  B "C4'" 
385 O  "O4'" . DA  D 2 ? 0.1841 0.1347 0.1060 -0.0082 0.0134  -0.0038 2   DA  B "O4'" 
386 C  "C3'" . DA  D 2 ? 0.1360 0.1306 0.1115 0.0043  -0.0047 -0.0124 2   DA  B "C3'" 
387 O  "O3'" . DA  D 2 ? 0.1580 0.1362 0.1225 0.0052  -0.0142 -0.0136 2   DA  B "O3'" 
388 C  "C2'" . DA  D 2 ? 0.1554 0.1075 0.1072 -0.0015 -0.0014 -0.0293 2   DA  B "C2'" 
389 C  "C1'" . DA  D 2 ? 0.1407 0.1088 0.0944 -0.0007 -0.0016 -0.0249 2   DA  B "C1'" 
390 N  N9    . DA  D 2 ? 0.1325 0.0972 0.1023 -0.0048 -0.0074 -0.0034 2   DA  B N9    
391 C  C8    . DA  D 2 ? 0.1383 0.1162 0.1017 0.0030  -0.0284 -0.0251 2   DA  B C8    
392 N  N7    . DA  D 2 ? 0.1275 0.1109 0.1145 -0.0087 -0.0209 -0.0086 2   DA  B N7    
393 C  C5    . DA  D 2 ? 0.1093 0.1023 0.0887 -0.0132 -0.0134 0.0026  2   DA  B C5    
394 C  C6    . DA  D 2 ? 0.1060 0.0998 0.0819 -0.0145 -0.0026 0.0048  2   DA  B C6    
395 N  N6    . DA  D 2 ? 0.1086 0.0885 0.0865 -0.0118 -0.0076 0.0056  2   DA  B N6    
396 N  N1    . DA  D 2 ? 0.1122 0.0755 0.0797 -0.0048 -0.0064 0.0151  2   DA  B N1    
397 C  C2    . DA  D 2 ? 0.1219 0.0813 0.1080 -0.0114 -0.0077 -0.0001 2   DA  B C2    
398 N  N3    . DA  D 2 ? 0.1181 0.1098 0.0843 -0.0155 -0.0002 -0.0044 2   DA  B N3    
399 C  C4    . DA  D 2 ? 0.1145 0.1003 0.0810 -0.0182 0.0020  -0.0027 2   DA  B C4    
400 P  P     . DA  D 3 ? 0.1457 0.1344 0.1237 0.0020  0.0020  -0.0161 3   DA  B P     
401 O  OP1   . DA  D 3 ? 0.1874 0.1220 0.1363 0.0222  -0.0124 -0.0446 3   DA  B OP1   
402 O  OP2   . DA  D 3 ? 0.1543 0.1139 0.1469 -0.0056 0.0041  -0.0169 3   DA  B OP2   
403 O  "O5'" . DA  D 3 ? 0.1293 0.1334 0.1066 -0.0114 -0.0068 -0.0167 3   DA  B "O5'" 
404 C  "C5'" . DA  D 3 ? 0.1168 0.1411 0.1295 -0.0166 0.0145  -0.0321 3   DA  B "C5'" 
405 C  "C4'" . DA  D 3 ? 0.0984 0.1156 0.1094 0.0009  0.0212  -0.0005 3   DA  B "C4'" 
406 O  "O4'" . DA  D 3 ? 0.0963 0.1136 0.1304 0.0011  0.0109  -0.0099 3   DA  B "O4'" 
407 C  "C3'" . DA  D 3 ? 0.0947 0.1151 0.0847 0.0016  0.0129  -0.0068 3   DA  B "C3'" 
408 O  "O3'" . DA  D 3 ? 0.1058 0.1073 0.1294 0.0119  -0.0006 -0.0020 3   DA  B "O3'" 
409 C  "C2'" . DA  D 3 ? 0.0932 0.0748 0.1225 0.0113  0.0099  -0.0151 3   DA  B "C2'" 
410 C  "C1'" . DA  D 3 ? 0.0967 0.0788 0.0953 0.0021  -0.0086 -0.0021 3   DA  B "C1'" 
411 N  N9    . DA  D 3 ? 0.0871 0.0695 0.0954 -0.0034 -0.0027 -0.0035 3   DA  B N9    
412 C  C8    . DA  D 3 ? 0.0864 0.1050 0.1022 0.0027  -0.0023 -0.0172 3   DA  B C8    
413 N  N7    . DA  D 3 ? 0.0888 0.0807 0.0906 0.0091  -0.0080 -0.0057 3   DA  B N7    
414 C  C5    . DA  D 3 ? 0.0885 0.0759 0.1015 -0.0094 0.0096  0.0011  3   DA  B C5    
415 C  C6    . DA  D 3 ? 0.0861 0.0812 0.1003 0.0038  -0.0012 0.0120  3   DA  B C6    
416 N  N6    . DA  D 3 ? 0.0744 0.0847 0.0946 -0.0003 0.0094  0.0024  3   DA  B N6    
417 N  N1    . DA  D 3 ? 0.0760 0.0953 0.1014 0.0084  0.0024  -0.0018 3   DA  B N1    
418 C  C2    . DA  D 3 ? 0.0848 0.0696 0.1107 0.0055  -0.0043 0.0191  3   DA  B C2    
419 N  N3    . DA  D 3 ? 0.0826 0.0776 0.0980 0.0032  -0.0132 -0.0073 3   DA  B N3    
420 C  C4    . DA  D 3 ? 0.1116 0.0717 0.0811 0.0071  -0.0115 0.0015  3   DA  B C4    
421 P  P     . DT  D 4 ? 0.1035 0.1143 0.1295 0.0156  -0.0011 -0.0078 4   DT  B P     
422 O  OP1   . DT  D 4 ? 0.0958 0.1189 0.1350 0.0107  0.0017  -0.0115 4   DT  B OP1   
423 O  OP2   . DT  D 4 ? 0.1398 0.0950 0.1418 0.0302  0.0071  -0.0069 4   DT  B OP2   
424 O  "O5'" . DT  D 4 ? 0.0959 0.1075 0.1197 0.0140  0.0117  -0.0114 4   DT  B "O5'" 
425 C  "C5'" . DT  D 4 ? 0.0961 0.1196 0.1113 0.0084  0.0185  -0.0082 4   DT  B "C5'" 
426 C  "C4'" . DT  D 4 ? 0.0894 0.0939 0.1147 0.0062  0.0104  -0.0006 4   DT  B "C4'" 
427 O  "O4'" . DT  D 4 ? 0.0895 0.1035 0.1126 0.0161  0.0205  0.0154  4   DT  B "O4'" 
428 C  "C3'" . DT  D 4 ? 0.0909 0.0993 0.1209 0.0210  0.0158  -0.0032 4   DT  B "C3'" 
429 O  "O3'" . DT  D 4 ? 0.1097 0.1290 0.1341 0.0014  0.0158  -0.0005 4   DT  B "O3'" 
430 C  "C2'" . DT  D 4 ? 0.0982 0.1165 0.0956 0.0198  0.0111  0.0077  4   DT  B "C2'" 
431 C  "C1'" . DT  D 4 ? 0.0827 0.0897 0.0963 0.0084  0.0037  -0.0075 4   DT  B "C1'" 
432 N  N1    . DT  D 4 ? 0.0970 0.0971 0.1229 0.0077  -0.0075 -0.0147 4   DT  B N1    
433 C  C2    . DT  D 4 ? 0.0881 0.0775 0.0802 0.0141  -0.0060 0.0049  4   DT  B C2    
434 O  O2    . DT  D 4 ? 0.0806 0.1030 0.1078 0.0025  0.0014  -0.0083 4   DT  B O2    
435 N  N3    . DT  D 4 ? 0.0876 0.0865 0.0784 -0.0007 0.0056  -0.0035 4   DT  B N3    
436 C  C4    . DT  D 4 ? 0.0737 0.0905 0.0670 0.0019  0.0205  0.0022  4   DT  B C4    
437 O  O4    . DT  D 4 ? 0.0890 0.0930 0.0896 -0.0119 0.0037  -0.0106 4   DT  B O4    
438 C  C5    . DT  D 4 ? 0.1061 0.0737 0.1103 0.0093  0.0128  -0.0003 4   DT  B C5    
439 C  C7    . DT  D 4 ? 0.1282 0.1015 0.1067 0.0077  0.0081  -0.0133 4   DT  B C7    
440 C  C6    . DT  D 4 ? 0.0958 0.0689 0.1026 0.0191  0.0240  -0.0155 4   DT  B C6    
441 P  P     . DT  D 5 ? 0.0965 0.1429 0.1405 0.0129  0.0066  0.0052  5   DT  B P     
442 O  OP1   . DT  D 5 ? 0.1028 0.1800 0.1456 0.0186  0.0254  -0.0107 5   DT  B OP1   
443 O  OP2   . DT  D 5 ? 0.0941 0.1558 0.1744 0.0188  0.0097  -0.0202 5   DT  B OP2   
444 O  "O5'" . DT  D 5 ? 0.0878 0.1336 0.1437 0.0091  0.0051  0.0094  5   DT  B "O5'" 
445 C  "C5'" . DT  D 5 ? 0.0942 0.1343 0.1407 0.0116  0.0184  -0.0070 5   DT  B "C5'" 
446 C  "C4'" . DT  D 5 ? 0.0865 0.1248 0.1255 0.0131  0.0048  -0.0051 5   DT  B "C4'" 
447 O  "O4'" . DT  D 5 ? 0.0887 0.1323 0.1270 0.0113  0.0109  0.0175  5   DT  B "O4'" 
448 C  "C3'" . DT  D 5 ? 0.0921 0.1315 0.1184 0.0213  0.0041  0.0073  5   DT  B "C3'" 
449 O  "O3'" . DT  D 5 ? 0.1244 0.1638 0.1255 -0.0003 0.0335  0.0079  5   DT  B "O3'" 
450 C  "C2'" . DT  D 5 ? 0.1346 0.1705 0.1377 -0.0003 -0.0121 0.0368  5   DT  B "C2'" 
451 C  "C1'" . DT  D 5 ? 0.0848 0.1218 0.1353 0.0028  0.0021  0.0228  5   DT  B "C1'" 
452 N  N1    . DT  D 5 ? 0.0957 0.1077 0.1224 0.0068  0.0097  0.0255  5   DT  B N1    
453 C  C2    . DT  D 5 ? 0.0762 0.1141 0.1022 0.0035  0.0199  0.0011  5   DT  B C2    
454 O  O2    . DT  D 5 ? 0.0944 0.0848 0.1268 0.0066  0.0083  0.0007  5   DT  B O2    
455 N  N3    . DT  D 5 ? 0.0849 0.0863 0.1189 0.0036  0.0071  0.0090  5   DT  B N3    
456 C  C4    . DT  D 5 ? 0.0949 0.1033 0.1165 -0.0075 0.0138  0.0084  5   DT  B C4    
457 O  O4    . DT  D 5 ? 0.1290 0.1085 0.1395 0.0181  0.0027  0.0059  5   DT  B O4    
458 C  C5    . DT  D 5 ? 0.1100 0.1155 0.1251 0.0218  0.0095  0.0140  5   DT  B C5    
459 C  C7    . DT  D 5 ? 0.1280 0.1340 0.1208 0.0080  0.0197  -0.0060 5   DT  B C7    
460 C  C6    . DT  D 5 ? 0.1101 0.0990 0.1299 0.0204  0.0082  0.0234  5   DT  B C6    
461 P  P     . DT  D 6 ? 0.1302 0.1731 0.1572 0.0129  0.0019  0.0290  6   DT  B P     
462 O  OP1   . DT  D 6 ? 0.1399 0.2495 0.1936 0.0017  -0.0047 0.0333  6   DT  B OP1   
463 O  OP2   . DT  D 6 ? 0.1321 0.1701 0.1905 -0.0046 0.0161  0.0229  6   DT  B OP2   
464 O  "O5'" . DT  D 6 ? 0.1123 0.1471 0.1421 -0.0040 0.0154  0.0097  6   DT  B "O5'" 
465 C  "C5'" . DT  D 6 ? 0.1245 0.1232 0.1504 -0.0053 0.0030  0.0092  6   DT  B "C5'" 
466 C  "C4'" . DT  D 6 ? 0.1258 0.1322 0.1181 -0.0058 0.0071  0.0135  6   DT  B "C4'" 
467 O  "O4'" . DT  D 6 ? 0.1222 0.1362 0.1128 -0.0064 0.0023  0.0282  6   DT  B "O4'" 
468 C  "C3'" . DT  D 6 ? 0.1406 0.1426 0.1184 0.0102  0.0067  0.0236  6   DT  B "C3'" 
469 O  "O3'" . DT  D 6 ? 0.2069 0.1829 0.1563 0.0113  0.0474  -0.0043 6   DT  B "O3'" 
470 C  "C2'" . DT  D 6 ? 0.1256 0.1464 0.1303 0.0118  0.0097  0.0041  6   DT  B "C2'" 
471 C  "C1'" . DT  D 6 ? 0.1104 0.1244 0.1341 0.0052  -0.0181 0.0158  6   DT  B "C1'" 
472 N  N1    . DT  D 6 ? 0.0984 0.1185 0.1131 -0.0068 0.0073  0.0185  6   DT  B N1    
473 C  C2    . DT  D 6 ? 0.0957 0.1467 0.1227 -0.0180 0.0168  0.0200  6   DT  B C2    
474 O  O2    . DT  D 6 ? 0.1133 0.1239 0.1145 -0.0030 0.0062  0.0189  6   DT  B O2    
475 N  N3    . DT  D 6 ? 0.0913 0.1142 0.1188 -0.0009 -0.0047 0.0223  6   DT  B N3    
476 C  C4    . DT  D 6 ? 0.1141 0.1179 0.1219 0.0037  0.0029  0.0171  6   DT  B C4    
477 O  O4    . DT  D 6 ? 0.1103 0.1071 0.1254 0.0015  0.0053  0.0267  6   DT  B O4    
478 C  C5    . DT  D 6 ? 0.0962 0.1190 0.1056 -0.0029 0.0109  0.0298  6   DT  B C5    
479 C  C7    . DT  D 6 ? 0.1092 0.1156 0.1250 0.0009  0.0006  0.0268  6   DT  B C7    
480 C  C6    . DT  D 6 ? 0.1027 0.1212 0.1218 0.0058  0.0001  0.0150  6   DT  B C6    
481 N  N10   . 6XV E . ? 0.1989 0.1363 0.2028 0.0471  -0.0140 -0.0352 101 6XV D N10   
482 C  C14   . 6XV E . ? 0.1395 0.1199 0.1259 -0.0206 0.0013  0.0104  101 6XV D C14   
483 C  C18   . 6XV E . ? 0.1118 0.0939 0.1203 0.0009  0.0051  0.0053  101 6XV D C18   
484 C  C19   . 6XV E . ? 0.1151 0.1029 0.1102 -0.0033 -0.0019 0.0202  101 6XV D C19   
485 C  C26   . 6XV E . ? 0.0969 0.1339 0.1511 -0.0072 0.0058  0.0155  101 6XV D C26   
486 C  C27   . 6XV E . ? 0.1184 0.1462 0.1863 0.0047  -0.0215 0.0007  101 6XV D C27   
487 O  O01   . 6XV E . ? 0.1415 0.1459 0.1734 0.0031  -0.0020 -0.0138 101 6XV D O01   
488 C  C02   . 6XV E . ? 0.1542 0.1253 0.1680 0.0069  -0.0185 -0.0022 101 6XV D C02   
489 N  N03   . 6XV E . ? 0.1822 0.1175 0.1396 0.0114  -0.0116 0.0022  101 6XV D N03   
490 C  C04   . 6XV E . ? 0.1456 0.1296 0.1582 -0.0147 -0.0154 -0.0007 101 6XV D C04   
491 C  C05   . 6XV E . ? 0.1744 0.1317 0.1152 -0.0248 -0.0319 0.0091  101 6XV D C05   
492 C  C06   . 6XV E . ? 0.1574 0.1245 0.1592 -0.0160 -0.0218 0.0246  101 6XV D C06   
493 C  C07   . 6XV E . ? 0.1213 0.1378 0.1504 -0.0136 0.0002  0.0186  101 6XV D C07   
494 N  N08   . 6XV E . ? 0.1806 0.1405 0.1629 -0.0237 -0.0289 0.0161  101 6XV D N08   
495 C  C09   . 6XV E . ? 0.1523 0.1518 0.1538 -0.0184 -0.0019 -0.0121 101 6XV D C09   
496 C  C11   . 6XV E . ? 0.1953 0.1500 0.1891 0.0105  0.0342  0.0238  101 6XV D C11   
497 C  C12   . 6XV E . ? 0.2132 0.1604 0.1880 0.0100  0.0218  0.0152  101 6XV D C12   
498 N  N13   . 6XV E . ? 0.1710 0.1661 0.1589 -0.0059 -0.0081 -0.0024 101 6XV D N13   
499 C  C15   . 6XV E . ? 0.1197 0.1618 0.1486 -0.0264 -0.0276 0.0004  101 6XV D C15   
500 C  C16   . 6XV E . ? 0.1354 0.1309 0.1343 -0.0019 -0.0094 0.0078  101 6XV D C16   
501 C  C17   . 6XV E . ? 0.1398 0.1015 0.1441 0.0221  -0.0106 0.0306  101 6XV D C17   
502 N  N20   . 6XV E . ? 0.0885 0.1127 0.1148 0.0046  -0.0052 0.0058  101 6XV D N20   
503 C  C21   . 6XV E . ? 0.1027 0.0966 0.0947 0.0119  -0.0132 0.0020  101 6XV D C21   
504 N  N22   . 6XV E . ? 0.1148 0.0784 0.1155 0.0085  -0.0033 0.0123  101 6XV D N22   
505 C  C23   . 6XV E . ? 0.1171 0.0864 0.1338 0.0149  -0.0169 -0.0029 101 6XV D C23   
506 C  C24   . 6XV E . ? 0.1206 0.0731 0.1170 0.0041  -0.0151 0.0048  101 6XV D C24   
507 N  N25   . 6XV E . ? 0.1317 0.0695 0.1033 0.0202  -0.0068 -0.0155 101 6XV D N25   
508 MG MG    . MG  F . ? 0.1806 0.1650 0.2071 0.0007  -0.0312 -0.0072 102 MG  D MG    
509 N  N10   . 6XV G . ? 0.1878 0.1695 0.2169 0.0289  -0.0202 -0.0495 101 6XV C N10   
510 C  C14   . 6XV G . ? 0.1388 0.1487 0.1650 -0.0160 0.0092  -0.0368 101 6XV C C14   
511 C  C18   . 6XV G . ? 0.1379 0.0959 0.1082 0.0132  -0.0025 0.0032  101 6XV C C18   
512 C  C19   . 6XV G . ? 0.1056 0.0986 0.1189 -0.0115 -0.0222 0.0069  101 6XV C C19   
513 C  C26   . 6XV G . ? 0.1156 0.1103 0.1404 -0.0052 -0.0295 -0.0017 101 6XV C C26   
514 C  C27   . 6XV G . ? 0.1215 0.1042 0.1563 -0.0096 -0.0150 0.0066  101 6XV C C27   
515 O  O01   . 6XV G . ? 0.1494 0.1704 0.1872 0.0306  -0.0109 -0.0145 101 6XV C O01   
516 C  C02   . 6XV G . ? 0.1502 0.1437 0.1514 -0.0065 0.0060  0.0062  101 6XV C C02   
517 N  N03   . 6XV G . ? 0.1554 0.1436 0.1537 0.0091  -0.0063 0.0117  101 6XV C N03   
518 C  C04   . 6XV G . ? 0.1560 0.1529 0.1841 -0.0033 -0.0191 0.0027  101 6XV C C04   
519 C  C05   . 6XV G . ? 0.1281 0.1482 0.1861 -0.0091 -0.0135 0.0227  101 6XV C C05   
520 C  C06   . 6XV G . ? 0.1463 0.1290 0.1753 -0.0193 0.0017  0.0489  101 6XV C C06   
521 C  C07   . 6XV G . ? 0.1202 0.1374 0.1967 -0.0078 -0.0099 0.0178  101 6XV C C07   
522 N  N08   . 6XV G . ? 0.1302 0.1913 0.1999 0.0025  -0.0034 -0.0349 101 6XV C N08   
523 C  C09   . 6XV G . ? 0.1611 0.1617 0.2033 -0.0304 -0.0025 -0.0170 101 6XV C C09   
524 C  C11   . 6XV G . ? 0.1241 0.1504 0.1693 -0.0062 0.0421  -0.0299 101 6XV C C11   
525 C  C12   . 6XV G . ? 0.1713 0.1674 0.1522 -0.0087 0.0274  -0.0115 101 6XV C C12   
526 N  N13   . 6XV G . ? 0.2412 0.1469 0.1581 -0.0108 0.0096  0.0107  101 6XV C N13   
527 C  C15   . 6XV G . ? 0.1684 0.1917 0.1465 -0.0032 -0.0692 -0.0090 101 6XV C C15   
528 C  C16   . 6XV G . ? 0.1338 0.1326 0.1214 0.0133  0.0128  0.0164  101 6XV C C16   
529 C  C17   . 6XV G . ? 0.1264 0.1059 0.1592 0.0282  0.0014  0.0077  101 6XV C C17   
530 N  N20   . 6XV G . ? 0.1259 0.1076 0.1123 0.0102  -0.0074 -0.0030 101 6XV C N20   
531 C  C21   . 6XV G . ? 0.1261 0.0749 0.1022 0.0104  -0.0024 0.0086  101 6XV C C21   
532 N  N22   . 6XV G . ? 0.1322 0.1034 0.1202 0.0254  -0.0027 -0.0258 101 6XV C N22   
533 C  C23   . 6XV G . ? 0.1435 0.0856 0.0819 0.0064  -0.0090 -0.0001 101 6XV C C23   
534 C  C24   . 6XV G . ? 0.1417 0.1084 0.0858 0.0086  0.0086  -0.0013 101 6XV C C24   
535 N  N25   . 6XV G . ? 0.1279 0.0647 0.1112 0.0027  0.0125  0.0139  101 6XV C N25   
536 MG MG    . MG  H . ? 0.1987 0.1799 0.1699 -0.0065 0.0245  -0.0021 102 MG  C MG    
537 MG MG    . MG  I . ? 0.0968 0.0930 0.0709 -0.0185 -0.0059 -0.0346 101 MG  B MG    
538 N  N10   . 6XV J . ? 0.1105 0.1112 0.0992 0.0155  0.0073  0.0143  102 6XV B N10   
539 C  C14   . 6XV J . ? 0.0956 0.1110 0.0940 0.0052  -0.0092 0.0110  102 6XV B C14   
540 C  C18   . 6XV J . ? 0.1096 0.1286 0.1199 0.0055  -0.0034 0.0033  102 6XV B C18   
541 C  C19   . 6XV J . ? 0.0848 0.0891 0.1095 0.0002  -0.0038 0.0098  102 6XV B C19   
542 C  C26   . 6XV J . ? 0.0922 0.1032 0.1122 -0.0041 -0.0091 0.0048  102 6XV B C26   
543 C  C27   . 6XV J . ? 0.0838 0.1342 0.1343 0.0180  0.0126  0.0081  102 6XV B C27   
544 O  O01   . 6XV J . ? 0.1228 0.1774 0.1139 -0.0133 0.0224  -0.0297 102 6XV B O01   
545 C  C02   . 6XV J . ? 0.1527 0.1365 0.1501 -0.0141 0.0021  -0.0064 102 6XV B C02   
546 N  N03   . 6XV J . ? 0.1380 0.1577 0.1310 0.0219  0.0054  0.0070  102 6XV B N03   
547 C  C04   . 6XV J . ? 0.1105 0.1269 0.1024 0.0131  0.0139  0.0105  102 6XV B C04   
548 C  C05   . 6XV J . ? 0.1362 0.1632 0.1402 -0.0253 0.0363  0.0008  102 6XV B C05   
549 C  C06   . 6XV J . ? 0.1321 0.1136 0.1449 -0.0049 0.0359  -0.0100 102 6XV B C06   
550 C  C07   . 6XV J . ? 0.0998 0.1146 0.0757 0.0115  -0.0080 0.0118  102 6XV B C07   
551 N  N08   . 6XV J . ? 0.0853 0.0975 0.1099 0.0015  0.0104  0.0042  102 6XV B N08   
552 C  C09   . 6XV J . ? 0.0899 0.0902 0.0933 0.0129  0.0079  0.0096  102 6XV B C09   
553 C  C11   . 6XV J . ? 0.0934 0.1393 0.1159 0.0252  0.0145  0.0092  102 6XV B C11   
554 C  C12   . 6XV J . ? 0.0938 0.1205 0.1111 0.0163  -0.0039 0.0222  102 6XV B C12   
555 N  N13   . 6XV J . ? 0.0887 0.1287 0.1263 0.0015  0.0108  0.0018  102 6XV B N13   
556 C  C15   . 6XV J . ? 0.1073 0.1202 0.1115 0.0334  -0.0007 0.0041  102 6XV B C15   
557 C  C16   . 6XV J . ? 0.1105 0.1037 0.1275 0.0150  0.0061  0.0103  102 6XV B C16   
558 C  C17   . 6XV J . ? 0.1257 0.1115 0.1156 0.0025  -0.0116 -0.0083 102 6XV B C17   
559 N  N20   . 6XV J . ? 0.1101 0.0918 0.0807 0.0061  -0.0086 0.0028  102 6XV B N20   
560 C  C21   . 6XV J . ? 0.0925 0.0825 0.0972 -0.0019 -0.0081 -0.0081 102 6XV B C21   
561 N  N22   . 6XV J . ? 0.0803 0.1101 0.0991 0.0058  -0.0086 -0.0014 102 6XV B N22   
562 C  C23   . 6XV J . ? 0.1122 0.1084 0.0975 -0.0109 -0.0198 -0.0045 102 6XV B C23   
563 C  C24   . 6XV J . ? 0.1291 0.1286 0.0906 -0.0089 -0.0003 -0.0090 102 6XV B C24   
564 N  N25   . 6XV J . ? 0.1000 0.1099 0.0998 0.0186  -0.0123 -0.0051 102 6XV B N25   
565 MG MG    . MG  K . ? 0.0998 0.1278 0.1164 0.0142  -0.0003 -0.0014 103 MG  B MG    
566 O  O     . HOH L . ? 0.2666 0.3652 0.3172 0.0640  -0.0356 0.0431  201 HOH D O     
567 O  O     . HOH L . ? 0.3697 0.2399 0.3163 0.0291  0.0045  -0.0729 202 HOH D O     
568 O  O     . HOH L . ? 0.2899 0.3818 0.6117 0.0241  0.0630  -0.2662 203 HOH D O     
569 O  O     . HOH L . ? 0.3591 0.3011 0.4476 0.0781  0.0965  0.0056  204 HOH D O     
570 O  O     . HOH L . ? 0.1788 0.3502 0.3963 0.0601  -0.0458 -0.0406 205 HOH D O     
571 O  O     . HOH L . ? 0.2946 0.3098 0.2034 0.0135  -0.1046 -0.0654 206 HOH D O     
572 O  O     . HOH L . ? 0.2110 0.1883 0.3803 0.0186  -0.0419 -0.1109 207 HOH D O     
573 O  O     . HOH L . ? 0.1883 0.1510 0.1520 -0.0031 -0.0204 0.0140  208 HOH D O     
574 O  O     . HOH L . ? 0.2552 0.3131 0.2852 0.0047  0.0673  -0.0165 209 HOH D O     
575 O  O     . HOH L . ? 0.2982 0.3367 0.4300 0.0518  -0.0428 0.0191  210 HOH D O     
576 O  O     . HOH L . ? 0.4452 0.3976 0.2810 0.0084  0.0014  0.0038  211 HOH D O     
577 O  O     . HOH L . ? 0.2580 0.1722 0.1736 0.0266  0.0497  -0.0400 212 HOH D O     
578 O  O     . HOH L . ? 0.2210 0.2562 0.1325 -0.0125 -0.0046 -0.0050 213 HOH D O     
579 O  O     . HOH L . ? 0.1834 0.3061 0.3650 -0.0132 -0.0412 0.0678  214 HOH D O     
580 O  O     . HOH L . ? 0.3753 0.2078 0.3176 -0.0185 -0.1039 0.0388  215 HOH D O     
581 O  O     . HOH L . ? 0.2220 0.2662 0.3023 0.0306  0.0890  -0.0122 216 HOH D O     
582 O  O     . HOH L . ? 0.3486 0.1869 0.3669 -0.0371 0.0026  -0.0242 217 HOH D O     
583 O  O     . HOH L . ? 0.2283 0.1728 0.2347 -0.0017 -0.0056 -0.0317 218 HOH D O     
584 O  O     . HOH L . ? 0.4761 0.2882 0.2281 0.0508  0.0308  -0.0082 219 HOH D O     
585 O  O     . HOH L . ? 0.1876 0.3135 0.3172 0.0365  0.0179  -0.0518 220 HOH D O     
586 O  O     . HOH L . ? 0.4107 0.5009 0.3306 0.0692  0.0275  0.0515  221 HOH D O     
587 O  O     . HOH L . ? 0.2349 0.2653 0.3447 0.0125  -0.1249 -0.0557 222 HOH D O     
588 O  O     . HOH L . ? 0.3361 0.1866 0.2702 -0.0291 -0.0491 0.0224  223 HOH D O     
589 O  O     . HOH L . ? 0.4719 0.4714 0.2401 0.0116  -0.0150 0.1353  224 HOH D O     
590 O  O     . HOH L . ? 0.4636 0.5048 0.2460 -0.0645 0.0061  -0.1067 225 HOH D O     
591 O  O     . HOH L . ? 0.1969 0.1412 0.1522 -0.0025 -0.0152 0.0137  226 HOH D O     
592 O  O     . HOH L . ? 0.1698 0.1012 0.1251 0.0055  -0.0009 -0.0140 227 HOH D O     
593 O  O     . HOH L . ? 0.2330 0.4093 0.3340 0.0445  -0.1497 -0.0001 228 HOH D O     
594 O  O     . HOH L . ? 0.2216 0.4154 0.5445 0.0042  -0.0526 -0.0296 229 HOH D O     
595 O  O     . HOH L . ? 0.2827 0.3082 0.1967 0.0255  0.0772  -0.0227 230 HOH D O     
596 O  O     . HOH L . ? 0.2700 0.3518 0.3869 0.1013  -0.0505 -0.0218 231 HOH D O     
597 O  O     . HOH L . ? 0.3008 0.4683 0.3198 0.0787  0.0049  0.1057  232 HOH D O     
598 O  O     . HOH L . ? 0.2404 0.3308 0.2447 -0.1321 -0.0372 -0.0282 233 HOH D O     
599 O  O     . HOH L . ? 0.4968 0.3841 0.3284 -0.0067 0.0900  0.1006  234 HOH D O     
600 O  O     . HOH L . ? 0.4223 0.2422 0.2238 -0.0045 -0.0390 -0.0620 235 HOH D O     
601 O  O     . HOH L . ? 0.2613 0.1732 0.2708 -0.0325 0.0451  -0.0261 236 HOH D O     
602 O  O     . HOH L . ? 0.2901 0.1804 0.1475 0.0013  0.0097  -0.0298 237 HOH D O     
603 O  O     . HOH L . ? 0.3053 0.3368 0.2294 -0.0431 -0.0776 -0.0457 238 HOH D O     
604 O  O     . HOH L . ? 0.3438 0.3460 0.2886 -0.0292 0.0755  -0.0786 239 HOH D O     
605 O  O     . HOH L . ? 0.2388 0.3075 0.4553 0.0738  0.0456  0.0772  240 HOH D O     
606 O  O     . HOH L . ? 0.4194 0.3136 0.3069 0.1027  0.0266  -0.0891 241 HOH D O     
607 O  O     . HOH L . ? 0.3180 0.3363 0.3081 -0.0381 -0.0381 0.0531  242 HOH D O     
608 O  O     . HOH L . ? 0.3468 0.3135 0.2033 -0.0937 0.0550  -0.0870 243 HOH D O     
609 O  O     . HOH L . ? 0.3356 0.5938 0.5309 -0.0714 0.0309  0.2060  244 HOH D O     
610 O  O     . HOH L . ? 0.7755 0.8362 0.5135 0.0045  0.2420  0.0375  245 HOH D O     
611 O  O     . HOH L . ? 0.6519 0.3255 0.4597 -0.2448 0.0165  0.0038  246 HOH D O     
612 O  O     . HOH L . ? 0.1978 0.3104 0.3196 -0.0342 -0.0280 -0.0624 247 HOH D O     
613 O  O     . HOH L . ? 0.2291 0.3776 0.3986 -0.0331 -0.0337 -0.0414 248 HOH D O     
614 O  O     . HOH M . ? 0.2652 0.2154 0.2706 0.0349  0.0396  0.0016  201 HOH C O     
615 O  O     . HOH M . ? 0.2211 0.2643 0.1750 0.0196  0.0202  0.0504  202 HOH C O     
616 O  O     . HOH M . ? 0.2305 0.1661 0.1550 0.0097  0.0015  -0.0050 203 HOH C O     
617 O  O     . HOH M . ? 0.0999 0.0960 0.1174 -0.0230 0.0063  -0.0047 204 HOH C O     
618 O  O     . HOH M . ? 0.1701 0.2674 0.3086 -0.0424 -0.0866 0.0325  205 HOH C O     
619 O  O     . HOH M . ? 0.1847 0.1790 0.1657 -0.0072 0.0056  -0.0042 206 HOH C O     
620 O  O     . HOH M . ? 0.2132 0.1843 0.1919 0.0085  0.0289  -0.0163 207 HOH C O     
621 O  O     . HOH M . ? 0.1667 0.1762 0.1477 0.0187  0.0226  -0.0061 208 HOH C O     
622 O  O     . HOH M . ? 0.3158 0.2685 0.2145 -0.0795 0.0496  -0.0718 209 HOH C O     
623 O  O     . HOH M . ? 0.5220 0.3976 0.2151 -0.0486 -0.0011 0.0777  210 HOH C O     
624 O  O     . HOH M . ? 0.3060 0.1966 0.3401 -0.0146 -0.0336 -0.0557 211 HOH C O     
625 O  O     . HOH M . ? 0.1880 0.1538 0.2156 0.0312  0.0136  -0.0118 212 HOH C O     
626 O  O     . HOH M . ? 0.2999 0.1352 0.2155 -0.0458 -0.1511 -0.0527 213 HOH C O     
627 O  O     . HOH M . ? 0.1391 0.1042 0.0803 0.0261  0.0170  0.0019  214 HOH C O     
628 O  O     . HOH M . ? 0.2530 0.1615 0.1914 -0.0408 -0.0152 -0.0297 215 HOH C O     
629 O  O     . HOH M . ? 0.1311 0.1505 0.2530 0.0128  -0.0262 -0.0345 216 HOH C O     
630 O  O     . HOH M . ? 0.4320 0.2411 0.1148 -0.1223 -0.0891 0.0028  217 HOH C O     
631 O  O     . HOH M . ? 0.2131 0.2130 0.1613 -0.0118 0.0435  -0.0268 218 HOH C O     
632 O  O     . HOH M . ? 0.2401 0.1347 0.3441 -0.0076 0.0261  0.0015  219 HOH C O     
633 O  O     . HOH M . ? 0.1863 0.1807 0.1737 0.0118  0.0169  -0.0078 220 HOH C O     
634 O  O     . HOH M . ? 0.2259 0.1786 0.2619 -0.0326 0.0315  0.0119  221 HOH C O     
635 O  O     . HOH M . ? 0.2759 0.2491 0.3649 0.0110  0.0873  -0.0456 222 HOH C O     
636 O  O     . HOH M . ? 0.1811 0.2485 0.2021 -0.0233 0.0149  -0.0160 223 HOH C O     
637 O  O     . HOH M . ? 0.2692 0.2527 0.3376 -0.0917 0.1036  0.0079  224 HOH C O     
638 O  O     . HOH M . ? 0.2243 0.1830 0.3287 -0.0302 0.0043  -0.0343 225 HOH C O     
639 O  O     . HOH N . ? 0.4601 0.3405 0.2988 -0.0322 0.0539  -0.0444 201 HOH A O     
640 O  O     . HOH N . ? 0.4036 0.2411 0.2822 -0.0438 -0.0274 0.1149  202 HOH A O     
641 O  O     . HOH N . ? 0.2516 0.2871 0.2901 -0.0345 0.0408  -0.1093 203 HOH A O     
642 O  O     . HOH N . ? 0.2321 0.2458 0.3340 -0.0038 0.0244  -0.0183 204 HOH A O     
643 O  O     . HOH N . ? 0.3764 0.1946 0.1765 0.0384  -0.0193 -0.0641 205 HOH A O     
644 O  O     . HOH N . ? 0.2332 0.1724 0.1957 0.0380  -0.0209 0.0489  206 HOH A O     
645 O  O     . HOH N . ? 0.2024 0.2314 0.1402 0.0009  0.0016  0.0008  207 HOH A O     
646 O  O     . HOH N . ? 0.2630 0.1828 0.2257 0.0714  -0.0762 -0.0857 208 HOH A O     
647 O  O     . HOH N . ? 0.2648 0.1516 0.2233 0.0125  -0.0454 0.0050  209 HOH A O     
648 O  O     . HOH N . ? 0.1682 0.1747 0.1250 -0.0203 0.0105  -0.0249 210 HOH A O     
649 O  O     . HOH N . ? 0.1209 0.1221 0.1281 0.0150  -0.0087 -0.0072 211 HOH A O     
650 O  O     . HOH N . ? 0.3991 0.6055 0.4615 -0.0207 0.1418  -0.1140 212 HOH A O     
651 O  O     . HOH N . ? 0.2460 0.1209 0.2165 -0.0223 -0.0199 -0.0276 213 HOH A O     
652 O  O     . HOH N . ? 0.1396 0.1519 0.1415 0.0016  0.0125  0.0088  214 HOH A O     
653 O  O     . HOH N . ? 0.2148 0.3974 0.3213 -0.0329 0.0992  0.0074  215 HOH A O     
654 O  O     . HOH N . ? 0.4252 0.2417 0.5509 -0.1590 0.0423  -0.0097 216 HOH A O     
655 O  O     . HOH N . ? 0.1702 0.1879 0.1289 0.0139  -0.0001 -0.0027 217 HOH A O     
656 O  O     . HOH N . ? 0.2490 0.1108 0.2185 -0.0162 0.0182  0.0035  218 HOH A O     
657 O  O     . HOH N . ? 0.2357 0.3187 0.1597 -0.1037 -0.0104 0.0300  219 HOH A O     
658 O  O     . HOH N . ? 0.5241 0.3303 0.3613 -0.1031 -0.0739 -0.0562 220 HOH A O     
659 O  O     . HOH N . ? 0.2475 0.5853 0.5082 -0.0463 0.0059  -0.2206 221 HOH A O     
660 O  O     . HOH N . ? 0.1170 0.1938 0.1620 0.0124  -0.0008 0.0036  222 HOH A O     
661 O  O     . HOH N . ? 0.1811 0.2820 0.1900 -0.0491 -0.0008 -0.0689 223 HOH A O     
662 O  O     . HOH N . ? 0.1283 0.1332 0.1536 0.0259  -0.0208 -0.0263 224 HOH A O     
663 O  O     . HOH N . ? 0.4637 0.4031 0.2751 -0.0971 -0.0091 0.0169  225 HOH A O     
664 O  O     . HOH N . ? 0.1671 0.1814 0.1702 0.0077  -0.0018 0.0048  226 HOH A O     
665 O  O     . HOH N . ? 0.3626 0.3377 0.4369 0.1147  -0.0131 -0.1549 227 HOH A O     
666 O  O     . HOH N . ? 0.3847 0.5166 0.3759 -0.0195 -0.1696 -0.0775 228 HOH A O     
667 O  O     . HOH N . ? 0.4539 0.4232 0.4068 -0.1198 0.1269  0.0183  229 HOH A O     
668 O  O     . HOH N . ? 0.3997 0.2801 0.3382 -0.0283 -0.0793 0.0432  230 HOH A O     
669 O  O     . HOH N . ? 0.2174 0.1971 0.3763 0.0289  -0.0223 0.0423  231 HOH A O     
670 O  O     . HOH N . ? 0.3888 0.3103 0.3648 0.0080  0.0983  -0.0152 232 HOH A O     
671 O  O     . HOH N . ? 0.3429 0.3407 0.3492 -0.0952 0.0338  -0.0733 233 HOH A O     
672 O  O     . HOH N . ? 0.2887 0.1966 0.2735 0.0336  -0.0192 -0.0141 234 HOH A O     
673 O  O     . HOH N . ? 0.4507 0.1790 0.2902 0.0612  -0.0667 -0.0175 235 HOH A O     
674 O  O     . HOH N . ? 0.4599 0.2779 0.3665 -0.1225 -0.0181 0.0107  236 HOH A O     
675 O  O     . HOH N . ? 0.2494 0.2140 0.3560 0.0055  0.0255  -0.0486 237 HOH A O     
676 O  O     . HOH N . ? 0.3085 0.1711 0.2189 -0.0142 -0.0056 0.0049  238 HOH A O     
677 O  O     . HOH N . ? 0.5498 0.3574 0.4401 0.1150  0.0758  -0.0560 239 HOH A O     
678 O  O     . HOH N . ? 0.3126 0.5233 0.3853 0.0693  0.0490  -0.1828 240 HOH A O     
679 O  O     . HOH N . ? 0.1958 0.2757 0.3247 0.0111  0.0854  0.0232  241 HOH A O     
680 O  O     . HOH N . ? 0.5699 0.5438 0.2638 0.0459  0.0271  0.1651  242 HOH A O     
681 O  O     . HOH O . ? 0.4763 0.7004 0.6626 -0.0878 0.0060  0.1761  201 HOH B O     
682 O  O     . HOH O . ? 0.3218 0.4068 0.2321 -0.0785 -0.0673 0.0328  202 HOH B O     
683 O  O     . HOH O . ? 0.3023 0.2076 0.4135 -0.0001 -0.0266 -0.0649 203 HOH B O     
684 O  O     . HOH O . ? 0.3741 0.3418 0.1494 -0.1661 0.0476  -0.0765 204 HOH B O     
685 O  O     . HOH O . ? 0.2369 0.2307 0.5957 0.0682  -0.0075 0.0209  205 HOH B O     
686 O  O     . HOH O . ? 0.1463 0.1573 0.1586 0.0168  0.0248  -0.0111 206 HOH B O     
687 O  O     . HOH O . ? 0.2457 0.1712 0.2250 -0.0288 0.0508  -0.0411 207 HOH B O     
688 O  O     . HOH O . ? 0.1337 0.1732 0.1467 0.0228  0.0057  -0.0198 208 HOH B O     
689 O  O     . HOH O . ? 0.1363 0.1465 0.1432 0.0041  0.0039  -0.0014 209 HOH B O     
690 O  O     . HOH O . ? 0.2447 0.1614 0.1994 -0.0312 0.0440  -0.0557 210 HOH B O     
691 O  O     . HOH O . ? 0.1970 0.2014 0.2530 0.0307  0.0320  0.0041  211 HOH B O     
692 O  O     . HOH O . ? 0.1164 0.1391 0.1172 0.0095  0.0066  -0.0333 212 HOH B O     
693 O  O     . HOH O . ? 0.5612 0.2887 0.2690 -0.1135 0.0169  -0.0166 213 HOH B O     
694 O  O     . HOH O . ? 0.2871 0.2855 0.2948 -0.0606 -0.0250 0.0593  214 HOH B O     
695 O  O     . HOH O . ? 0.2982 0.4082 0.3654 0.0210  -0.0946 0.0547  215 HOH B O     
696 O  O     . HOH O . ? 0.1484 0.2781 0.1844 -0.0352 -0.0113 -0.0107 216 HOH B O     
697 O  O     . HOH O . ? 0.4492 0.4808 0.2818 -0.1366 -0.0442 0.1043  217 HOH B O     
698 O  O     . HOH O . ? 0.4195 0.1929 0.1877 0.1008  0.0258  -0.0239 218 HOH B O     
699 O  O     . HOH O . ? 0.4165 0.1710 0.2520 -0.0332 0.0560  -0.0636 219 HOH B O     
700 O  O     . HOH O . ? 0.1893 0.2585 0.2190 -0.0571 -0.0210 -0.0613 220 HOH B O     
701 O  O     . HOH O . ? 0.2685 0.1580 0.2592 0.0640  0.0097  -0.0078 221 HOH B O     
702 O  O     . HOH O . ? 0.2531 0.2820 0.2282 0.0791  0.0163  -0.0089 222 HOH B O     
703 O  O     . HOH O . ? 0.1549 0.1527 0.1202 -0.0191 0.0057  -0.0322 223 HOH B O     
704 O  O     . HOH O . ? 0.1483 0.1328 0.3098 0.0239  0.0432  -0.0008 224 HOH B O     
705 O  O     . HOH O . ? 0.3385 0.4103 0.2373 -0.0665 -0.0827 -0.0249 225 HOH B O     
706 O  O     . HOH O . ? 0.1914 0.4011 0.1953 -0.0049 0.0094  0.0181  226 HOH B O     
707 O  O     . HOH O . ? 0.5267 0.5021 0.2383 0.1642  0.0097  -0.1241 227 HOH B O     
708 O  O     . HOH O . ? 0.4120 0.2725 0.3973 -0.0980 0.0211  0.0305  228 HOH B O     
709 O  O     . HOH O . ? 0.4363 0.3484 0.2335 0.1704  -0.0603 -0.0593 229 HOH B O     
710 O  O     . HOH O . ? 0.3850 0.4763 0.2744 -0.2384 -0.0950 -0.0261 230 HOH B O     
711 O  O     . HOH O . ? 0.1784 0.1716 0.1718 0.0011  0.0055  0.0047  231 HOH B O     
712 O  O     . HOH O . ? 0.5725 0.4493 0.2643 0.1732  -0.1026 -0.0827 232 HOH B O     
713 O  O     . HOH O . ? 0.2768 0.1773 0.1451 -0.0246 0.0233  -0.0035 233 HOH B O     
714 O  O     . HOH O . ? 0.4608 0.2750 0.1704 0.0282  0.0123  0.0301  234 HOH B O     
715 O  O     . HOH O . ? 0.0927 0.1356 0.1146 -0.0016 -0.0085 -0.0131 235 HOH B O     
716 O  O     . HOH O . ? 0.3688 0.3651 0.1490 0.0034  -0.0839 -0.0772 236 HOH B O     
717 O  O     . HOH O . ? 0.3451 0.2699 0.4554 0.1063  0.1241  0.0925  237 HOH B O     
718 O  O     . HOH O . ? 0.1958 0.3309 0.3752 -0.0304 0.0092  0.0943  238 HOH B O     
719 O  O     . HOH O . ? 0.2827 0.2317 0.3482 -0.0446 0.0530  -0.0379 239 HOH B O     
720 O  O     . HOH O . ? 0.3654 0.3775 0.5255 0.0240  -0.0311 0.1338  240 HOH B O     
721 O  O     . HOH O . ? 0.3588 0.3528 0.2246 0.0129  0.0527  -0.0270 241 HOH B O     
722 O  O     . HOH O . ? 0.2095 0.1684 0.2408 0.0344  -0.0037 0.0224  242 HOH B O     
723 O  O     . HOH O . ? 0.3069 0.3045 0.3629 0.0029  0.0333  -0.0402 243 HOH B O     
724 O  O     . HOH O . ? 0.5021 0.2172 0.4384 -0.0204 -0.0444 0.0013  244 HOH B O     
725 O  O     . HOH O . ? 0.3567 0.3093 0.2947 0.1093  -0.0888 0.0194  245 HOH B O     
726 O  O     . HOH O . ? 0.1297 0.1438 0.0977 0.0076  -0.0054 -0.0152 246 HOH B O     
727 O  O     . HOH O . ? 0.1046 0.1334 0.1210 0.0024  -0.0115 -0.0130 247 HOH B O     
728 O  O     . HOH O . ? 0.4307 0.2848 0.3119 -0.0292 0.1328  -0.0573 248 HOH B O     
729 O  O     . HOH O . ? 0.1050 0.1257 0.1234 0.0202  -0.0149 0.0070  249 HOH B O     
730 O  O     . HOH O . ? 0.3182 0.4250 0.4624 -0.0990 0.0281  -0.1028 250 HOH B O     
# 
